data_6SGV
#
_entry.id   6SGV
#
_cell.length_a   209.802
_cell.length_b   133.414
_cell.length_c   131.155
_cell.angle_alpha   90.000
_cell.angle_beta   102.510
_cell.angle_gamma   90.000
#
_symmetry.space_group_name_H-M   'C 1 2 1'
#
loop_
_entity.id
_entity.type
_entity.pdbx_description
1 polymer 'Soluble acetylcholine receptor'
2 non-polymer 2-acetamido-2-deoxy-beta-D-glucopyranose
3 non-polymer Hosieine
4 non-polymer 'ACETATE ION'
5 water water
#
_entity_poly.entity_id   1
_entity_poly.type   'polypeptide(L)'
_entity_poly.pdbx_seq_one_letter_code
;MLVSVYLALLVACVGQAHSQANLMRLKSDLFNRSPMYPGPTKDDPLTVTLGFTLQDIVKVDSSTNEVDLVYYEQQRWKLN
SLMWDPNEYGNITDFRTSAADIWTPDITAYSSTRPVQVLSPQIAVVTHDGSVMFIPAQRLSFMCDPTGVDSEEGVTCAVK
FGSWVYSGFEIDLKTDTDQVDLSSYYASSKYEILSATQTRQVQHYSCCPEPYIDVNLVVKFRERRAGNGFFRNLFDENLY
FQGHHHHHH
;
_entity_poly.pdbx_strand_id   A,B,C,D,E,F,G,H,I,J
#
# COMPACT_ATOMS: atom_id res chain seq x y z
N GLN A 20 -1.25 2.38 28.94
CA GLN A 20 -1.70 2.02 27.58
C GLN A 20 -0.54 2.06 26.59
N ALA A 21 0.30 3.07 26.69
CA ALA A 21 1.47 3.23 25.79
C ALA A 21 2.36 1.97 25.74
N ASN A 22 2.66 1.45 26.93
CA ASN A 22 3.49 0.26 27.05
C ASN A 22 2.83 -0.99 26.46
N LEU A 23 1.53 -1.18 26.73
CA LEU A 23 0.83 -2.33 26.16
C LEU A 23 0.70 -2.22 24.64
N MET A 24 0.40 -1.02 24.14
CA MET A 24 0.35 -0.78 22.69
C MET A 24 1.65 -1.17 22.02
N ARG A 25 2.79 -0.78 22.63
CA ARG A 25 4.12 -1.15 22.11
C ARG A 25 4.31 -2.66 22.07
N LEU A 26 3.97 -3.31 23.19
CA LEU A 26 4.12 -4.76 23.31
C LEU A 26 3.32 -5.49 22.23
N LYS A 27 2.08 -5.09 22.05
CA LYS A 27 1.22 -5.77 21.08
C LYS A 27 1.74 -5.56 19.67
N SER A 28 2.16 -4.34 19.40
CA SER A 28 2.77 -4.00 18.11
C SER A 28 4.07 -4.80 17.83
N ASP A 29 4.95 -4.86 18.82
CA ASP A 29 6.18 -5.66 18.71
C ASP A 29 5.87 -7.16 18.53
N LEU A 30 4.88 -7.69 19.24
CA LEU A 30 4.49 -9.10 19.08
C LEU A 30 3.75 -9.44 17.77
N PHE A 31 2.86 -8.55 17.30
CA PHE A 31 1.90 -8.90 16.24
C PHE A 31 2.07 -8.25 14.86
N ASN A 32 2.60 -7.03 14.78
CA ASN A 32 2.87 -6.36 13.49
C ASN A 32 4.21 -6.77 12.90
N ARG A 33 5.24 -6.86 13.75
CA ARG A 33 6.59 -7.25 13.29
C ARG A 33 6.69 -8.75 12.89
N SER A 34 5.97 -9.63 13.59
CA SER A 34 6.10 -11.08 13.40
C SER A 34 5.47 -11.58 12.07
N PRO A 35 6.13 -12.57 11.40
CA PRO A 35 5.37 -13.49 10.53
C PRO A 35 4.68 -14.50 11.47
N MET A 36 3.42 -14.80 11.20
CA MET A 36 2.57 -15.62 12.12
C MET A 36 3.22 -17.00 12.46
N TYR A 37 3.00 -17.46 13.69
CA TYR A 37 3.35 -18.81 14.12
C TYR A 37 2.64 -19.79 13.17
N PRO A 38 3.36 -20.76 12.56
CA PRO A 38 2.75 -21.67 11.60
C PRO A 38 2.21 -22.97 12.21
N GLY A 39 1.85 -22.93 13.48
CA GLY A 39 1.41 -24.12 14.20
C GLY A 39 2.53 -25.05 14.64
N PRO A 40 2.20 -26.04 15.48
CA PRO A 40 3.17 -27.02 15.97
C PRO A 40 3.64 -27.99 14.87
N THR A 41 4.81 -28.59 15.09
CA THR A 41 5.43 -29.56 14.15
C THR A 41 5.99 -30.76 14.91
N LYS A 42 6.44 -31.77 14.17
CA LYS A 42 7.16 -32.88 14.80
C LYS A 42 8.42 -32.42 15.53
N ASP A 43 9.15 -31.45 14.97
CA ASP A 43 10.39 -30.93 15.58
C ASP A 43 10.14 -30.06 16.81
N ASP A 44 9.01 -29.33 16.81
CA ASP A 44 8.60 -28.41 17.90
C ASP A 44 7.15 -28.67 18.31
N PRO A 45 6.88 -29.80 18.98
CA PRO A 45 5.51 -30.14 19.35
C PRO A 45 5.04 -29.36 20.55
N LEU A 46 3.76 -29.52 20.86
CA LEU A 46 3.08 -28.69 21.82
C LEU A 46 2.16 -29.57 22.64
N THR A 47 2.07 -29.28 23.93
CA THR A 47 1.06 -29.91 24.78
C THR A 47 0.00 -28.89 25.15
N VAL A 48 -1.26 -29.26 24.90
CA VAL A 48 -2.41 -28.42 25.24
C VAL A 48 -3.09 -29.02 26.47
N THR A 49 -3.34 -28.22 27.47
CA THR A 49 -4.06 -28.68 28.64
C THR A 49 -5.54 -28.31 28.46
N LEU A 50 -6.42 -29.29 28.69
CA LEU A 50 -7.87 -29.10 28.60
C LEU A 50 -8.54 -29.41 29.91
N GLY A 51 -9.56 -28.62 30.24
CA GLY A 51 -10.44 -28.87 31.38
C GLY A 51 -11.86 -28.38 31.09
N PHE A 52 -12.87 -29.11 31.52
CA PHE A 52 -14.25 -28.73 31.25
C PHE A 52 -14.93 -28.29 32.52
N THR A 53 -15.74 -27.24 32.45
CA THR A 53 -16.69 -26.97 33.52
C THR A 53 -18.10 -27.02 32.91
N LEU A 54 -18.88 -27.98 33.37
CA LEU A 54 -20.18 -28.30 32.79
C LEU A 54 -21.24 -27.46 33.48
N GLN A 55 -21.95 -26.66 32.69
CA GLN A 55 -22.93 -25.73 33.20
C GLN A 55 -24.36 -26.28 33.12
N ASP A 56 -24.72 -26.93 32.01
CA ASP A 56 -26.07 -27.43 31.85
C ASP A 56 -26.16 -28.54 30.81
N ILE A 57 -26.97 -29.55 31.09
CA ILE A 57 -27.52 -30.42 30.06
C ILE A 57 -28.87 -29.78 29.79
N VAL A 58 -28.96 -29.09 28.66
CA VAL A 58 -30.13 -28.27 28.35
C VAL A 58 -31.28 -29.12 27.83
N LYS A 59 -30.95 -30.05 26.94
CA LYS A 59 -31.95 -30.73 26.14
C LYS A 59 -31.46 -32.10 25.76
N VAL A 60 -32.44 -32.97 25.61
CA VAL A 60 -32.26 -34.35 25.24
C VAL A 60 -33.25 -34.57 24.09
N ASP A 61 -32.87 -35.26 23.02
CA ASP A 61 -33.82 -35.58 21.94
C ASP A 61 -33.81 -37.08 21.68
N SER A 62 -34.82 -37.78 22.21
CA SER A 62 -34.89 -39.24 22.09
C SER A 62 -35.32 -39.73 20.71
N SER A 63 -35.80 -38.85 19.84
CA SER A 63 -36.09 -39.28 18.47
C SER A 63 -34.88 -39.19 17.51
N THR A 64 -33.83 -38.41 17.87
CA THR A 64 -32.59 -38.30 17.06
C THR A 64 -31.32 -38.75 17.77
N ASN A 65 -31.43 -39.07 19.06
CA ASN A 65 -30.28 -39.38 19.92
C ASN A 65 -29.21 -38.30 19.84
N GLU A 66 -29.66 -37.08 20.11
CA GLU A 66 -28.80 -35.92 20.26
C GLU A 66 -29.02 -35.37 21.67
N VAL A 67 -27.93 -34.98 22.35
CA VAL A 67 -28.02 -34.27 23.62
C VAL A 67 -27.23 -32.97 23.50
N ASP A 68 -27.70 -31.94 24.20
CA ASP A 68 -27.16 -30.58 24.13
C ASP A 68 -26.56 -30.14 25.45
N LEU A 69 -25.26 -29.83 25.44
CA LEU A 69 -24.53 -29.37 26.63
C LEU A 69 -24.14 -27.91 26.51
N VAL A 70 -24.02 -27.25 27.65
CA VAL A 70 -23.39 -25.95 27.75
C VAL A 70 -22.26 -26.08 28.77
N TYR A 71 -21.05 -25.69 28.36
CA TYR A 71 -19.84 -25.81 29.17
C TYR A 71 -18.83 -24.73 28.81
N TYR A 72 -17.80 -24.61 29.66
CA TYR A 72 -16.62 -23.81 29.38
C TYR A 72 -15.48 -24.79 29.17
N GLU A 73 -14.72 -24.61 28.09
CA GLU A 73 -13.57 -25.44 27.80
C GLU A 73 -12.28 -24.61 28.04
N GLN A 74 -11.62 -24.86 29.16
CA GLN A 74 -10.36 -24.20 29.49
C GLN A 74 -9.21 -24.81 28.68
N GLN A 75 -8.54 -23.99 27.88
CA GLN A 75 -7.43 -24.40 27.03
C GLN A 75 -6.15 -23.67 27.44
N ARG A 76 -5.04 -24.40 27.57
CA ARG A 76 -3.74 -23.81 27.94
C ARG A 76 -2.62 -24.40 27.09
N TRP A 77 -1.73 -23.53 26.64
CA TRP A 77 -0.54 -23.94 25.89
C TRP A 77 0.52 -22.83 26.03
N LYS A 78 1.70 -23.02 25.44
CA LYS A 78 2.82 -22.14 25.62
C LYS A 78 3.70 -22.07 24.39
N LEU A 79 3.97 -20.85 23.91
CA LEU A 79 4.81 -20.62 22.72
C LEU A 79 5.98 -19.70 23.04
N ASN A 80 7.18 -20.10 22.64
CA ASN A 80 8.36 -19.24 22.75
C ASN A 80 8.19 -17.91 22.03
N SER A 81 7.49 -17.91 20.88
CA SER A 81 7.30 -16.67 20.10
C SER A 81 6.37 -15.63 20.75
N LEU A 82 5.70 -15.98 21.85
CA LEU A 82 4.90 -15.02 22.61
C LEU A 82 5.57 -14.55 23.91
N MET A 83 6.84 -14.91 24.11
CA MET A 83 7.63 -14.42 25.26
C MET A 83 7.99 -12.94 25.13
N TRP A 84 8.02 -12.26 26.28
CA TRP A 84 8.69 -10.97 26.38
C TRP A 84 9.29 -10.80 27.78
N ASP A 85 10.18 -9.82 27.88
CA ASP A 85 10.82 -9.43 29.13
C ASP A 85 9.96 -8.28 29.68
N PRO A 86 9.27 -8.51 30.82
CA PRO A 86 8.43 -7.44 31.39
C PRO A 86 9.14 -6.12 31.66
N ASN A 87 10.45 -6.19 31.94
CA ASN A 87 11.26 -5.01 32.20
C ASN A 87 11.32 -4.04 31.01
N GLU A 88 11.25 -4.58 29.79
CA GLU A 88 11.25 -3.76 28.58
C GLU A 88 9.88 -3.13 28.27
N TYR A 89 8.81 -3.51 28.98
CA TYR A 89 7.46 -3.04 28.66
C TYR A 89 6.70 -2.61 29.91
N GLY A 90 7.36 -1.79 30.73
CA GLY A 90 6.73 -1.19 31.90
C GLY A 90 6.19 -2.17 32.92
N ASN A 91 6.90 -3.28 33.12
CA ASN A 91 6.52 -4.33 34.11
C ASN A 91 5.20 -5.09 33.78
N ILE A 92 4.76 -5.06 32.53
CA ILE A 92 3.56 -5.82 32.11
C ILE A 92 3.89 -7.31 32.08
N THR A 93 3.16 -8.08 32.88
CA THR A 93 3.35 -9.52 32.98
C THR A 93 2.34 -10.33 32.15
N ASP A 94 1.26 -9.69 31.72
CA ASP A 94 0.23 -10.37 30.93
C ASP A 94 -0.74 -9.39 30.32
N PHE A 95 -1.50 -9.86 29.34
CA PHE A 95 -2.53 -9.04 28.75
C PHE A 95 -3.65 -9.85 28.11
N ARG A 96 -4.77 -9.19 27.94
CA ARG A 96 -5.90 -9.74 27.20
C ARG A 96 -5.78 -9.34 25.73
N THR A 97 -6.07 -10.27 24.83
CA THR A 97 -6.09 -9.92 23.42
C THR A 97 -7.05 -10.82 22.66
N SER A 98 -7.59 -10.27 21.59
CA SER A 98 -8.44 -11.00 20.68
C SER A 98 -7.76 -12.29 20.22
N ALA A 99 -8.52 -13.39 20.18
CA ALA A 99 -8.01 -14.68 19.73
C ALA A 99 -7.57 -14.70 18.25
N ALA A 100 -8.10 -13.78 17.47
CA ALA A 100 -7.68 -13.61 16.08
C ALA A 100 -6.22 -13.18 15.95
N ASP A 101 -5.68 -12.48 16.96
CA ASP A 101 -4.28 -12.04 16.97
C ASP A 101 -3.26 -13.20 17.05
N ILE A 102 -3.71 -14.38 17.51
CA ILE A 102 -2.82 -15.50 17.83
C ILE A 102 -3.31 -16.83 17.24
N TRP A 103 -2.41 -17.80 17.21
CA TRP A 103 -2.78 -19.15 16.88
C TRP A 103 -3.57 -19.74 18.07
N THR A 104 -4.54 -20.57 17.77
CA THR A 104 -5.29 -21.33 18.76
C THR A 104 -5.41 -22.77 18.29
N PRO A 105 -5.41 -23.72 19.23
CA PRO A 105 -5.47 -25.13 18.80
C PRO A 105 -6.85 -25.47 18.22
N ASP A 106 -6.88 -26.32 17.20
CA ASP A 106 -8.09 -26.78 16.53
C ASP A 106 -8.83 -27.93 17.30
N ILE A 107 -9.07 -27.72 18.59
CA ILE A 107 -9.71 -28.72 19.43
C ILE A 107 -11.18 -28.84 19.00
N THR A 108 -11.59 -30.06 18.67
CA THR A 108 -12.83 -30.33 17.99
C THR A 108 -13.51 -31.53 18.65
N ALA A 109 -14.83 -31.43 18.82
CA ALA A 109 -15.61 -32.57 19.29
C ALA A 109 -15.70 -33.60 18.17
N TYR A 110 -15.46 -34.87 18.49
CA TYR A 110 -15.41 -35.92 17.46
C TYR A 110 -16.77 -36.48 17.05
N SER A 111 -17.83 -36.17 17.79
CA SER A 111 -19.17 -36.73 17.55
C SER A 111 -20.29 -35.68 17.64
N SER A 112 -19.98 -34.45 17.24
CA SER A 112 -20.97 -33.38 17.17
C SER A 112 -21.97 -33.65 16.05
N THR A 113 -23.18 -33.11 16.18
CA THR A 113 -24.20 -33.17 15.14
C THR A 113 -24.60 -31.82 14.57
N ARG A 114 -23.98 -30.74 15.05
CA ARG A 114 -24.22 -29.36 14.58
C ARG A 114 -22.94 -28.57 14.79
N PRO A 115 -22.76 -27.48 14.06
CA PRO A 115 -21.65 -26.61 14.46
C PRO A 115 -21.84 -26.12 15.89
N VAL A 116 -20.76 -26.16 16.63
CA VAL A 116 -20.69 -25.60 17.98
C VAL A 116 -21.12 -24.14 17.97
N GLN A 117 -21.92 -23.73 18.94
CA GLN A 117 -22.31 -22.32 19.08
C GLN A 117 -21.48 -21.64 20.17
N VAL A 118 -20.88 -20.51 19.82
CA VAL A 118 -19.94 -19.83 20.72
C VAL A 118 -20.71 -18.84 21.57
N LEU A 119 -20.55 -18.93 22.88
CA LEU A 119 -21.34 -18.12 23.83
C LEU A 119 -20.54 -17.04 24.55
N SER A 120 -19.22 -17.01 24.36
CA SER A 120 -18.36 -16.04 25.03
C SER A 120 -17.46 -15.29 24.03
N PRO A 121 -17.01 -14.09 24.40
CA PRO A 121 -16.13 -13.32 23.52
C PRO A 121 -14.82 -14.06 23.24
N GLN A 122 -14.33 -13.94 22.00
CA GLN A 122 -13.14 -14.67 21.59
C GLN A 122 -11.89 -13.86 21.96
N ILE A 123 -11.55 -13.92 23.24
CA ILE A 123 -10.47 -13.15 23.82
C ILE A 123 -9.69 -14.09 24.74
N ALA A 124 -8.36 -14.06 24.64
CA ALA A 124 -7.49 -14.90 25.47
C ALA A 124 -6.56 -14.06 26.35
N VAL A 125 -5.86 -14.74 27.26
CA VAL A 125 -4.89 -14.09 28.12
C VAL A 125 -3.52 -14.64 27.80
N VAL A 126 -2.60 -13.75 27.45
CA VAL A 126 -1.20 -14.11 27.17
C VAL A 126 -0.33 -13.62 28.32
N THR A 127 0.57 -14.49 28.77
CA THR A 127 1.48 -14.19 29.89
C THR A 127 2.93 -14.12 29.38
N HIS A 128 3.77 -13.37 30.08
CA HIS A 128 5.14 -13.04 29.63
C HIS A 128 6.05 -14.22 29.31
N ASP A 129 5.82 -15.36 29.95
CA ASP A 129 6.54 -16.62 29.63
C ASP A 129 6.06 -17.31 28.34
N GLY A 130 5.10 -16.71 27.63
CA GLY A 130 4.57 -17.27 26.39
C GLY A 130 3.37 -18.19 26.58
N SER A 131 2.89 -18.33 27.81
CA SER A 131 1.73 -19.18 28.05
C SER A 131 0.44 -18.41 27.77
N VAL A 132 -0.56 -19.17 27.31
CA VAL A 132 -1.83 -18.64 26.90
C VAL A 132 -2.95 -19.40 27.62
N MET A 133 -3.97 -18.67 28.06
CA MET A 133 -5.19 -19.28 28.56
C MET A 133 -6.37 -18.77 27.73
N PHE A 134 -7.24 -19.69 27.31
CA PHE A 134 -8.41 -19.38 26.48
C PHE A 134 -9.58 -20.25 26.96
N ILE A 135 -10.70 -19.61 27.28
CA ILE A 135 -11.83 -20.30 27.90
C ILE A 135 -13.15 -20.05 27.17
N PRO A 136 -13.33 -20.69 26.01
CA PRO A 136 -14.58 -20.49 25.27
C PRO A 136 -15.77 -21.23 25.90
N ALA A 137 -16.86 -20.52 26.07
CA ALA A 137 -18.13 -21.13 26.43
C ALA A 137 -18.83 -21.60 25.14
N GLN A 138 -19.32 -22.82 25.17
CA GLN A 138 -19.92 -23.46 24.00
C GLN A 138 -21.24 -24.14 24.33
N ARG A 139 -22.09 -24.22 23.32
CA ARG A 139 -23.20 -25.15 23.32
C ARG A 139 -22.97 -26.15 22.20
N LEU A 140 -23.08 -27.43 22.56
CA LEU A 140 -22.73 -28.53 21.69
C LEU A 140 -23.90 -29.49 21.62
N SER A 141 -24.29 -29.87 20.40
CA SER A 141 -25.17 -31.03 20.19
C SER A 141 -24.30 -32.21 19.77
N PHE A 142 -24.44 -33.33 20.48
CA PHE A 142 -23.63 -34.52 20.19
C PHE A 142 -24.42 -35.82 20.30
N MET A 143 -23.83 -36.90 19.80
CA MET A 143 -24.48 -38.20 19.71
C MET A 143 -24.58 -38.89 21.06
N CYS A 144 -25.80 -39.15 21.50
CA CYS A 144 -26.07 -39.70 22.83
C CYS A 144 -27.49 -40.24 22.88
N ASP A 145 -27.64 -41.48 23.36
CA ASP A 145 -28.94 -42.12 23.51
C ASP A 145 -29.44 -41.87 24.93
N PRO A 146 -30.48 -41.02 25.09
CA PRO A 146 -31.01 -40.70 26.40
C PRO A 146 -32.04 -41.70 26.96
N THR A 147 -32.37 -42.76 26.22
CA THR A 147 -33.30 -43.78 26.71
C THR A 147 -32.87 -44.29 28.10
N GLY A 148 -33.77 -44.14 29.08
CA GLY A 148 -33.50 -44.51 30.47
C GLY A 148 -33.11 -43.34 31.38
N VAL A 149 -33.06 -42.14 30.81
CA VAL A 149 -32.70 -40.97 31.57
C VAL A 149 -33.68 -40.72 32.72
N ASP A 150 -34.92 -41.17 32.54
CA ASP A 150 -35.99 -41.01 33.54
C ASP A 150 -36.02 -42.10 34.61
N SER A 151 -34.93 -42.85 34.77
CA SER A 151 -34.83 -43.88 35.78
C SER A 151 -33.85 -43.47 36.88
N GLU A 152 -33.78 -44.30 37.89
CA GLU A 152 -32.82 -44.11 38.97
C GLU A 152 -31.36 -44.30 38.48
N GLU A 153 -31.09 -45.34 37.69
CA GLU A 153 -29.73 -45.55 37.16
C GLU A 153 -29.21 -44.49 36.19
N GLY A 154 -30.12 -43.84 35.48
CA GLY A 154 -29.77 -42.85 34.47
C GLY A 154 -29.11 -43.42 33.23
N VAL A 155 -28.47 -42.55 32.47
CA VAL A 155 -27.73 -42.93 31.27
C VAL A 155 -26.32 -42.39 31.34
N THR A 156 -25.46 -42.97 30.55
CA THR A 156 -24.11 -42.51 30.39
C THR A 156 -23.92 -42.08 28.94
N CYS A 157 -23.27 -40.95 28.74
CA CYS A 157 -22.89 -40.49 27.40
C CYS A 157 -21.49 -39.95 27.38
N ALA A 158 -20.94 -39.92 26.16
CA ALA A 158 -19.52 -39.62 25.97
C ALA A 158 -19.23 -38.85 24.67
N VAL A 159 -18.29 -37.92 24.75
CA VAL A 159 -17.81 -37.23 23.56
C VAL A 159 -16.31 -36.93 23.70
N LYS A 160 -15.57 -37.23 22.65
CA LYS A 160 -14.14 -37.02 22.60
C LYS A 160 -13.81 -35.64 22.02
N PHE A 161 -12.81 -34.99 22.60
CA PHE A 161 -12.31 -33.71 22.10
C PHE A 161 -10.81 -33.83 21.82
N GLY A 162 -10.40 -33.47 20.60
CA GLY A 162 -9.00 -33.45 20.20
C GLY A 162 -8.73 -32.62 18.96
N SER A 163 -7.46 -32.48 18.61
CA SER A 163 -7.12 -31.86 17.34
C SER A 163 -7.77 -32.65 16.23
N TRP A 164 -8.36 -31.96 15.27
CA TRP A 164 -8.86 -32.60 14.06
C TRP A 164 -7.72 -33.04 13.15
N VAL A 165 -6.68 -32.22 13.03
CA VAL A 165 -5.65 -32.45 12.00
C VAL A 165 -4.25 -32.79 12.49
N TYR A 166 -3.94 -32.57 13.76
CA TYR A 166 -2.60 -32.86 14.28
C TYR A 166 -2.53 -34.14 15.11
N SER A 167 -1.58 -34.99 14.76
CA SER A 167 -1.33 -36.23 15.49
C SER A 167 -0.67 -35.97 16.84
N GLY A 168 -0.49 -37.05 17.60
CA GLY A 168 0.22 -37.01 18.88
C GLY A 168 1.64 -36.50 18.80
N PHE A 169 2.27 -36.61 17.63
CA PHE A 169 3.63 -36.12 17.44
C PHE A 169 3.73 -34.62 17.23
N GLU A 170 2.60 -33.93 17.06
CA GLU A 170 2.55 -32.46 16.98
C GLU A 170 1.74 -31.81 18.11
N ILE A 171 0.57 -32.40 18.41
CA ILE A 171 -0.23 -31.96 19.57
C ILE A 171 -0.55 -33.14 20.49
N ASP A 172 -0.09 -33.03 21.74
CA ASP A 172 -0.47 -33.91 22.82
C ASP A 172 -1.42 -33.14 23.73
N LEU A 173 -2.23 -33.87 24.50
CA LEU A 173 -3.17 -33.28 25.43
C LEU A 173 -2.93 -33.81 26.83
N LYS A 174 -3.27 -33.00 27.82
CA LYS A 174 -3.38 -33.49 29.18
C LYS A 174 -4.48 -32.76 29.94
N THR A 175 -4.87 -33.33 31.07
CA THR A 175 -5.79 -32.67 31.99
C THR A 175 -5.06 -32.42 33.29
N ASP A 176 -5.48 -31.42 34.06
CA ASP A 176 -4.97 -31.24 35.43
C ASP A 176 -5.68 -32.14 36.41
N THR A 177 -6.90 -32.55 36.09
CA THR A 177 -7.68 -33.43 36.92
C THR A 177 -8.55 -34.26 36.01
N ASP A 178 -8.94 -35.43 36.46
CA ASP A 178 -9.90 -36.25 35.72
C ASP A 178 -11.35 -35.91 36.09
N GLN A 179 -11.52 -35.02 37.07
CA GLN A 179 -12.83 -34.57 37.51
C GLN A 179 -13.28 -33.28 36.81
N VAL A 180 -14.37 -33.39 36.06
CA VAL A 180 -15.04 -32.23 35.45
C VAL A 180 -15.51 -31.32 36.57
N ASP A 181 -15.36 -30.01 36.37
CA ASP A 181 -15.77 -29.02 37.37
C ASP A 181 -17.29 -28.83 37.27
N LEU A 182 -17.98 -29.25 38.34
CA LEU A 182 -19.44 -29.15 38.44
C LEU A 182 -19.91 -28.04 39.37
N SER A 183 -19.02 -27.13 39.75
CA SER A 183 -19.36 -26.11 40.74
C SER A 183 -20.18 -24.95 40.17
N SER A 184 -20.31 -24.85 38.84
CA SER A 184 -21.25 -23.90 38.21
C SER A 184 -22.44 -24.61 37.56
N TYR A 185 -22.67 -25.88 37.92
CA TYR A 185 -23.76 -26.62 37.27
C TYR A 185 -25.11 -26.02 37.70
N TYR A 186 -25.95 -25.71 36.72
CA TYR A 186 -27.27 -25.13 36.97
C TYR A 186 -28.13 -26.05 37.88
N ALA A 187 -28.42 -25.53 39.08
CA ALA A 187 -29.10 -26.28 40.11
C ALA A 187 -30.54 -26.66 39.75
N SER A 188 -31.20 -25.89 38.89
CA SER A 188 -32.58 -26.20 38.44
C SER A 188 -32.64 -26.77 37.02
N SER A 189 -31.56 -27.34 36.53
CA SER A 189 -31.58 -28.10 35.29
C SER A 189 -32.60 -29.23 35.37
N LYS A 190 -33.07 -29.67 34.22
CA LYS A 190 -33.94 -30.84 34.15
C LYS A 190 -33.16 -32.09 34.48
N TYR A 191 -31.84 -32.06 34.33
CA TYR A 191 -30.99 -33.22 34.55
C TYR A 191 -29.98 -32.96 35.66
N GLU A 192 -29.89 -33.89 36.60
CA GLU A 192 -28.84 -33.85 37.61
C GLU A 192 -27.71 -34.77 37.19
N ILE A 193 -26.49 -34.38 37.56
CA ILE A 193 -25.29 -35.07 37.17
C ILE A 193 -24.92 -36.06 38.25
N LEU A 194 -24.71 -37.32 37.87
CA LEU A 194 -24.23 -38.35 38.79
C LEU A 194 -22.71 -38.43 38.80
N SER A 195 -22.10 -38.34 37.63
CA SER A 195 -20.65 -38.19 37.53
C SER A 195 -20.25 -37.57 36.21
N ALA A 196 -19.07 -37.00 36.20
CA ALA A 196 -18.56 -36.34 35.01
C ALA A 196 -17.04 -36.36 35.03
N THR A 197 -16.45 -37.10 34.09
CA THR A 197 -15.01 -37.26 34.01
C THR A 197 -14.44 -36.80 32.67
N GLN A 198 -13.14 -36.51 32.69
CA GLN A 198 -12.41 -36.06 31.51
C GLN A 198 -11.07 -36.78 31.47
N THR A 199 -10.87 -37.64 30.49
CA THR A 199 -9.75 -38.57 30.52
C THR A 199 -9.01 -38.62 29.18
N ARG A 200 -7.69 -38.49 29.21
CA ARG A 200 -6.86 -38.62 28.02
C ARG A 200 -6.95 -40.02 27.41
N GLN A 201 -7.07 -40.10 26.09
CA GLN A 201 -7.01 -41.36 25.33
C GLN A 201 -6.18 -41.21 24.04
N VAL A 202 -5.83 -42.34 23.44
CA VAL A 202 -5.10 -42.40 22.18
C VAL A 202 -5.95 -43.16 21.16
N GLN A 203 -6.19 -42.59 19.99
CA GLN A 203 -7.01 -43.21 18.94
C GLN A 203 -6.15 -43.52 17.73
N HIS A 204 -6.57 -44.50 16.96
CA HIS A 204 -5.97 -44.85 15.68
C HIS A 204 -7.09 -44.95 14.64
N TYR A 205 -6.84 -44.46 13.43
CA TYR A 205 -7.84 -44.41 12.38
C TYR A 205 -7.35 -45.09 11.11
N SER A 206 -8.25 -45.74 10.38
CA SER A 206 -7.95 -46.37 9.06
C SER A 206 -7.24 -45.43 8.10
N CYS A 207 -7.67 -44.17 8.04
CA CYS A 207 -7.11 -43.20 7.08
C CYS A 207 -5.62 -42.90 7.26
N CYS A 208 -5.10 -43.05 8.48
CA CYS A 208 -3.96 -42.23 8.94
C CYS A 208 -3.01 -43.06 9.80
N PRO A 209 -1.69 -42.98 9.56
CA PRO A 209 -0.77 -43.91 10.24
C PRO A 209 -0.47 -43.61 11.72
N GLU A 210 -0.56 -42.34 12.11
CA GLU A 210 -0.11 -41.89 13.46
C GLU A 210 -1.27 -41.87 14.48
N PRO A 211 -0.95 -41.92 15.79
CA PRO A 211 -1.99 -41.77 16.82
C PRO A 211 -2.49 -40.33 16.98
N TYR A 212 -3.77 -40.18 17.30
CA TYR A 212 -4.37 -38.87 17.60
C TYR A 212 -4.84 -38.88 19.05
N ILE A 213 -4.62 -37.78 19.75
CA ILE A 213 -4.93 -37.72 21.17
C ILE A 213 -6.28 -37.04 21.39
N ASP A 214 -7.06 -37.54 22.34
CA ASP A 214 -8.28 -36.87 22.74
C ASP A 214 -8.47 -36.86 24.26
N VAL A 215 -9.36 -35.98 24.71
CA VAL A 215 -9.89 -36.05 26.05
C VAL A 215 -11.37 -36.44 25.95
N ASN A 216 -11.71 -37.52 26.64
CA ASN A 216 -13.04 -38.10 26.55
C ASN A 216 -13.84 -37.63 27.75
N LEU A 217 -14.88 -36.84 27.44
CA LEU A 217 -15.82 -36.30 28.41
C LEU A 217 -16.94 -37.33 28.59
N VAL A 218 -16.98 -37.96 29.77
CA VAL A 218 -18.00 -38.97 30.11
C VAL A 218 -18.93 -38.40 31.14
N VAL A 219 -20.23 -38.32 30.82
CA VAL A 219 -21.22 -37.72 31.71
C VAL A 219 -22.33 -38.73 31.95
N LYS A 220 -22.61 -38.95 33.23
CA LYS A 220 -23.67 -39.82 33.66
C LYS A 220 -24.72 -38.95 34.34
N PHE A 221 -25.96 -39.06 33.90
CA PHE A 221 -27.01 -38.14 34.36
C PHE A 221 -28.40 -38.76 34.33
N ARG A 222 -29.33 -38.07 34.99
CA ARG A 222 -30.74 -38.47 35.00
C ARG A 222 -31.65 -37.30 35.24
N GLU A 223 -32.94 -37.49 35.02
CA GLU A 223 -33.94 -36.46 35.33
C GLU A 223 -33.98 -36.12 36.83
N ARG A 224 -34.13 -34.84 37.17
CA ARG A 224 -34.12 -34.35 38.56
C ARG A 224 -35.46 -34.48 39.25
N GLN B 20 -20.33 18.97 8.34
CA GLN B 20 -19.75 17.67 7.95
C GLN B 20 -18.23 17.73 7.91
N ALA B 21 -17.68 18.81 7.36
CA ALA B 21 -16.20 18.99 7.28
C ALA B 21 -15.52 18.84 8.64
N ASN B 22 -16.08 19.51 9.64
CA ASN B 22 -15.53 19.46 10.99
C ASN B 22 -15.63 18.06 11.62
N LEU B 23 -16.76 17.38 11.46
CA LEU B 23 -16.89 16.03 12.00
C LEU B 23 -15.97 15.04 11.28
N MET B 24 -15.87 15.17 9.95
CA MET B 24 -14.94 14.34 9.17
C MET B 24 -13.52 14.46 9.70
N ARG B 25 -13.08 15.71 9.97
CA ARG B 25 -11.74 15.96 10.55
C ARG B 25 -11.57 15.29 11.89
N LEU B 26 -12.56 15.46 12.76
CA LEU B 26 -12.52 14.89 14.11
C LEU B 26 -12.39 13.38 14.08
N LYS B 27 -13.20 12.75 13.24
CA LYS B 27 -13.18 11.28 13.16
C LYS B 27 -11.86 10.79 12.63
N SER B 28 -11.36 11.48 11.61
CA SER B 28 -10.04 11.19 11.03
C SER B 28 -8.90 11.36 12.06
N ASP B 29 -8.90 12.47 12.79
CA ASP B 29 -7.92 12.71 13.85
C ASP B 29 -8.02 11.66 14.97
N LEU B 30 -9.23 11.27 15.37
CA LEU B 30 -9.39 10.22 16.38
C LEU B 30 -9.07 8.79 15.92
N PHE B 31 -9.41 8.43 14.69
CA PHE B 31 -9.41 7.01 14.26
C PHE B 31 -8.36 6.56 13.25
N ASN B 32 -7.92 7.44 12.34
CA ASN B 32 -6.87 7.11 11.35
C ASN B 32 -5.48 7.29 11.94
N ARG B 33 -5.27 8.37 12.69
CA ARG B 33 -3.96 8.63 13.33
C ARG B 33 -3.62 7.68 14.50
N SER B 34 -4.64 7.26 15.27
CA SER B 34 -4.43 6.47 16.49
C SER B 34 -4.00 5.02 16.20
N PRO B 35 -3.07 4.45 17.02
CA PRO B 35 -3.06 2.99 17.23
C PRO B 35 -4.21 2.67 18.19
N MET B 36 -4.97 1.62 17.92
CA MET B 36 -6.19 1.26 18.69
C MET B 36 -5.93 1.14 20.22
N TYR B 37 -6.93 1.52 21.00
CA TYR B 37 -6.95 1.34 22.45
C TYR B 37 -6.78 -0.15 22.73
N PRO B 38 -5.84 -0.58 23.57
CA PRO B 38 -5.60 -2.00 23.82
C PRO B 38 -6.40 -2.60 25.00
N GLY B 39 -7.53 -1.98 25.32
CA GLY B 39 -8.33 -2.38 26.47
C GLY B 39 -7.78 -1.88 27.80
N PRO B 40 -8.58 -2.04 28.87
CA PRO B 40 -8.18 -1.67 30.23
C PRO B 40 -7.10 -2.57 30.81
N THR B 41 -6.36 -2.06 31.80
CA THR B 41 -5.27 -2.80 32.49
C THR B 41 -5.34 -2.58 34.00
N LYS B 42 -4.51 -3.31 34.75
CA LYS B 42 -4.38 -3.03 36.17
C LYS B 42 -3.93 -1.59 36.46
N ASP B 43 -3.00 -1.06 35.65
CA ASP B 43 -2.50 0.32 35.82
C ASP B 43 -3.51 1.40 35.45
N ASP B 44 -4.36 1.10 34.44
CA ASP B 44 -5.38 2.04 33.92
C ASP B 44 -6.74 1.33 33.81
N PRO B 45 -7.38 1.04 34.95
CA PRO B 45 -8.65 0.33 34.95
C PRO B 45 -9.81 1.22 34.56
N LEU B 46 -10.97 0.59 34.42
CA LEU B 46 -12.13 1.24 33.84
C LEU B 46 -13.34 0.79 34.64
N THR B 47 -14.28 1.70 34.84
CA THR B 47 -15.60 1.36 35.37
C THR B 47 -16.63 1.49 34.27
N VAL B 48 -17.40 0.43 34.07
CA VAL B 48 -18.51 0.41 33.11
C VAL B 48 -19.82 0.49 33.87
N THR B 49 -20.68 1.41 33.48
CA THR B 49 -22.00 1.50 34.07
C THR B 49 -22.97 0.70 33.20
N LEU B 50 -23.78 -0.15 33.83
CA LEU B 50 -24.80 -0.95 33.15
C LEU B 50 -26.19 -0.66 33.69
N GLY B 51 -27.16 -0.61 32.79
CA GLY B 51 -28.58 -0.51 33.15
C GLY B 51 -29.44 -1.27 32.14
N PHE B 52 -30.48 -1.96 32.61
CA PHE B 52 -31.32 -2.74 31.73
C PHE B 52 -32.69 -2.09 31.59
N THR B 53 -33.25 -2.08 30.39
CA THR B 53 -34.67 -1.81 30.25
C THR B 53 -35.32 -3.04 29.59
N LEU B 54 -36.21 -3.69 30.34
CA LEU B 54 -36.80 -4.96 29.96
C LEU B 54 -38.03 -4.69 29.13
N GLN B 55 -38.04 -5.22 27.91
CA GLN B 55 -39.11 -4.98 26.96
C GLN B 55 -40.12 -6.13 26.93
N ASP B 56 -39.67 -7.37 26.95
CA ASP B 56 -40.56 -8.52 26.88
C ASP B 56 -39.93 -9.79 27.41
N ILE B 57 -40.73 -10.59 28.13
CA ILE B 57 -40.44 -12.00 28.30
C ILE B 57 -41.26 -12.63 27.19
N VAL B 58 -40.58 -13.07 26.15
CA VAL B 58 -41.23 -13.52 24.93
C VAL B 58 -41.78 -14.95 25.08
N LYS B 59 -40.92 -15.80 25.64
CA LYS B 59 -41.12 -17.21 25.61
C LYS B 59 -40.48 -17.88 26.79
N VAL B 60 -41.08 -18.99 27.14
CA VAL B 60 -40.70 -19.83 28.26
C VAL B 60 -40.67 -21.23 27.67
N ASP B 61 -39.67 -22.04 28.00
CA ASP B 61 -39.66 -23.46 27.56
C ASP B 61 -39.49 -24.38 28.78
N SER B 62 -40.61 -24.95 29.24
CA SER B 62 -40.59 -25.79 30.44
C SER B 62 -39.99 -27.17 30.22
N SER B 63 -39.75 -27.59 28.99
CA SER B 63 -39.06 -28.85 28.77
C SER B 63 -37.52 -28.73 28.76
N THR B 64 -36.98 -27.52 28.56
CA THR B 64 -35.51 -27.28 28.58
C THR B 64 -35.03 -26.29 29.64
N ASN B 65 -35.98 -25.69 30.35
CA ASN B 65 -35.70 -24.62 31.32
C ASN B 65 -34.84 -23.52 30.70
N GLU B 66 -35.35 -22.99 29.60
CA GLU B 66 -34.81 -21.81 28.95
C GLU B 66 -35.91 -20.77 28.91
N VAL B 67 -35.56 -19.50 29.19
CA VAL B 67 -36.49 -18.37 29.02
C VAL B 67 -35.82 -17.34 28.12
N ASP B 68 -36.64 -16.64 27.32
CA ASP B 68 -36.18 -15.69 26.32
C ASP B 68 -36.63 -14.27 26.66
N LEU B 69 -35.66 -13.37 26.84
CA LEU B 69 -35.92 -11.96 27.13
C LEU B 69 -35.53 -11.07 25.95
N VAL B 70 -36.23 -9.95 25.83
CA VAL B 70 -35.82 -8.87 24.96
C VAL B 70 -35.66 -7.63 25.82
N TYR B 71 -34.48 -7.00 25.75
CA TYR B 71 -34.13 -5.85 26.56
C TYR B 71 -33.13 -4.95 25.83
N TYR B 72 -32.93 -3.75 26.39
CA TYR B 72 -31.86 -2.85 25.97
C TYR B 72 -30.87 -2.81 27.12
N GLU B 73 -29.59 -2.98 26.81
CA GLU B 73 -28.54 -2.92 27.81
C GLU B 73 -27.73 -1.62 27.60
N GLN B 74 -27.99 -0.63 28.46
CA GLN B 74 -27.25 0.63 28.42
C GLN B 74 -25.87 0.47 29.03
N GLN B 75 -24.83 0.75 28.23
CA GLN B 75 -23.44 0.66 28.65
C GLN B 75 -22.77 2.03 28.60
N ARG B 76 -22.03 2.39 29.65
CA ARG B 76 -21.32 3.68 29.72
C ARG B 76 -19.92 3.50 30.27
N TRP B 77 -18.95 4.15 29.65
CA TRP B 77 -17.57 4.16 30.11
C TRP B 77 -16.89 5.43 29.55
N LYS B 78 -15.62 5.63 29.90
CA LYS B 78 -14.90 6.84 29.56
C LYS B 78 -13.42 6.58 29.31
N LEU B 79 -12.93 7.05 28.17
CA LEU B 79 -11.50 6.90 27.80
C LEU B 79 -10.86 8.23 27.52
N ASN B 80 -9.68 8.45 28.12
CA ASN B 80 -8.90 9.67 27.82
C ASN B 80 -8.55 9.78 26.35
N SER B 81 -8.30 8.65 25.68
CA SER B 81 -7.92 8.65 24.25
C SER B 81 -9.05 9.05 23.29
N LEU B 82 -10.29 9.19 23.78
CA LEU B 82 -11.39 9.70 22.97
C LEU B 82 -11.77 11.16 23.28
N MET B 83 -10.94 11.84 24.09
CA MET B 83 -11.13 13.28 24.35
C MET B 83 -10.80 14.16 23.14
N TRP B 84 -11.54 15.25 23.00
CA TRP B 84 -11.13 16.36 22.15
C TRP B 84 -11.61 17.69 22.72
N ASP B 85 -11.01 18.76 22.22
CA ASP B 85 -11.37 20.12 22.56
C ASP B 85 -12.39 20.56 21.50
N PRO B 86 -13.66 20.79 21.91
CA PRO B 86 -14.69 21.21 20.93
C PRO B 86 -14.35 22.47 20.13
N ASN B 87 -13.55 23.36 20.74
CA ASN B 87 -13.13 24.59 20.09
C ASN B 87 -12.31 24.35 18.80
N GLU B 88 -11.55 23.25 18.78
CA GLU B 88 -10.74 22.90 17.61
C GLU B 88 -11.57 22.23 16.50
N TYR B 89 -12.84 21.87 16.75
CA TYR B 89 -13.64 21.14 15.76
C TYR B 89 -15.04 21.70 15.63
N GLY B 90 -15.11 23.03 15.46
CA GLY B 90 -16.36 23.71 15.18
C GLY B 90 -17.43 23.56 16.24
N ASN B 91 -17.03 23.52 17.51
CA ASN B 91 -17.95 23.40 18.67
C ASN B 91 -18.71 22.05 18.76
N ILE B 92 -18.20 21.00 18.11
CA ILE B 92 -18.81 19.67 18.20
C ILE B 92 -18.54 19.09 19.60
N THR B 93 -19.62 18.78 20.32
CA THR B 93 -19.53 18.21 21.65
C THR B 93 -19.72 16.69 21.69
N ASP B 94 -20.25 16.11 20.61
CA ASP B 94 -20.46 14.67 20.57
C ASP B 94 -20.79 14.19 19.16
N PHE B 95 -20.68 12.90 18.95
CA PHE B 95 -21.05 12.34 17.67
C PHE B 95 -21.45 10.86 17.76
N ARG B 96 -22.16 10.42 16.74
CA ARG B 96 -22.49 9.03 16.55
C ARG B 96 -21.43 8.37 15.70
N THR B 97 -21.03 7.16 16.06
CA THR B 97 -20.10 6.42 15.22
C THR B 97 -20.31 4.91 15.38
N SER B 98 -20.00 4.19 14.32
CA SER B 98 -20.03 2.75 14.32
C SER B 98 -19.20 2.19 15.49
N ALA B 99 -19.74 1.19 16.16
CA ALA B 99 -19.05 0.53 17.29
C ALA B 99 -17.75 -0.17 16.88
N ALA B 100 -17.62 -0.52 15.61
CA ALA B 100 -16.37 -1.08 15.09
C ALA B 100 -15.19 -0.09 15.16
N ASP B 101 -15.48 1.22 15.11
CA ASP B 101 -14.45 2.26 15.21
C ASP B 101 -13.76 2.33 16.58
N ILE B 102 -14.39 1.77 17.62
CA ILE B 102 -13.95 1.91 19.01
C ILE B 102 -13.91 0.58 19.77
N TRP B 103 -13.21 0.58 20.89
CA TRP B 103 -13.26 -0.52 21.81
C TRP B 103 -14.64 -0.51 22.51
N THR B 104 -15.17 -1.70 22.78
CA THR B 104 -16.40 -1.86 23.55
C THR B 104 -16.15 -2.97 24.60
N PRO B 105 -16.77 -2.84 25.78
CA PRO B 105 -16.53 -3.85 26.80
C PRO B 105 -17.16 -5.20 26.43
N ASP B 106 -16.49 -6.30 26.78
CA ASP B 106 -16.94 -7.65 26.53
C ASP B 106 -18.00 -8.17 27.55
N ILE B 107 -19.05 -7.38 27.77
CA ILE B 107 -20.08 -7.72 28.77
C ILE B 107 -20.88 -8.91 28.22
N THR B 108 -20.96 -9.96 29.03
CA THR B 108 -21.43 -11.26 28.59
C THR B 108 -22.36 -11.83 29.65
N ALA B 109 -23.45 -12.44 29.19
CA ALA B 109 -24.34 -13.15 30.10
C ALA B 109 -23.66 -14.43 30.53
N TYR B 110 -23.69 -14.73 31.83
CA TYR B 110 -22.95 -15.89 32.37
C TYR B 110 -23.68 -17.23 32.23
N SER B 111 -24.98 -17.20 31.89
CA SER B 111 -25.81 -18.42 31.84
C SER B 111 -26.71 -18.47 30.61
N SER B 112 -26.23 -17.92 29.49
CA SER B 112 -26.94 -18.01 28.21
C SER B 112 -26.93 -19.45 27.70
N THR B 113 -27.93 -19.79 26.88
CA THR B 113 -27.99 -21.09 26.21
C THR B 113 -27.90 -21.01 24.69
N ARG B 114 -27.77 -19.80 24.14
CA ARG B 114 -27.66 -19.56 22.69
C ARG B 114 -26.87 -18.29 22.49
N PRO B 115 -26.26 -18.12 21.31
CA PRO B 115 -25.71 -16.79 21.06
C PRO B 115 -26.81 -15.74 21.12
N VAL B 116 -26.48 -14.65 21.78
CA VAL B 116 -27.32 -13.46 21.84
C VAL B 116 -27.65 -12.98 20.42
N GLN B 117 -28.89 -12.60 20.18
CA GLN B 117 -29.27 -12.01 18.89
C GLN B 117 -29.38 -10.49 18.99
N VAL B 118 -28.68 -9.79 18.10
CA VAL B 118 -28.60 -8.34 18.16
C VAL B 118 -29.73 -7.73 17.37
N LEU B 119 -30.49 -6.83 17.99
CA LEU B 119 -31.70 -6.27 17.38
C LEU B 119 -31.59 -4.81 16.98
N SER B 120 -30.48 -4.15 17.33
CA SER B 120 -30.29 -2.74 17.04
C SER B 120 -28.95 -2.47 16.33
N PRO B 121 -28.87 -1.37 15.58
CA PRO B 121 -27.63 -1.03 14.87
C PRO B 121 -26.47 -0.84 15.85
N GLN B 122 -25.28 -1.29 15.43
CA GLN B 122 -24.12 -1.23 16.29
C GLN B 122 -23.43 0.13 16.14
N ILE B 123 -24.04 1.12 16.81
CA ILE B 123 -23.62 2.50 16.71
C ILE B 123 -23.63 3.06 18.14
N ALA B 124 -22.57 3.77 18.52
CA ALA B 124 -22.45 4.39 19.83
C ALA B 124 -22.38 5.92 19.76
N VAL B 125 -22.46 6.57 20.91
CA VAL B 125 -22.34 8.02 21.01
C VAL B 125 -21.13 8.34 21.83
N VAL B 126 -20.21 9.11 21.24
CA VAL B 126 -18.97 9.54 21.90
C VAL B 126 -19.10 11.04 22.20
N THR B 127 -18.73 11.42 23.42
CA THR B 127 -18.81 12.81 23.88
C THR B 127 -17.39 13.36 24.10
N HIS B 128 -17.23 14.68 24.01
CA HIS B 128 -15.92 15.35 24.00
C HIS B 128 -15.02 15.08 25.20
N ASP B 129 -15.61 14.78 26.35
CA ASP B 129 -14.83 14.35 27.54
C ASP B 129 -14.32 12.90 27.50
N GLY B 130 -14.58 12.19 26.40
CA GLY B 130 -14.15 10.81 26.24
C GLY B 130 -15.17 9.78 26.71
N SER B 131 -16.34 10.21 27.14
CA SER B 131 -17.36 9.27 27.58
C SER B 131 -18.15 8.73 26.39
N VAL B 132 -18.58 7.48 26.55
CA VAL B 132 -19.25 6.73 25.50
C VAL B 132 -20.54 6.15 26.06
N MET B 133 -21.60 6.21 25.25
CA MET B 133 -22.84 5.50 25.54
C MET B 133 -23.16 4.54 24.39
N PHE B 134 -23.49 3.30 24.75
CA PHE B 134 -23.83 2.26 23.77
C PHE B 134 -25.01 1.45 24.32
N ILE B 135 -26.06 1.31 23.52
CA ILE B 135 -27.33 0.71 23.98
C ILE B 135 -27.80 -0.39 23.03
N PRO B 136 -27.17 -1.56 23.08
CA PRO B 136 -27.61 -2.66 22.22
C PRO B 136 -28.90 -3.29 22.71
N ALA B 137 -29.86 -3.45 21.80
CA ALA B 137 -31.04 -4.26 22.03
C ALA B 137 -30.70 -5.72 21.73
N GLN B 138 -31.08 -6.62 22.63
CA GLN B 138 -30.74 -8.03 22.54
C GLN B 138 -31.95 -8.92 22.80
N ARG B 139 -31.93 -10.10 22.21
CA ARG B 139 -32.74 -11.21 22.65
C ARG B 139 -31.83 -12.30 23.16
N LEU B 140 -32.13 -12.76 24.37
CA LEU B 140 -31.27 -13.67 25.12
C LEU B 140 -32.10 -14.88 25.55
N SER B 141 -31.57 -16.08 25.28
CA SER B 141 -32.07 -17.30 25.91
C SER B 141 -31.14 -17.66 27.06
N PHE B 142 -31.72 -17.86 28.25
CA PHE B 142 -30.91 -18.18 29.44
C PHE B 142 -31.58 -19.20 30.35
N MET B 143 -30.80 -19.73 31.29
CA MET B 143 -31.23 -20.82 32.17
C MET B 143 -32.21 -20.34 33.23
N CYS B 144 -33.42 -20.90 33.20
CA CYS B 144 -34.50 -20.47 34.08
C CYS B 144 -35.60 -21.54 34.10
N ASP B 145 -36.04 -21.92 35.30
CA ASP B 145 -37.09 -22.90 35.47
C ASP B 145 -38.43 -22.15 35.60
N PRO B 146 -39.30 -22.23 34.58
CA PRO B 146 -40.59 -21.54 34.59
C PRO B 146 -41.72 -22.28 35.32
N THR B 147 -41.46 -23.47 35.86
CA THR B 147 -42.49 -24.22 36.60
C THR B 147 -43.09 -23.34 37.71
N GLY B 148 -44.42 -23.15 37.65
CA GLY B 148 -45.15 -22.29 38.58
C GLY B 148 -45.46 -20.90 38.05
N VAL B 149 -45.05 -20.62 36.82
CA VAL B 149 -45.28 -19.32 36.20
C VAL B 149 -46.79 -19.03 36.11
N ASP B 150 -47.59 -20.08 36.02
CA ASP B 150 -49.05 -19.96 35.92
C ASP B 150 -49.78 -19.83 37.27
N SER B 151 -49.06 -19.49 38.33
CA SER B 151 -49.64 -19.34 39.65
C SER B 151 -49.63 -17.86 40.06
N GLU B 152 -50.24 -17.59 41.21
CA GLU B 152 -50.21 -16.26 41.77
C GLU B 152 -48.82 -15.84 42.22
N GLU B 153 -48.07 -16.69 42.88
CA GLU B 153 -46.71 -16.38 43.34
C GLU B 153 -45.69 -16.14 42.21
N GLY B 154 -45.90 -16.80 41.07
CA GLY B 154 -44.99 -16.71 39.94
C GLY B 154 -43.68 -17.43 40.17
N VAL B 155 -42.70 -17.10 39.34
CA VAL B 155 -41.35 -17.65 39.46
C VAL B 155 -40.35 -16.52 39.49
N THR B 156 -39.18 -16.83 39.99
CA THR B 156 -38.06 -15.90 39.99
C THR B 156 -36.96 -16.50 39.15
N CYS B 157 -36.33 -15.69 38.31
CA CYS B 157 -35.16 -16.11 37.55
C CYS B 157 -34.10 -15.05 37.55
N ALA B 158 -32.88 -15.49 37.26
CA ALA B 158 -31.70 -14.65 37.39
C ALA B 158 -30.61 -14.93 36.35
N VAL B 159 -29.96 -13.85 35.90
CA VAL B 159 -28.81 -14.00 35.01
C VAL B 159 -27.80 -12.88 35.29
N LYS B 160 -26.55 -13.29 35.41
CA LYS B 160 -25.45 -12.40 35.69
C LYS B 160 -24.81 -11.90 34.39
N PHE B 161 -24.45 -10.61 34.37
CA PHE B 161 -23.76 -10.00 33.24
C PHE B 161 -22.45 -9.38 33.72
N GLY B 162 -21.34 -9.76 33.10
CA GLY B 162 -20.03 -9.19 33.39
C GLY B 162 -19.01 -9.41 32.29
N SER B 163 -17.83 -8.84 32.45
CA SER B 163 -16.72 -9.13 31.55
C SER B 163 -16.46 -10.63 31.61
N TRP B 164 -16.27 -11.23 30.45
CA TRP B 164 -15.82 -12.61 30.38
C TRP B 164 -14.37 -12.76 30.80
N VAL B 165 -13.52 -11.82 30.39
CA VAL B 165 -12.06 -12.00 30.54
C VAL B 165 -11.34 -11.05 31.50
N TYR B 166 -11.98 -9.94 31.89
CA TYR B 166 -11.32 -8.98 32.76
C TYR B 166 -11.82 -9.05 34.20
N SER B 167 -10.87 -9.14 35.13
CA SER B 167 -11.16 -9.14 36.56
C SER B 167 -11.58 -7.76 37.05
N GLY B 168 -11.93 -7.70 38.33
CA GLY B 168 -12.27 -6.44 39.00
C GLY B 168 -11.15 -5.42 39.00
N PHE B 169 -9.90 -5.87 38.86
CA PHE B 169 -8.76 -4.96 38.82
C PHE B 169 -8.55 -4.29 37.47
N GLU B 170 -9.29 -4.73 36.44
CA GLU B 170 -9.27 -4.07 35.11
C GLU B 170 -10.64 -3.50 34.71
N ILE B 171 -11.71 -4.26 34.96
CA ILE B 171 -13.08 -3.77 34.75
C ILE B 171 -13.93 -3.94 36.01
N ASP B 172 -14.40 -2.83 36.54
CA ASP B 172 -15.41 -2.78 37.58
C ASP B 172 -16.74 -2.36 36.94
N LEU B 173 -17.84 -2.69 37.59
CA LEU B 173 -19.18 -2.35 37.12
C LEU B 173 -19.92 -1.58 38.19
N LYS B 174 -20.86 -0.75 37.77
CA LYS B 174 -21.84 -0.19 38.66
C LYS B 174 -23.17 0.03 37.96
N THR B 175 -24.21 0.26 38.73
CA THR B 175 -25.51 0.64 38.20
C THR B 175 -25.83 2.04 38.72
N ASP B 176 -26.68 2.78 38.01
CA ASP B 176 -27.20 4.05 38.53
C ASP B 176 -28.38 3.82 39.47
N THR B 177 -29.07 2.71 39.30
CA THR B 177 -30.20 2.36 40.12
C THR B 177 -30.24 0.85 40.18
N ASP B 178 -30.83 0.32 41.24
CA ASP B 178 -31.06 -1.12 41.35
C ASP B 178 -32.38 -1.54 40.72
N GLN B 179 -33.16 -0.57 40.26
CA GLN B 179 -34.45 -0.80 39.61
C GLN B 179 -34.30 -0.87 38.08
N VAL B 180 -34.61 -2.04 37.52
CA VAL B 180 -34.71 -2.24 36.07
C VAL B 180 -35.81 -1.33 35.55
N ASP B 181 -35.57 -0.73 34.38
CA ASP B 181 -36.54 0.18 33.77
C ASP B 181 -37.61 -0.67 33.07
N LEU B 182 -38.83 -0.58 33.60
CA LEU B 182 -39.99 -1.30 33.11
C LEU B 182 -40.97 -0.43 32.31
N SER B 183 -40.56 0.78 31.96
CA SER B 183 -41.49 1.73 31.38
C SER B 183 -41.76 1.51 29.89
N SER B 184 -40.99 0.65 29.22
CA SER B 184 -41.30 0.20 27.85
C SER B 184 -41.68 -1.28 27.83
N TYR B 185 -42.06 -1.84 28.97
CA TYR B 185 -42.44 -3.27 28.99
C TYR B 185 -43.73 -3.46 28.19
N TYR B 186 -43.70 -4.41 27.26
CA TYR B 186 -44.87 -4.73 26.43
C TYR B 186 -46.11 -5.09 27.28
N ALA B 187 -47.11 -4.23 27.20
CA ALA B 187 -48.32 -4.33 28.02
C ALA B 187 -49.14 -5.60 27.73
N SER B 188 -49.08 -6.13 26.51
CA SER B 188 -49.81 -7.36 26.15
C SER B 188 -48.93 -8.61 26.08
N SER B 189 -47.78 -8.59 26.76
CA SER B 189 -46.97 -9.79 26.93
C SER B 189 -47.78 -10.88 27.59
N LYS B 190 -47.36 -12.13 27.37
CA LYS B 190 -47.95 -13.26 28.08
C LYS B 190 -47.60 -13.23 29.53
N TYR B 191 -46.50 -12.56 29.89
CA TYR B 191 -46.01 -12.51 31.26
C TYR B 191 -46.00 -11.09 31.79
N GLU B 192 -46.56 -10.90 32.99
CA GLU B 192 -46.45 -9.63 33.68
C GLU B 192 -45.30 -9.70 34.69
N ILE B 193 -44.65 -8.57 34.88
CA ILE B 193 -43.49 -8.47 35.73
C ILE B 193 -43.94 -8.06 37.13
N LEU B 194 -43.51 -8.82 38.13
CA LEU B 194 -43.78 -8.49 39.53
C LEU B 194 -42.65 -7.64 40.10
N SER B 195 -41.40 -7.99 39.80
CA SER B 195 -40.26 -7.15 40.12
C SER B 195 -39.09 -7.45 39.23
N ALA B 196 -38.19 -6.48 39.14
CA ALA B 196 -37.03 -6.62 38.28
C ALA B 196 -35.91 -5.74 38.82
N THR B 197 -34.84 -6.38 39.29
CA THR B 197 -33.71 -5.68 39.89
C THR B 197 -32.40 -5.97 39.17
N GLN B 198 -31.44 -5.07 39.36
CA GLN B 198 -30.12 -5.18 38.77
C GLN B 198 -29.09 -4.79 39.83
N THR B 199 -28.27 -5.74 40.27
CA THR B 199 -27.47 -5.54 41.46
C THR B 199 -26.03 -6.00 41.24
N ARG B 200 -25.06 -5.14 41.58
CA ARG B 200 -23.65 -5.49 41.51
C ARG B 200 -23.30 -6.63 42.46
N GLN B 201 -22.49 -7.58 42.00
CA GLN B 201 -21.94 -8.67 42.83
C GLN B 201 -20.47 -8.96 42.49
N VAL B 202 -19.81 -9.70 43.37
CA VAL B 202 -18.42 -10.11 43.20
C VAL B 202 -18.37 -11.65 43.19
N GLN B 203 -17.76 -12.25 42.17
CA GLN B 203 -17.67 -13.71 42.05
C GLN B 203 -16.22 -14.12 42.15
N HIS B 204 -16.01 -15.35 42.61
CA HIS B 204 -14.68 -15.96 42.67
C HIS B 204 -14.78 -17.35 42.04
N TYR B 205 -13.78 -17.73 41.23
CA TYR B 205 -13.83 -18.98 40.48
C TYR B 205 -12.57 -19.81 40.75
N SER B 206 -12.71 -21.13 40.78
CA SER B 206 -11.60 -22.08 40.98
C SER B 206 -10.41 -21.82 40.06
N CYS B 207 -10.68 -21.52 38.79
CA CYS B 207 -9.64 -21.31 37.79
C CYS B 207 -8.68 -20.16 38.06
N CYS B 208 -9.11 -19.15 38.82
CA CYS B 208 -8.57 -17.78 38.66
C CYS B 208 -8.47 -17.11 40.01
N PRO B 209 -7.33 -16.44 40.30
CA PRO B 209 -7.16 -15.89 41.68
C PRO B 209 -7.96 -14.61 41.99
N GLU B 210 -8.26 -13.80 40.99
CA GLU B 210 -8.85 -12.46 41.19
C GLU B 210 -10.40 -12.50 41.14
N PRO B 211 -11.07 -11.51 41.75
CA PRO B 211 -12.52 -11.40 41.65
C PRO B 211 -13.01 -10.88 40.30
N TYR B 212 -14.18 -11.37 39.87
CA TYR B 212 -14.83 -10.87 38.64
C TYR B 212 -16.14 -10.23 39.04
N ILE B 213 -16.46 -9.10 38.42
CA ILE B 213 -17.64 -8.33 38.80
C ILE B 213 -18.80 -8.64 37.85
N ASP B 214 -20.01 -8.72 38.38
CA ASP B 214 -21.19 -8.85 37.55
C ASP B 214 -22.33 -7.97 38.05
N VAL B 215 -23.29 -7.75 37.17
CA VAL B 215 -24.59 -7.22 37.54
C VAL B 215 -25.61 -8.34 37.35
N ASN B 216 -26.33 -8.65 38.42
CA ASN B 216 -27.27 -9.76 38.45
C ASN B 216 -28.66 -9.21 38.22
N LEU B 217 -29.23 -9.61 37.08
CA LEU B 217 -30.58 -9.26 36.66
C LEU B 217 -31.53 -10.31 37.25
N VAL B 218 -32.35 -9.89 38.22
CA VAL B 218 -33.33 -10.78 38.89
C VAL B 218 -34.72 -10.36 38.47
N VAL B 219 -35.46 -11.27 37.84
CA VAL B 219 -36.79 -10.98 37.33
C VAL B 219 -37.78 -11.97 37.91
N LYS B 220 -38.85 -11.42 38.49
CA LYS B 220 -39.92 -12.19 39.04
C LYS B 220 -41.16 -11.92 38.20
N PHE B 221 -41.80 -12.97 37.71
CA PHE B 221 -42.88 -12.83 36.75
C PHE B 221 -43.91 -13.96 36.81
N ARG B 222 -45.05 -13.72 36.16
CA ARG B 222 -46.10 -14.74 36.04
C ARG B 222 -46.94 -14.50 34.82
N GLU B 223 -47.77 -15.48 34.47
CA GLU B 223 -48.72 -15.33 33.36
C GLU B 223 -49.74 -14.21 33.63
N ARG B 224 -50.08 -13.43 32.61
CA ARG B 224 -51.00 -12.28 32.71
C ARG B 224 -52.47 -12.68 32.62
N GLN C 20 -20.40 2.95 -20.06
CA GLN C 20 -19.74 2.46 -18.84
C GLN C 20 -18.68 3.47 -18.38
N ALA C 21 -17.88 3.99 -19.32
CA ALA C 21 -16.77 4.90 -19.00
C ALA C 21 -17.20 6.11 -18.16
N ASN C 22 -18.30 6.73 -18.56
CA ASN C 22 -18.82 7.88 -17.85
C ASN C 22 -19.31 7.54 -16.44
N LEU C 23 -20.03 6.43 -16.29
CA LEU C 23 -20.49 6.04 -14.96
C LEU C 23 -19.32 5.63 -14.06
N MET C 24 -18.35 4.89 -14.61
CA MET C 24 -17.13 4.54 -13.87
C MET C 24 -16.44 5.78 -13.31
N ARG C 25 -16.31 6.83 -14.13
CA ARG C 25 -15.73 8.11 -13.70
C ARG C 25 -16.50 8.73 -12.57
N LEU C 26 -17.83 8.79 -12.73
CA LEU C 26 -18.70 9.38 -11.75
C LEU C 26 -18.58 8.69 -10.39
N LYS C 27 -18.60 7.37 -10.42
CA LYS C 27 -18.54 6.60 -9.18
C LYS C 27 -17.19 6.79 -8.49
N SER C 28 -16.14 6.78 -9.30
CA SER C 28 -14.78 7.05 -8.82
C SER C 28 -14.63 8.47 -8.20
N ASP C 29 -15.14 9.48 -8.90
CA ASP C 29 -15.14 10.84 -8.38
C ASP C 29 -15.96 10.97 -7.10
N LEU C 30 -17.11 10.31 -7.02
CA LEU C 30 -17.93 10.34 -5.79
C LEU C 30 -17.37 9.53 -4.61
N PHE C 31 -16.78 8.35 -4.86
CA PHE C 31 -16.49 7.37 -3.80
C PHE C 31 -15.03 7.09 -3.44
N ASN C 32 -14.09 7.21 -4.39
CA ASN C 32 -12.65 7.06 -4.10
C ASN C 32 -12.04 8.33 -3.57
N ARG C 33 -12.39 9.47 -4.15
CA ARG C 33 -11.84 10.79 -3.73
C ARG C 33 -12.37 11.25 -2.33
N SER C 34 -13.62 10.94 -2.03
CA SER C 34 -14.29 11.43 -0.82
C SER C 34 -13.79 10.73 0.46
N PRO C 35 -13.65 11.49 1.59
CA PRO C 35 -13.81 10.84 2.91
C PRO C 35 -15.30 10.66 3.15
N MET C 36 -15.71 9.50 3.66
CA MET C 36 -17.16 9.13 3.73
C MET C 36 -17.98 10.15 4.55
N TYR C 37 -19.23 10.38 4.15
CA TYR C 37 -20.19 11.18 4.88
C TYR C 37 -20.29 10.64 6.32
N PRO C 38 -20.14 11.49 7.35
CA PRO C 38 -20.11 11.01 8.73
C PRO C 38 -21.50 11.01 9.42
N GLY C 39 -22.56 10.92 8.62
CA GLY C 39 -23.90 11.04 9.14
C GLY C 39 -24.37 12.44 9.43
N PRO C 40 -25.68 12.58 9.70
CA PRO C 40 -26.29 13.86 10.04
C PRO C 40 -25.86 14.40 11.41
N THR C 41 -25.98 15.72 11.58
CA THR C 41 -25.62 16.41 12.85
C THR C 41 -26.69 17.43 13.22
N LYS C 42 -26.57 18.02 14.40
CA LYS C 42 -27.43 19.15 14.77
C LYS C 42 -27.29 20.32 13.80
N ASP C 43 -26.08 20.61 13.33
CA ASP C 43 -25.83 21.72 12.39
C ASP C 43 -26.34 21.45 10.97
N ASP C 44 -26.29 20.18 10.55
CA ASP C 44 -26.72 19.73 9.21
C ASP C 44 -27.65 18.51 9.31
N PRO C 45 -28.89 18.73 9.79
CA PRO C 45 -29.82 17.62 9.97
C PRO C 45 -30.43 17.16 8.66
N LEU C 46 -31.17 16.06 8.74
CA LEU C 46 -31.63 15.34 7.59
C LEU C 46 -33.06 14.91 7.84
N THR C 47 -33.88 14.96 6.81
CA THR C 47 -35.21 14.37 6.86
C THR C 47 -35.25 13.13 5.99
N VAL C 48 -35.68 12.02 6.57
CA VAL C 48 -35.84 10.75 5.86
C VAL C 48 -37.33 10.51 5.64
N THR C 49 -37.70 10.23 4.41
CA THR C 49 -39.08 9.91 4.10
C THR C 49 -39.22 8.38 4.12
N LEU C 50 -40.24 7.88 4.83
CA LEU C 50 -40.54 6.46 4.91
C LEU C 50 -41.94 6.16 4.38
N GLY C 51 -42.06 5.05 3.65
CA GLY C 51 -43.34 4.50 3.22
C GLY C 51 -43.29 2.98 3.23
N PHE C 52 -44.38 2.34 3.65
CA PHE C 52 -44.42 0.88 3.70
C PHE C 52 -45.34 0.34 2.64
N THR C 53 -44.95 -0.75 1.99
CA THR C 53 -45.89 -1.53 1.22
C THR C 53 -45.94 -2.95 1.80
N LEU C 54 -47.10 -3.31 2.35
CA LEU C 54 -47.28 -4.53 3.10
C LEU C 54 -47.64 -5.64 2.14
N GLN C 55 -46.83 -6.70 2.14
CA GLN C 55 -46.98 -7.80 1.21
C GLN C 55 -47.73 -8.99 1.86
N ASP C 56 -47.41 -9.33 3.10
CA ASP C 56 -48.03 -10.47 3.76
C ASP C 56 -47.93 -10.39 5.27
N ILE C 57 -49.00 -10.80 5.95
CA ILE C 57 -48.92 -11.23 7.34
C ILE C 57 -48.80 -12.73 7.18
N VAL C 58 -47.60 -13.24 7.42
CA VAL C 58 -47.28 -14.63 7.14
C VAL C 58 -47.79 -15.54 8.25
N LYS C 59 -47.55 -15.11 9.49
CA LYS C 59 -47.68 -15.99 10.64
C LYS C 59 -47.99 -15.19 11.87
N VAL C 60 -48.72 -15.87 12.75
CA VAL C 60 -49.17 -15.35 14.00
C VAL C 60 -48.77 -16.41 15.03
N ASP C 61 -48.27 -16.03 16.20
CA ASP C 61 -47.96 -17.03 17.25
C ASP C 61 -48.64 -16.60 18.55
N SER C 62 -49.78 -17.22 18.85
CA SER C 62 -50.57 -16.86 20.04
C SER C 62 -49.97 -17.35 21.36
N SER C 63 -48.99 -18.23 21.32
CA SER C 63 -48.32 -18.61 22.58
C SER C 63 -47.15 -17.67 22.98
N THR C 64 -46.62 -16.87 22.04
CA THR C 64 -45.54 -15.90 22.33
C THR C 64 -45.89 -14.44 22.03
N ASN C 65 -47.07 -14.22 21.46
CA ASN C 65 -47.50 -12.90 20.99
C ASN C 65 -46.44 -12.25 20.09
N GLU C 66 -46.10 -13.00 19.05
CA GLU C 66 -45.25 -12.53 17.97
C GLU C 66 -46.05 -12.64 16.67
N VAL C 67 -45.96 -11.63 15.81
CA VAL C 67 -46.53 -11.69 14.46
C VAL C 67 -45.42 -11.37 13.46
N ASP C 68 -45.49 -12.00 12.28
CA ASP C 68 -44.47 -11.92 11.25
C ASP C 68 -45.01 -11.25 9.98
N LEU C 69 -44.39 -10.13 9.60
CA LEU C 69 -44.76 -9.37 8.40
C LEU C 69 -43.70 -9.47 7.34
N VAL C 70 -44.12 -9.37 6.09
CA VAL C 70 -43.23 -9.14 4.96
C VAL C 70 -43.68 -7.87 4.27
N TYR C 71 -42.75 -6.93 4.11
CA TYR C 71 -43.04 -5.62 3.51
C TYR C 71 -41.81 -5.06 2.81
N TYR C 72 -42.02 -3.99 2.06
CA TYR C 72 -40.96 -3.18 1.47
C TYR C 72 -40.99 -1.86 2.21
N GLU C 73 -39.84 -1.39 2.67
CA GLU C 73 -39.72 -0.12 3.34
C GLU C 73 -38.99 0.87 2.41
N GLN C 74 -39.75 1.77 1.79
CA GLN C 74 -39.18 2.81 0.94
C GLN C 74 -38.56 3.92 1.79
N GLN C 75 -37.26 4.15 1.60
CA GLN C 75 -36.51 5.17 2.31
C GLN C 75 -35.97 6.22 1.34
N ARG C 76 -36.15 7.49 1.65
N ARG C 76 -36.15 7.49 1.65
CA ARG C 76 -35.65 8.60 0.81
CA ARG C 76 -35.66 8.60 0.81
C ARG C 76 -34.99 9.68 1.66
N TRP C 77 -33.86 10.17 1.18
CA TRP C 77 -33.15 11.27 1.81
C TRP C 77 -32.27 11.94 0.72
N LYS C 78 -31.57 13.01 1.11
CA LYS C 78 -30.84 13.84 0.15
C LYS C 78 -29.59 14.43 0.78
N LEU C 79 -28.44 14.22 0.12
CA LEU C 79 -27.14 14.72 0.59
C LEU C 79 -26.49 15.59 -0.47
N ASN C 80 -26.02 16.77 -0.06
CA ASN C 80 -25.24 17.64 -0.94
C ASN C 80 -23.98 16.95 -1.45
N SER C 81 -23.35 16.11 -0.64
CA SER C 81 -22.11 15.41 -1.06
C SER C 81 -22.30 14.35 -2.15
N LEU C 82 -23.54 14.00 -2.50
CA LEU C 82 -23.82 13.10 -3.61
C LEU C 82 -24.31 13.81 -4.88
N MET C 83 -24.25 15.14 -4.90
CA MET C 83 -24.58 15.92 -6.11
C MET C 83 -23.53 15.80 -7.21
N TRP C 84 -23.99 15.82 -8.45
CA TRP C 84 -23.10 16.07 -9.59
C TRP C 84 -23.86 16.81 -10.68
N ASP C 85 -23.07 17.37 -11.61
CA ASP C 85 -23.58 18.05 -12.79
C ASP C 85 -23.63 17.00 -13.89
N PRO C 86 -24.84 16.62 -14.36
CA PRO C 86 -24.92 15.60 -15.43
C PRO C 86 -24.16 15.92 -16.70
N ASN C 87 -23.99 17.21 -16.99
CA ASN C 87 -23.25 17.65 -18.16
C ASN C 87 -21.77 17.20 -18.16
N GLU C 88 -21.18 17.09 -16.96
CA GLU C 88 -19.80 16.64 -16.82
C GLU C 88 -19.65 15.11 -16.91
N TYR C 89 -20.75 14.35 -16.93
CA TYR C 89 -20.68 12.89 -16.92
C TYR C 89 -21.62 12.25 -17.93
N GLY C 90 -21.55 12.75 -19.15
CA GLY C 90 -22.27 12.18 -20.29
C GLY C 90 -23.78 12.16 -20.12
N ASN C 91 -24.35 13.19 -19.49
CA ASN C 91 -25.81 13.33 -19.27
C ASN C 91 -26.43 12.27 -18.32
N ILE C 92 -25.60 11.62 -17.49
CA ILE C 92 -26.11 10.67 -16.49
C ILE C 92 -26.84 11.43 -15.38
N THR C 93 -28.12 11.11 -15.21
CA THR C 93 -28.96 11.75 -14.19
C THR C 93 -29.12 10.90 -12.92
N ASP C 94 -28.79 9.61 -12.98
CA ASP C 94 -28.92 8.73 -11.84
C ASP C 94 -28.22 7.41 -12.06
N PHE C 95 -27.99 6.68 -10.98
CA PHE C 95 -27.40 5.37 -11.09
C PHE C 95 -27.75 4.46 -9.92
N ARG C 96 -27.60 3.17 -10.16
CA ARG C 96 -27.72 2.15 -9.12
C ARG C 96 -26.36 1.90 -8.52
N THR C 97 -26.30 1.75 -7.21
CA THR C 97 -25.04 1.38 -6.56
C THR C 97 -25.30 0.62 -5.29
N SER C 98 -24.35 -0.23 -4.95
CA SER C 98 -24.36 -0.97 -3.70
C SER C 98 -24.54 -0.01 -2.52
N ALA C 99 -25.40 -0.40 -1.56
CA ALA C 99 -25.64 0.39 -0.35
C ALA C 99 -24.40 0.54 0.54
N ALA C 100 -23.44 -0.38 0.41
CA ALA C 100 -22.17 -0.28 1.11
C ALA C 100 -21.34 0.94 0.67
N ASP C 101 -21.52 1.40 -0.56
CA ASP C 101 -20.83 2.60 -1.08
C ASP C 101 -21.24 3.92 -0.39
N ILE C 102 -22.40 3.93 0.28
CA ILE C 102 -23.00 5.16 0.82
C ILE C 102 -23.47 4.99 2.27
N TRP C 103 -23.72 6.11 2.92
CA TRP C 103 -24.38 6.11 4.20
C TRP C 103 -25.86 5.76 3.98
N THR C 104 -26.43 5.03 4.94
CA THR C 104 -27.86 4.74 4.95
C THR C 104 -28.38 4.98 6.37
N PRO C 105 -29.63 5.43 6.50
CA PRO C 105 -30.13 5.71 7.84
C PRO C 105 -30.36 4.40 8.63
N ASP C 106 -30.10 4.44 9.94
CA ASP C 106 -30.26 3.32 10.86
C ASP C 106 -31.74 3.13 11.33
N ILE C 107 -32.66 3.07 10.38
CA ILE C 107 -34.08 2.94 10.69
C ILE C 107 -34.33 1.51 11.24
N THR C 108 -34.92 1.44 12.42
CA THR C 108 -34.99 0.24 13.22
C THR C 108 -36.40 0.10 13.78
N ALA C 109 -36.91 -1.13 13.78
CA ALA C 109 -38.18 -1.42 14.44
C ALA C 109 -37.95 -1.40 15.93
N TYR C 110 -38.85 -0.72 16.67
CA TYR C 110 -38.66 -0.53 18.12
C TYR C 110 -39.13 -1.72 18.97
N SER C 111 -39.88 -2.67 18.39
CA SER C 111 -40.45 -3.79 19.13
C SER C 111 -40.29 -5.15 18.44
N SER C 112 -39.17 -5.31 17.74
CA SER C 112 -38.84 -6.59 17.09
C SER C 112 -38.51 -7.64 18.14
N THR C 113 -38.70 -8.91 17.78
CA THR C 113 -38.32 -10.04 18.64
C THR C 113 -37.26 -10.95 18.01
N ARG C 114 -36.78 -10.61 16.81
CA ARG C 114 -35.72 -11.34 16.11
C ARG C 114 -35.00 -10.36 15.20
N PRO C 115 -33.75 -10.66 14.83
CA PRO C 115 -33.17 -9.82 13.78
C PRO C 115 -34.01 -9.86 12.53
N VAL C 116 -34.23 -8.70 11.96
CA VAL C 116 -34.87 -8.53 10.66
C VAL C 116 -34.14 -9.39 9.61
N GLN C 117 -34.90 -10.07 8.76
CA GLN C 117 -34.33 -10.83 7.66
C GLN C 117 -34.46 -10.05 6.34
N VAL C 118 -33.34 -9.87 5.65
CA VAL C 118 -33.30 -9.05 4.44
C VAL C 118 -33.61 -9.92 3.23
N LEU C 119 -34.59 -9.51 2.43
CA LEU C 119 -35.07 -10.32 1.31
C LEU C 119 -34.74 -9.78 -0.06
N SER C 120 -34.14 -8.59 -0.13
CA SER C 120 -33.81 -7.94 -1.40
C SER C 120 -32.34 -7.50 -1.45
N PRO C 121 -31.77 -7.36 -2.65
CA PRO C 121 -30.38 -6.92 -2.77
C PRO C 121 -30.15 -5.53 -2.16
N GLN C 122 -29.00 -5.34 -1.56
CA GLN C 122 -28.69 -4.09 -0.87
C GLN C 122 -28.10 -3.10 -1.90
N ILE C 123 -28.99 -2.53 -2.70
CA ILE C 123 -28.64 -1.66 -3.79
C ILE C 123 -29.60 -0.48 -3.75
N ALA C 124 -29.07 0.73 -3.87
CA ALA C 124 -29.87 1.97 -3.87
C ALA C 124 -29.76 2.74 -5.20
N VAL C 125 -30.61 3.75 -5.36
CA VAL C 125 -30.59 4.59 -6.54
C VAL C 125 -30.23 6.00 -6.10
N VAL C 126 -29.15 6.53 -6.69
CA VAL C 126 -28.69 7.89 -6.41
C VAL C 126 -29.01 8.75 -7.63
N THR C 127 -29.54 9.94 -7.38
CA THR C 127 -29.93 10.88 -8.43
C THR C 127 -29.03 12.14 -8.36
N HIS C 128 -28.86 12.83 -9.48
CA HIS C 128 -27.88 13.92 -9.61
C HIS C 128 -28.03 15.09 -8.64
N ASP C 129 -29.24 15.32 -8.15
CA ASP C 129 -29.48 16.31 -7.08
C ASP C 129 -29.07 15.86 -5.68
N GLY C 130 -28.51 14.66 -5.55
CA GLY C 130 -28.06 14.12 -4.27
C GLY C 130 -29.13 13.30 -3.53
N SER C 131 -30.28 13.11 -4.15
CA SER C 131 -31.33 12.32 -3.50
C SER C 131 -31.10 10.83 -3.73
N VAL C 132 -31.52 10.06 -2.73
CA VAL C 132 -31.30 8.63 -2.70
C VAL C 132 -32.64 7.95 -2.44
N MET C 133 -32.88 6.84 -3.13
CA MET C 133 -33.99 5.96 -2.85
C MET C 133 -33.46 4.55 -2.55
N PHE C 134 -33.94 3.96 -1.46
CA PHE C 134 -33.53 2.62 -1.02
C PHE C 134 -34.78 1.87 -0.52
N ILE C 135 -35.02 0.68 -1.07
CA ILE C 135 -36.26 -0.05 -0.81
C ILE C 135 -35.98 -1.49 -0.36
N PRO C 136 -35.55 -1.67 0.89
CA PRO C 136 -35.31 -3.04 1.37
C PRO C 136 -36.60 -3.80 1.67
N ALA C 137 -36.68 -5.01 1.14
CA ALA C 137 -37.72 -5.95 1.53
C ALA C 137 -37.25 -6.69 2.79
N GLN C 138 -38.14 -6.76 3.77
CA GLN C 138 -37.85 -7.34 5.08
C GLN C 138 -38.92 -8.31 5.55
N ARG C 139 -38.50 -9.27 6.35
CA ARG C 139 -39.41 -10.03 7.18
C ARG C 139 -39.08 -9.72 8.63
N LEU C 140 -40.12 -9.37 9.38
CA LEU C 140 -40.00 -8.86 10.73
C LEU C 140 -40.90 -9.68 11.64
N SER C 141 -40.35 -10.15 12.77
CA SER C 141 -41.15 -10.66 13.88
C SER C 141 -41.23 -9.55 14.93
N PHE C 142 -42.45 -9.21 15.34
CA PHE C 142 -42.64 -8.15 16.33
C PHE C 142 -43.76 -8.46 17.33
N MET C 143 -43.81 -7.67 18.39
CA MET C 143 -44.73 -7.88 19.51
C MET C 143 -46.15 -7.52 19.17
N CYS C 144 -47.04 -8.50 19.24
CA CYS C 144 -48.44 -8.33 18.85
C CYS C 144 -49.27 -9.51 19.39
N ASP C 145 -50.41 -9.18 20.03
CA ASP C 145 -51.32 -10.18 20.57
C ASP C 145 -52.39 -10.47 19.51
N PRO C 146 -52.34 -11.68 18.90
CA PRO C 146 -53.30 -12.05 17.86
C PRO C 146 -54.64 -12.61 18.37
N THR C 147 -54.82 -12.74 19.69
CA THR C 147 -56.08 -13.25 20.24
C THR C 147 -57.27 -12.45 19.70
N GLY C 148 -58.20 -13.14 19.05
CA GLY C 148 -59.37 -12.53 18.41
C GLY C 148 -59.25 -12.34 16.91
N VAL C 149 -58.11 -12.75 16.35
CA VAL C 149 -57.86 -12.60 14.92
C VAL C 149 -58.91 -13.38 14.11
N ASP C 150 -59.45 -14.46 14.71
CA ASP C 150 -60.44 -15.31 14.05
C ASP C 150 -61.89 -14.79 14.16
N SER C 151 -62.08 -13.53 14.51
CA SER C 151 -63.38 -12.93 14.63
C SER C 151 -63.64 -11.93 13.52
N GLU C 152 -64.85 -11.42 13.48
CA GLU C 152 -65.22 -10.37 12.54
C GLU C 152 -64.47 -9.05 12.85
N GLU C 153 -64.40 -8.63 14.11
CA GLU C 153 -63.69 -7.40 14.49
C GLU C 153 -62.17 -7.41 14.22
N GLY C 154 -61.57 -8.60 14.30
CA GLY C 154 -60.14 -8.75 14.15
C GLY C 154 -59.32 -8.20 15.31
N VAL C 155 -58.04 -8.00 15.06
CA VAL C 155 -57.13 -7.43 16.04
C VAL C 155 -56.40 -6.26 15.43
N THR C 156 -55.85 -5.41 16.27
CA THR C 156 -55.02 -4.33 15.86
C THR C 156 -53.64 -4.53 16.43
N CYS C 157 -52.60 -4.29 15.63
CA CYS C 157 -51.23 -4.32 16.11
C CYS C 157 -50.42 -3.17 15.55
N ALA C 158 -49.32 -2.89 16.25
CA ALA C 158 -48.52 -1.70 15.97
C ALA C 158 -47.03 -1.89 16.19
N VAL C 159 -46.23 -1.27 15.33
CA VAL C 159 -44.78 -1.24 15.50
C VAL C 159 -44.21 0.08 15.00
N LYS C 160 -43.35 0.67 15.83
CA LYS C 160 -42.72 1.94 15.52
C LYS C 160 -41.38 1.72 14.82
N PHE C 161 -41.10 2.56 13.82
CA PHE C 161 -39.83 2.55 13.11
C PHE C 161 -39.18 3.92 13.20
N GLY C 162 -37.92 3.95 13.63
CA GLY C 162 -37.15 5.20 13.70
C GLY C 162 -35.65 4.96 13.83
N SER C 163 -34.87 6.03 13.80
CA SER C 163 -33.45 5.93 14.07
C SER C 163 -33.30 5.36 15.47
N TRP C 164 -32.37 4.41 15.64
CA TRP C 164 -32.01 3.93 16.95
C TRP C 164 -31.20 4.97 17.72
N VAL C 165 -30.29 5.67 17.05
CA VAL C 165 -29.31 6.51 17.75
C VAL C 165 -29.41 8.02 17.53
N TYR C 166 -30.14 8.48 16.51
CA TYR C 166 -30.25 9.91 16.24
C TYR C 166 -31.60 10.49 16.68
N SER C 167 -31.52 11.59 17.43
CA SER C 167 -32.68 12.33 17.88
C SER C 167 -33.32 13.11 16.74
N GLY C 168 -34.45 13.75 17.07
CA GLY C 168 -35.15 14.63 16.14
C GLY C 168 -34.34 15.80 15.65
N PHE C 169 -33.31 16.20 16.40
CA PHE C 169 -32.44 17.31 15.99
C PHE C 169 -31.39 16.90 14.95
N GLU C 170 -31.25 15.61 14.67
CA GLU C 170 -30.34 15.11 13.60
C GLU C 170 -31.09 14.36 12.49
N ILE C 171 -32.04 13.50 12.88
CA ILE C 171 -32.92 12.82 11.91
C ILE C 171 -34.40 13.05 12.26
N ASP C 172 -35.10 13.67 11.32
CA ASP C 172 -36.54 13.78 11.34
C ASP C 172 -37.09 12.82 10.28
N LEU C 173 -38.35 12.44 10.44
CA LEU C 173 -39.03 11.55 9.51
C LEU C 173 -40.29 12.21 9.00
N LYS C 174 -40.69 11.82 7.80
CA LYS C 174 -42.02 12.10 7.32
C LYS C 174 -42.53 10.99 6.41
N THR C 175 -43.84 11.00 6.16
CA THR C 175 -44.45 10.10 5.19
C THR C 175 -45.02 10.97 4.08
N ASP C 176 -45.17 10.41 2.88
CA ASP C 176 -45.92 11.10 1.81
C ASP C 176 -47.41 10.89 1.95
N THR C 177 -47.81 9.81 2.60
CA THR C 177 -49.20 9.51 2.83
C THR C 177 -49.28 8.76 4.15
N ASP C 178 -50.42 8.83 4.78
CA ASP C 178 -50.67 8.04 6.00
C ASP C 178 -51.22 6.65 5.67
N GLN C 179 -51.48 6.40 4.39
CA GLN C 179 -51.98 5.12 3.91
C GLN C 179 -50.86 4.18 3.45
N VAL C 180 -50.71 3.06 4.15
CA VAL C 180 -49.83 1.98 3.75
C VAL C 180 -50.28 1.46 2.39
N ASP C 181 -49.33 1.16 1.51
CA ASP C 181 -49.63 0.66 0.17
C ASP C 181 -49.96 -0.84 0.27
N LEU C 182 -51.22 -1.16 -0.02
CA LEU C 182 -51.74 -2.52 0.01
C LEU C 182 -51.94 -3.13 -1.38
N SER C 183 -51.39 -2.50 -2.41
CA SER C 183 -51.66 -2.94 -3.78
C SER C 183 -50.85 -4.17 -4.22
N SER C 184 -49.84 -4.57 -3.43
CA SER C 184 -49.14 -5.86 -3.64
C SER C 184 -49.45 -6.86 -2.53
N TYR C 185 -50.50 -6.62 -1.76
CA TYR C 185 -50.81 -7.54 -0.64
C TYR C 185 -51.23 -8.90 -1.22
N TYR C 186 -50.60 -9.97 -0.73
CA TYR C 186 -50.92 -11.33 -1.16
C TYR C 186 -52.40 -11.67 -0.96
N ALA C 187 -53.10 -11.88 -2.08
CA ALA C 187 -54.54 -12.08 -2.10
C ALA C 187 -54.97 -13.38 -1.41
N SER C 188 -54.10 -14.39 -1.37
CA SER C 188 -54.41 -15.66 -0.68
C SER C 188 -53.72 -15.83 0.67
N SER C 189 -53.31 -14.73 1.30
CA SER C 189 -52.83 -14.76 2.68
C SER C 189 -53.89 -15.35 3.60
N LYS C 190 -53.45 -15.88 4.73
CA LYS C 190 -54.38 -16.34 5.76
C LYS C 190 -55.08 -15.18 6.39
N TYR C 191 -54.49 -13.98 6.31
CA TYR C 191 -55.04 -12.79 6.94
C TYR C 191 -55.38 -11.73 5.91
N GLU C 192 -56.59 -11.18 6.02
CA GLU C 192 -56.97 -10.03 5.21
C GLU C 192 -56.79 -8.75 6.05
N ILE C 193 -56.43 -7.68 5.37
CA ILE C 193 -56.14 -6.41 6.00
C ILE C 193 -57.40 -5.57 6.01
N LEU C 194 -57.77 -5.07 7.19
CA LEU C 194 -58.89 -4.14 7.31
C LEU C 194 -58.45 -2.70 7.20
N SER C 195 -57.32 -2.36 7.82
CA SER C 195 -56.69 -1.07 7.57
C SER C 195 -55.21 -1.13 7.93
N ALA C 196 -54.48 -0.20 7.36
CA ALA C 196 -53.04 -0.14 7.57
C ALA C 196 -52.57 1.29 7.39
N THR C 197 -52.10 1.89 8.49
CA THR C 197 -51.65 3.28 8.48
C THR C 197 -50.20 3.43 8.93
N GLN C 198 -49.61 4.56 8.54
CA GLN C 198 -48.24 4.89 8.87
C GLN C 198 -48.18 6.36 9.26
N THR C 199 -47.88 6.62 10.53
CA THR C 199 -48.08 7.96 11.08
C THR C 199 -46.86 8.41 11.90
N ARG C 200 -46.37 9.61 11.62
CA ARG C 200 -45.27 10.21 12.35
C ARG C 200 -45.64 10.44 13.83
N GLN C 201 -44.74 10.12 14.74
CA GLN C 201 -44.89 10.43 16.18
C GLN C 201 -43.56 10.90 16.80
N VAL C 202 -43.64 11.46 18.00
CA VAL C 202 -42.50 11.94 18.77
C VAL C 202 -42.45 11.18 20.09
N GLN C 203 -41.33 10.56 20.43
CA GLN C 203 -41.17 9.79 21.67
C GLN C 203 -40.15 10.46 22.57
N HIS C 204 -40.26 10.22 23.87
CA HIS C 204 -39.31 10.66 24.87
C HIS C 204 -38.97 9.45 25.75
N TYR C 205 -37.71 9.33 26.13
CA TYR C 205 -37.24 8.16 26.90
C TYR C 205 -36.54 8.59 28.18
N SER C 206 -36.68 7.82 29.25
CA SER C 206 -36.01 8.10 30.55
C SER C 206 -34.51 8.32 30.41
N CYS C 207 -33.84 7.50 29.60
CA CYS C 207 -32.39 7.57 29.44
C CYS C 207 -31.85 8.90 28.88
N CYS C 208 -32.66 9.64 28.13
CA CYS C 208 -32.13 10.53 27.09
C CYS C 208 -32.94 11.82 27.02
N PRO C 209 -32.30 12.99 26.96
CA PRO C 209 -33.07 14.25 27.08
C PRO C 209 -33.85 14.68 25.82
N GLU C 210 -33.40 14.27 24.63
CA GLU C 210 -33.98 14.77 23.37
C GLU C 210 -35.14 13.88 22.83
N PRO C 211 -35.99 14.45 21.99
CA PRO C 211 -37.05 13.64 21.35
C PRO C 211 -36.52 12.77 20.20
N TYR C 212 -37.11 11.59 20.02
CA TYR C 212 -36.79 10.69 18.91
C TYR C 212 -38.04 10.53 18.05
N ILE C 213 -37.87 10.53 16.74
CA ILE C 213 -38.99 10.49 15.82
C ILE C 213 -39.21 9.05 15.34
N ASP C 214 -40.48 8.66 15.20
CA ASP C 214 -40.80 7.38 14.59
C ASP C 214 -41.97 7.48 13.64
N VAL C 215 -42.10 6.47 12.79
CA VAL C 215 -43.32 6.24 12.03
C VAL C 215 -43.96 4.96 12.59
N ASN C 216 -45.21 5.09 13.01
CA ASN C 216 -45.92 4.01 13.67
C ASN C 216 -46.81 3.33 12.64
N LEU C 217 -46.47 2.07 12.35
CA LEU C 217 -47.19 1.21 11.44
C LEU C 217 -48.29 0.51 12.24
N VAL C 218 -49.54 0.87 11.97
CA VAL C 218 -50.72 0.30 12.65
C VAL C 218 -51.48 -0.57 11.65
N VAL C 219 -51.63 -1.86 11.95
CA VAL C 219 -52.26 -2.81 11.05
C VAL C 219 -53.39 -3.51 11.78
N LYS C 220 -54.57 -3.46 11.15
CA LYS C 220 -55.73 -4.12 11.66
C LYS C 220 -56.09 -5.23 10.69
N PHE C 221 -56.24 -6.44 11.20
CA PHE C 221 -56.41 -7.61 10.34
C PHE C 221 -57.21 -8.73 10.98
N ARG C 222 -57.61 -9.69 10.15
CA ARG C 222 -58.32 -10.88 10.62
C ARG C 222 -58.14 -12.02 9.66
N GLU C 223 -58.52 -13.23 10.09
CA GLU C 223 -58.49 -14.41 9.24
C GLU C 223 -59.41 -14.26 8.03
N ARG C 224 -58.98 -14.72 6.85
CA ARG C 224 -59.73 -14.63 5.58
C ARG C 224 -60.72 -15.77 5.41
N GLN D 20 -1.53 -23.24 -17.02
CA GLN D 20 -1.84 -22.39 -15.85
C GLN D 20 -1.31 -20.96 -16.04
N ALA D 21 -0.08 -20.85 -16.56
CA ALA D 21 0.52 -19.53 -16.86
C ALA D 21 -0.36 -18.64 -17.72
N ASN D 22 -0.93 -19.22 -18.78
CA ASN D 22 -1.80 -18.48 -19.67
C ASN D 22 -3.11 -18.04 -19.01
N LEU D 23 -3.73 -18.92 -18.23
CA LEU D 23 -4.95 -18.55 -17.53
C LEU D 23 -4.69 -17.49 -16.45
N MET D 24 -3.59 -17.64 -15.71
CA MET D 24 -3.18 -16.65 -14.72
C MET D 24 -3.05 -15.26 -15.34
N ARG D 25 -2.42 -15.18 -16.53
CA ARG D 25 -2.28 -13.93 -17.27
C ARG D 25 -3.63 -13.33 -17.64
N LEU D 26 -4.50 -14.18 -18.18
CA LEU D 26 -5.82 -13.76 -18.62
C LEU D 26 -6.63 -13.18 -17.46
N LYS D 27 -6.62 -13.87 -16.34
CA LYS D 27 -7.38 -13.43 -15.18
C LYS D 27 -6.84 -12.11 -14.64
N SER D 28 -5.52 -12.02 -14.60
CA SER D 28 -4.83 -10.78 -14.20
C SER D 28 -5.15 -9.60 -15.14
N ASP D 29 -5.07 -9.82 -16.44
CA ASP D 29 -5.43 -8.81 -17.43
C ASP D 29 -6.91 -8.39 -17.33
N LEU D 30 -7.81 -9.35 -17.10
CA LEU D 30 -9.24 -9.03 -16.93
C LEU D 30 -9.62 -8.36 -15.60
N PHE D 31 -8.99 -8.76 -14.49
CA PHE D 31 -9.48 -8.40 -13.15
C PHE D 31 -8.63 -7.45 -12.31
N ASN D 32 -7.30 -7.44 -12.46
CA ASN D 32 -6.41 -6.50 -11.74
C ASN D 32 -6.33 -5.16 -12.44
N ARG D 33 -6.20 -5.18 -13.78
CA ARG D 33 -6.13 -3.93 -14.58
C ARG D 33 -7.44 -3.13 -14.63
N SER D 34 -8.58 -3.83 -14.65
CA SER D 34 -9.89 -3.19 -14.84
C SER D 34 -10.37 -2.39 -13.61
N PRO D 35 -11.01 -1.21 -13.82
CA PRO D 35 -11.99 -0.73 -12.83
C PRO D 35 -13.27 -1.53 -13.04
N MET D 36 -13.91 -1.98 -11.97
CA MET D 36 -15.05 -2.93 -12.04
C MET D 36 -16.22 -2.39 -12.92
N TYR D 37 -16.89 -3.30 -13.63
CA TYR D 37 -18.09 -3.00 -14.39
C TYR D 37 -19.11 -2.37 -13.44
N PRO D 38 -19.70 -1.21 -13.78
CA PRO D 38 -20.62 -0.54 -12.84
C PRO D 38 -22.11 -0.91 -13.06
N GLY D 39 -22.35 -2.09 -13.60
CA GLY D 39 -23.71 -2.50 -13.94
C GLY D 39 -24.25 -1.89 -15.24
N PRO D 40 -25.40 -2.41 -15.70
CA PRO D 40 -26.07 -1.92 -16.89
C PRO D 40 -26.68 -0.53 -16.72
N THR D 41 -26.89 0.17 -17.84
CA THR D 41 -27.49 1.52 -17.87
C THR D 41 -28.51 1.63 -19.00
N LYS D 42 -29.22 2.76 -19.05
CA LYS D 42 -30.10 3.03 -20.18
C LYS D 42 -29.33 3.07 -21.51
N ASP D 43 -28.12 3.64 -21.51
CA ASP D 43 -27.30 3.73 -22.74
C ASP D 43 -26.70 2.39 -23.18
N ASP D 44 -26.38 1.52 -22.21
CA ASP D 44 -25.79 0.20 -22.43
C ASP D 44 -26.55 -0.89 -21.65
N PRO D 45 -27.78 -1.22 -22.10
CA PRO D 45 -28.59 -2.19 -21.39
C PRO D 45 -28.15 -3.61 -21.66
N LEU D 46 -28.77 -4.53 -20.93
CA LEU D 46 -28.32 -5.90 -20.88
C LEU D 46 -29.55 -6.80 -20.90
N THR D 47 -29.45 -7.91 -21.59
CA THR D 47 -30.45 -8.95 -21.53
C THR D 47 -29.89 -10.16 -20.78
N VAL D 48 -30.62 -10.60 -19.76
CA VAL D 48 -30.27 -11.77 -18.97
C VAL D 48 -31.20 -12.91 -19.35
N THR D 49 -30.65 -14.06 -19.66
CA THR D 49 -31.44 -15.23 -19.95
C THR D 49 -31.57 -16.04 -18.65
N LEU D 50 -32.80 -16.44 -18.32
CA LEU D 50 -33.10 -17.26 -17.15
C LEU D 50 -33.73 -18.59 -17.58
N GLY D 51 -33.32 -19.66 -16.89
CA GLY D 51 -33.96 -20.96 -16.99
C GLY D 51 -33.96 -21.64 -15.61
N PHE D 52 -35.03 -22.34 -15.29
CA PHE D 52 -35.12 -23.05 -14.02
C PHE D 52 -35.03 -24.54 -14.25
N THR D 53 -34.33 -25.26 -13.39
CA THR D 53 -34.51 -26.69 -13.27
C THR D 53 -34.98 -27.02 -11.85
N LEU D 54 -36.20 -27.53 -11.76
CA LEU D 54 -36.87 -27.75 -10.48
C LEU D 54 -36.50 -29.13 -9.97
N GLN D 55 -35.91 -29.17 -8.79
CA GLN D 55 -35.40 -30.40 -8.22
C GLN D 55 -36.39 -31.03 -7.21
N ASP D 56 -36.99 -30.20 -6.35
CA ASP D 56 -37.91 -30.71 -5.34
C ASP D 56 -38.85 -29.64 -4.83
N ILE D 57 -40.11 -30.04 -4.61
CA ILE D 57 -41.00 -29.31 -3.71
C ILE D 57 -40.82 -30.06 -2.42
N VAL D 58 -40.11 -29.46 -1.49
CA VAL D 58 -39.71 -30.14 -0.25
C VAL D 58 -40.86 -30.17 0.75
N LYS D 59 -41.52 -29.02 0.89
CA LYS D 59 -42.42 -28.79 1.98
C LYS D 59 -43.49 -27.80 1.60
N VAL D 60 -44.63 -27.98 2.24
CA VAL D 60 -45.81 -27.18 2.06
C VAL D 60 -46.22 -26.81 3.50
N ASP D 61 -46.61 -25.57 3.76
CA ASP D 61 -47.15 -25.21 5.09
C ASP D 61 -48.52 -24.56 4.94
N SER D 62 -49.57 -25.33 5.19
CA SER D 62 -50.95 -24.88 5.04
C SER D 62 -51.41 -23.91 6.14
N SER D 63 -50.67 -23.78 7.22
CA SER D 63 -51.05 -22.78 8.23
C SER D 63 -50.45 -21.37 7.95
N THR D 64 -49.41 -21.27 7.11
CA THR D 64 -48.79 -19.98 6.72
C THR D 64 -48.84 -19.66 5.24
N ASN D 65 -49.32 -20.61 4.43
CA ASN D 65 -49.30 -20.52 2.97
C ASN D 65 -47.92 -20.16 2.45
N GLU D 66 -46.95 -20.98 2.85
CA GLU D 66 -45.59 -20.95 2.35
C GLU D 66 -45.30 -22.30 1.74
N VAL D 67 -44.62 -22.32 0.59
CA VAL D 67 -44.12 -23.55 -0.03
C VAL D 67 -42.62 -23.39 -0.28
N ASP D 68 -41.88 -24.49 -0.15
CA ASP D 68 -40.43 -24.52 -0.24
C ASP D 68 -39.94 -25.31 -1.44
N LEU D 69 -39.20 -24.65 -2.33
CA LEU D 69 -38.64 -25.28 -3.53
C LEU D 69 -37.14 -25.37 -3.46
N VAL D 70 -36.61 -26.38 -4.14
CA VAL D 70 -35.18 -26.47 -4.41
C VAL D 70 -35.04 -26.55 -5.94
N TYR D 71 -34.23 -25.65 -6.50
CA TYR D 71 -34.03 -25.54 -7.93
C TYR D 71 -32.63 -25.00 -8.25
N TYR D 72 -32.27 -25.09 -9.53
CA TYR D 72 -31.10 -24.43 -10.07
C TYR D 72 -31.60 -23.32 -10.98
N GLU D 73 -31.07 -22.13 -10.83
CA GLU D 73 -31.43 -20.99 -11.66
C GLU D 73 -30.26 -20.67 -12.61
N GLN D 74 -30.40 -21.07 -13.88
CA GLN D 74 -29.41 -20.78 -14.90
C GLN D 74 -29.54 -19.32 -15.35
N GLN D 75 -28.45 -18.56 -15.18
CA GLN D 75 -28.37 -17.16 -15.58
C GLN D 75 -27.31 -16.97 -16.65
N ARG D 76 -27.65 -16.23 -17.72
N ARG D 76 -27.65 -16.23 -17.72
CA ARG D 76 -26.73 -15.95 -18.83
CA ARG D 76 -26.72 -15.94 -18.83
C ARG D 76 -26.82 -14.49 -19.23
N TRP D 77 -25.66 -13.87 -19.45
CA TRP D 77 -25.56 -12.51 -19.93
C TRP D 77 -24.20 -12.34 -20.61
N LYS D 78 -23.94 -11.15 -21.16
CA LYS D 78 -22.77 -10.93 -22.01
C LYS D 78 -22.26 -9.49 -21.86
N LEU D 79 -20.97 -9.36 -21.55
CA LEU D 79 -20.33 -8.05 -21.37
C LEU D 79 -19.14 -7.90 -22.32
N ASN D 80 -19.08 -6.77 -23.02
CA ASN D 80 -17.91 -6.47 -23.86
C ASN D 80 -16.62 -6.41 -23.05
N SER D 81 -16.68 -5.95 -21.80
CA SER D 81 -15.49 -5.84 -20.96
C SER D 81 -14.89 -7.18 -20.50
N LEU D 82 -15.59 -8.29 -20.73
CA LEU D 82 -15.05 -9.63 -20.46
C LEU D 82 -14.56 -10.37 -21.72
N MET D 83 -14.52 -9.69 -22.86
CA MET D 83 -13.97 -10.28 -24.10
C MET D 83 -12.46 -10.44 -24.07
N TRP D 84 -11.97 -11.50 -24.69
CA TRP D 84 -10.57 -11.61 -25.05
C TRP D 84 -10.41 -12.39 -26.37
N ASP D 85 -9.23 -12.25 -26.95
CA ASP D 85 -8.83 -12.97 -28.15
C ASP D 85 -8.11 -14.23 -27.66
N PRO D 86 -8.70 -15.42 -27.90
CA PRO D 86 -8.04 -16.67 -27.44
C PRO D 86 -6.62 -16.88 -27.95
N ASN D 87 -6.31 -16.32 -29.12
CA ASN D 87 -4.98 -16.42 -29.70
C ASN D 87 -3.90 -15.76 -28.84
N GLU D 88 -4.25 -14.71 -28.10
CA GLU D 88 -3.32 -14.02 -27.22
C GLU D 88 -3.12 -14.77 -25.87
N TYR D 89 -3.92 -15.80 -25.57
CA TYR D 89 -3.86 -16.47 -24.28
C TYR D 89 -3.88 -17.98 -24.40
N GLY D 90 -3.01 -18.48 -25.27
CA GLY D 90 -2.79 -19.92 -25.43
C GLY D 90 -4.03 -20.70 -25.83
N ASN D 91 -4.87 -20.12 -26.69
CA ASN D 91 -6.12 -20.77 -27.18
C ASN D 91 -7.20 -21.03 -26.11
N ILE D 92 -7.14 -20.33 -24.98
CA ILE D 92 -8.17 -20.47 -23.93
C ILE D 92 -9.46 -19.81 -24.40
N THR D 93 -10.52 -20.60 -24.49
CA THR D 93 -11.84 -20.13 -24.92
C THR D 93 -12.78 -19.82 -23.77
N ASP D 94 -12.49 -20.31 -22.57
CA ASP D 94 -13.34 -20.07 -21.40
C ASP D 94 -12.65 -20.45 -20.11
N PHE D 95 -13.20 -19.98 -19.00
CA PHE D 95 -12.68 -20.38 -17.70
C PHE D 95 -13.72 -20.27 -16.60
N ARG D 96 -13.44 -20.99 -15.52
CA ARG D 96 -14.21 -20.89 -14.29
C ARG D 96 -13.60 -19.85 -13.39
N THR D 97 -14.43 -19.04 -12.74
CA THR D 97 -13.93 -18.08 -11.78
C THR D 97 -14.98 -17.79 -10.72
N SER D 98 -14.48 -17.45 -9.54
CA SER D 98 -15.33 -17.03 -8.43
C SER D 98 -16.28 -15.89 -8.88
N ALA D 99 -17.52 -15.98 -8.47
CA ALA D 99 -18.52 -14.94 -8.78
C ALA D 99 -18.21 -13.58 -8.18
N ALA D 100 -17.41 -13.56 -7.12
CA ALA D 100 -16.92 -12.31 -6.54
C ALA D 100 -16.05 -11.50 -7.47
N ASP D 101 -15.35 -12.17 -8.40
CA ASP D 101 -14.51 -11.50 -9.41
C ASP D 101 -15.29 -10.64 -10.42
N ILE D 102 -16.60 -10.88 -10.56
CA ILE D 102 -17.42 -10.25 -11.60
C ILE D 102 -18.74 -9.70 -11.07
N TRP D 103 -19.36 -8.86 -11.87
CA TRP D 103 -20.72 -8.41 -11.61
C TRP D 103 -21.68 -9.59 -11.89
N THR D 104 -22.73 -9.68 -11.10
CA THR D 104 -23.81 -10.65 -11.32
C THR D 104 -25.16 -9.92 -11.19
N PRO D 105 -26.15 -10.34 -11.97
CA PRO D 105 -27.43 -9.63 -11.90
C PRO D 105 -28.15 -9.89 -10.57
N ASP D 106 -28.85 -8.88 -10.06
CA ASP D 106 -29.61 -8.93 -8.81
C ASP D 106 -31.01 -9.60 -8.98
N ILE D 107 -31.05 -10.78 -9.60
CA ILE D 107 -32.30 -11.47 -9.86
C ILE D 107 -32.86 -11.97 -8.53
N THR D 108 -34.11 -11.60 -8.24
CA THR D 108 -34.71 -11.72 -6.93
C THR D 108 -36.13 -12.26 -7.08
N ALA D 109 -36.52 -13.15 -6.18
CA ALA D 109 -37.89 -13.62 -6.12
C ALA D 109 -38.75 -12.52 -5.55
N TYR D 110 -39.89 -12.24 -6.19
CA TYR D 110 -40.76 -11.12 -5.78
C TYR D 110 -41.70 -11.44 -4.61
N SER D 111 -41.84 -12.72 -4.24
CA SER D 111 -42.78 -13.13 -3.20
C SER D 111 -42.18 -14.14 -2.22
N SER D 112 -40.88 -14.02 -1.96
CA SER D 112 -40.21 -14.85 -0.95
C SER D 112 -40.70 -14.48 0.46
N THR D 113 -40.62 -15.44 1.38
CA THR D 113 -40.92 -15.21 2.79
C THR D 113 -39.71 -15.42 3.71
N ARG D 114 -38.55 -15.75 3.16
CA ARG D 114 -37.30 -15.98 3.89
C ARG D 114 -36.13 -15.65 3.01
N PRO D 115 -34.98 -15.34 3.61
CA PRO D 115 -33.80 -15.27 2.72
C PRO D 115 -33.58 -16.59 2.02
N VAL D 116 -33.31 -16.49 0.74
CA VAL D 116 -32.87 -17.62 -0.09
C VAL D 116 -31.66 -18.30 0.54
N GLN D 117 -31.65 -19.63 0.57
CA GLN D 117 -30.49 -20.38 1.04
C GLN D 117 -29.68 -20.92 -0.14
N VAL D 118 -28.38 -20.63 -0.18
CA VAL D 118 -27.53 -20.96 -1.30
C VAL D 118 -26.94 -22.35 -1.09
N LEU D 119 -27.10 -23.22 -2.08
CA LEU D 119 -26.70 -24.63 -1.96
C LEU D 119 -25.50 -25.01 -2.81
N SER D 120 -25.02 -24.11 -3.66
CA SER D 120 -23.92 -24.42 -4.58
C SER D 120 -22.78 -23.40 -4.50
N PRO D 121 -21.55 -23.79 -4.86
CA PRO D 121 -20.43 -22.87 -4.85
C PRO D 121 -20.66 -21.67 -5.79
N GLN D 122 -20.20 -20.52 -5.35
CA GLN D 122 -20.43 -19.29 -6.09
C GLN D 122 -19.33 -19.10 -7.14
N ILE D 123 -19.45 -19.88 -8.23
CA ILE D 123 -18.46 -19.92 -9.28
C ILE D 123 -19.20 -19.86 -10.61
N ALA D 124 -18.72 -19.02 -11.53
CA ALA D 124 -19.31 -18.87 -12.86
C ALA D 124 -18.34 -19.27 -13.98
N VAL D 125 -18.86 -19.35 -15.19
CA VAL D 125 -18.08 -19.68 -16.39
C VAL D 125 -18.11 -18.50 -17.31
N VAL D 126 -16.93 -17.98 -17.64
CA VAL D 126 -16.77 -16.85 -18.57
C VAL D 126 -16.20 -17.39 -19.88
N THR D 127 -16.76 -16.96 -20.99
CA THR D 127 -16.37 -17.39 -22.34
C THR D 127 -15.76 -16.19 -23.10
N HIS D 128 -14.89 -16.50 -24.06
CA HIS D 128 -14.08 -15.47 -24.76
C HIS D 128 -14.85 -14.35 -25.45
N ASP D 129 -16.08 -14.61 -25.86
CA ASP D 129 -16.98 -13.56 -26.41
C ASP D 129 -17.61 -12.63 -25.35
N GLY D 130 -17.25 -12.82 -24.08
CA GLY D 130 -17.77 -12.00 -22.98
C GLY D 130 -19.03 -12.56 -22.35
N SER D 131 -19.48 -13.73 -22.78
CA SER D 131 -20.68 -14.32 -22.20
C SER D 131 -20.34 -15.05 -20.91
N VAL D 132 -21.31 -15.04 -20.00
CA VAL D 132 -21.17 -15.61 -18.67
C VAL D 132 -22.34 -16.55 -18.42
N MET D 133 -22.06 -17.68 -17.80
CA MET D 133 -23.06 -18.60 -17.29
C MET D 133 -22.86 -18.79 -15.78
N PHE D 134 -23.94 -18.68 -15.02
CA PHE D 134 -23.93 -18.81 -13.56
C PHE D 134 -25.19 -19.58 -13.14
N ILE D 135 -25.01 -20.67 -12.37
CA ILE D 135 -26.09 -21.58 -12.05
C ILE D 135 -26.19 -21.84 -10.55
N PRO D 136 -26.72 -20.87 -9.79
CA PRO D 136 -26.88 -21.10 -8.34
C PRO D 136 -28.02 -22.04 -8.00
N ALA D 137 -27.74 -23.02 -7.17
CA ALA D 137 -28.76 -23.85 -6.56
C ALA D 137 -29.28 -23.14 -5.31
N GLN D 138 -30.61 -23.08 -5.18
CA GLN D 138 -31.27 -22.35 -4.11
C GLN D 138 -32.39 -23.16 -3.47
N ARG D 139 -32.65 -22.88 -2.21
CA ARG D 139 -33.90 -23.23 -1.56
C ARG D 139 -34.64 -21.96 -1.22
N LEU D 140 -35.91 -21.91 -1.62
CA LEU D 140 -36.72 -20.71 -1.54
C LEU D 140 -38.02 -21.06 -0.82
N SER D 141 -38.40 -20.23 0.17
CA SER D 141 -39.76 -20.23 0.70
C SER D 141 -40.53 -19.09 0.09
N PHE D 142 -41.68 -19.37 -0.48
CA PHE D 142 -42.50 -18.34 -1.14
C PHE D 142 -44.01 -18.50 -0.90
N MET D 143 -44.75 -17.46 -1.22
CA MET D 143 -46.19 -17.38 -0.94
C MET D 143 -47.01 -18.25 -1.89
N CYS D 144 -47.71 -19.23 -1.32
CA CYS D 144 -48.48 -20.20 -2.08
C CYS D 144 -49.48 -20.91 -1.16
N ASP D 145 -50.73 -21.00 -1.62
CA ASP D 145 -51.79 -21.68 -0.88
C ASP D 145 -51.87 -23.13 -1.35
N PRO D 146 -51.44 -24.11 -0.51
CA PRO D 146 -51.45 -25.51 -0.88
C PRO D 146 -52.81 -26.24 -0.68
N THR D 147 -53.84 -25.55 -0.18
CA THR D 147 -55.16 -26.15 -0.03
C THR D 147 -55.62 -26.83 -1.35
N GLY D 148 -55.88 -28.13 -1.27
CA GLY D 148 -56.27 -28.95 -2.42
C GLY D 148 -55.14 -29.76 -3.04
N VAL D 149 -53.95 -29.64 -2.46
CA VAL D 149 -52.78 -30.37 -2.97
C VAL D 149 -53.02 -31.88 -2.90
N ASP D 150 -53.86 -32.32 -1.96
CA ASP D 150 -54.17 -33.75 -1.79
C ASP D 150 -55.29 -34.28 -2.71
N SER D 151 -55.61 -33.55 -3.77
CA SER D 151 -56.64 -33.97 -4.73
C SER D 151 -56.02 -34.37 -6.04
N GLU D 152 -56.85 -34.86 -6.95
CA GLU D 152 -56.42 -35.18 -8.31
C GLU D 152 -56.06 -33.91 -9.09
N GLU D 153 -56.84 -32.86 -9.02
CA GLU D 153 -56.56 -31.60 -9.73
C GLU D 153 -55.28 -30.87 -9.27
N GLY D 154 -54.95 -31.03 -7.99
CA GLY D 154 -53.79 -30.36 -7.40
C GLY D 154 -54.00 -28.87 -7.21
N VAL D 155 -52.89 -28.17 -7.02
CA VAL D 155 -52.89 -26.73 -6.87
C VAL D 155 -51.91 -26.14 -7.88
N THR D 156 -52.10 -24.85 -8.13
CA THR D 156 -51.18 -24.10 -8.91
C THR D 156 -50.57 -23.03 -8.03
N CYS D 157 -49.25 -22.83 -8.15
CA CYS D 157 -48.57 -21.73 -7.50
C CYS D 157 -47.59 -21.04 -8.41
N ALA D 158 -47.27 -19.80 -8.04
CA ALA D 158 -46.49 -18.92 -8.90
C ALA D 158 -45.55 -17.98 -8.15
N VAL D 159 -44.36 -17.77 -8.71
CA VAL D 159 -43.44 -16.79 -8.16
C VAL D 159 -42.64 -16.13 -9.29
N LYS D 160 -42.58 -14.80 -9.23
CA LYS D 160 -41.90 -14.00 -10.22
C LYS D 160 -40.45 -13.76 -9.82
N PHE D 161 -39.56 -13.82 -10.81
CA PHE D 161 -38.13 -13.53 -10.62
C PHE D 161 -37.72 -12.41 -11.56
N GLY D 162 -37.13 -11.35 -11.01
CA GLY D 162 -36.59 -10.24 -11.79
C GLY D 162 -35.58 -9.39 -11.02
N SER D 163 -34.98 -8.42 -11.70
CA SER D 163 -34.12 -7.46 -11.03
C SER D 163 -34.98 -6.75 -9.97
N TRP D 164 -34.41 -6.59 -8.78
CA TRP D 164 -35.05 -5.77 -7.76
C TRP D 164 -34.98 -4.29 -8.11
N VAL D 165 -33.85 -3.83 -8.64
CA VAL D 165 -33.61 -2.39 -8.78
C VAL D 165 -33.52 -1.84 -10.21
N TYR D 166 -33.35 -2.70 -11.22
CA TYR D 166 -33.24 -2.23 -12.60
C TYR D 166 -34.51 -2.46 -13.41
N SER D 167 -34.96 -1.39 -14.06
CA SER D 167 -36.13 -1.43 -14.93
C SER D 167 -35.82 -2.15 -16.25
N GLY D 168 -36.85 -2.30 -17.07
CA GLY D 168 -36.73 -2.86 -18.41
C GLY D 168 -35.79 -2.10 -19.32
N PHE D 169 -35.55 -0.82 -19.05
CA PHE D 169 -34.62 -0.02 -19.84
C PHE D 169 -33.15 -0.26 -19.52
N GLU D 170 -32.87 -1.01 -18.45
CA GLU D 170 -31.49 -1.41 -18.09
C GLU D 170 -31.28 -2.93 -18.09
N ILE D 171 -32.24 -3.67 -17.55
CA ILE D 171 -32.23 -5.14 -17.60
C ILE D 171 -33.54 -5.67 -18.19
N ASP D 172 -33.41 -6.38 -19.30
CA ASP D 172 -34.48 -7.17 -19.88
C ASP D 172 -34.17 -8.65 -19.61
N LEU D 173 -35.19 -9.48 -19.67
CA LEU D 173 -35.07 -10.91 -19.45
C LEU D 173 -35.63 -11.66 -20.64
N LYS D 174 -35.11 -12.87 -20.87
CA LYS D 174 -35.76 -13.82 -21.74
C LYS D 174 -35.50 -15.24 -21.27
N THR D 175 -36.26 -16.18 -21.81
CA THR D 175 -36.06 -17.60 -21.60
C THR D 175 -35.70 -18.23 -22.92
N ASP D 176 -35.01 -19.37 -22.91
CA ASP D 176 -34.81 -20.16 -24.13
C ASP D 176 -36.01 -21.03 -24.45
N THR D 177 -36.76 -21.38 -23.42
CA THR D 177 -37.93 -22.21 -23.55
C THR D 177 -38.87 -21.78 -22.44
N ASP D 178 -40.15 -22.02 -22.66
CA ASP D 178 -41.15 -21.77 -21.61
C ASP D 178 -41.33 -23.00 -20.72
N GLN D 179 -40.66 -24.11 -21.05
CA GLN D 179 -40.73 -25.35 -20.29
C GLN D 179 -39.60 -25.46 -19.27
N VAL D 180 -39.97 -25.47 -17.97
CA VAL D 180 -39.04 -25.68 -16.88
C VAL D 180 -38.42 -27.08 -17.04
N ASP D 181 -37.14 -27.20 -16.76
CA ASP D 181 -36.46 -28.48 -16.86
C ASP D 181 -36.79 -29.34 -15.61
N LEU D 182 -37.53 -30.42 -15.87
CA LEU D 182 -37.97 -31.38 -14.88
C LEU D 182 -37.21 -32.68 -14.90
N SER D 183 -36.10 -32.73 -15.63
CA SER D 183 -35.39 -34.00 -15.81
C SER D 183 -34.51 -34.39 -14.61
N SER D 184 -34.31 -33.46 -13.64
CA SER D 184 -33.68 -33.80 -12.36
C SER D 184 -34.66 -33.77 -11.20
N TYR D 185 -35.97 -33.80 -11.49
CA TYR D 185 -36.94 -33.72 -10.40
C TYR D 185 -36.88 -35.01 -9.56
N TYR D 186 -36.76 -34.85 -8.25
CA TYR D 186 -36.72 -35.99 -7.32
C TYR D 186 -37.96 -36.90 -7.45
N ALA D 187 -37.72 -38.12 -7.92
CA ALA D 187 -38.76 -39.08 -8.22
C ALA D 187 -39.56 -39.53 -6.97
N SER D 188 -38.96 -39.49 -5.80
CA SER D 188 -39.67 -39.85 -4.54
C SER D 188 -40.06 -38.66 -3.67
N SER D 189 -40.17 -37.48 -4.28
CA SER D 189 -40.74 -36.32 -3.59
C SER D 189 -42.15 -36.63 -3.07
N LYS D 190 -42.57 -35.89 -2.06
CA LYS D 190 -43.95 -35.96 -1.58
C LYS D 190 -44.90 -35.41 -2.60
N TYR D 191 -44.41 -34.54 -3.49
CA TYR D 191 -45.23 -33.90 -4.50
C TYR D 191 -44.76 -34.26 -5.90
N GLU D 192 -45.71 -34.66 -6.76
CA GLU D 192 -45.44 -34.85 -8.18
C GLU D 192 -45.83 -33.59 -8.95
N ILE D 193 -45.06 -33.31 -9.99
CA ILE D 193 -45.25 -32.14 -10.81
C ILE D 193 -46.15 -32.50 -11.96
N LEU D 194 -47.21 -31.71 -12.15
CA LEU D 194 -48.08 -31.87 -13.30
C LEU D 194 -47.60 -30.99 -14.46
N SER D 195 -47.24 -29.74 -14.17
CA SER D 195 -46.61 -28.89 -15.16
C SER D 195 -45.80 -27.80 -14.48
N ALA D 196 -44.87 -27.24 -15.24
CA ALA D 196 -44.00 -26.21 -14.75
C ALA D 196 -43.54 -25.34 -15.91
N THR D 197 -43.94 -24.08 -15.89
CA THR D 197 -43.60 -23.12 -16.94
C THR D 197 -42.84 -21.91 -16.41
N GLN D 198 -42.14 -21.25 -17.33
CA GLN D 198 -41.35 -20.06 -17.04
C GLN D 198 -41.58 -19.05 -18.15
N THR D 199 -42.23 -17.93 -17.83
CA THR D 199 -42.74 -17.03 -18.85
C THR D 199 -42.41 -15.58 -18.54
N ARG D 200 -41.85 -14.86 -19.51
CA ARG D 200 -41.57 -13.44 -19.40
C ARG D 200 -42.85 -12.62 -19.21
N GLN D 201 -42.82 -11.65 -18.28
CA GLN D 201 -43.89 -10.66 -18.08
C GLN D 201 -43.34 -9.26 -17.83
N VAL D 202 -44.21 -8.26 -17.91
CA VAL D 202 -43.89 -6.86 -17.65
C VAL D 202 -44.78 -6.38 -16.49
N GLN D 203 -44.18 -5.81 -15.44
CA GLN D 203 -44.93 -5.32 -14.28
C GLN D 203 -44.80 -3.82 -14.18
N HIS D 204 -45.81 -3.21 -13.57
CA HIS D 204 -45.83 -1.79 -13.27
C HIS D 204 -46.19 -1.60 -11.80
N TYR D 205 -45.53 -0.67 -11.13
CA TYR D 205 -45.71 -0.48 -9.70
C TYR D 205 -46.08 0.96 -9.38
N SER D 206 -46.91 1.17 -8.35
CA SER D 206 -47.28 2.51 -7.85
C SER D 206 -46.07 3.41 -7.57
N CYS D 207 -45.01 2.85 -6.97
CA CYS D 207 -43.83 3.63 -6.60
C CYS D 207 -43.08 4.28 -7.77
N CYS D 208 -43.19 3.72 -8.98
CA CYS D 208 -42.11 3.84 -9.96
C CYS D 208 -42.69 4.00 -11.36
N PRO D 209 -42.15 4.91 -12.18
CA PRO D 209 -42.73 5.14 -13.51
C PRO D 209 -42.43 4.06 -14.59
N GLU D 210 -41.30 3.37 -14.46
CA GLU D 210 -40.82 2.47 -15.55
C GLU D 210 -41.30 1.03 -15.36
N PRO D 211 -41.38 0.24 -16.46
CA PRO D 211 -41.69 -1.18 -16.33
C PRO D 211 -40.51 -2.03 -15.80
N TYR D 212 -40.83 -3.07 -15.04
CA TYR D 212 -39.84 -4.03 -14.54
C TYR D 212 -40.16 -5.38 -15.15
N ILE D 213 -39.13 -6.11 -15.57
CA ILE D 213 -39.33 -7.38 -16.25
C ILE D 213 -39.18 -8.53 -15.25
N ASP D 214 -40.01 -9.57 -15.40
CA ASP D 214 -39.83 -10.77 -14.61
C ASP D 214 -40.05 -12.03 -15.45
N VAL D 215 -39.56 -13.15 -14.92
CA VAL D 215 -39.94 -14.45 -15.41
C VAL D 215 -40.78 -15.12 -14.32
N ASN D 216 -41.98 -15.53 -14.70
CA ASN D 216 -42.96 -16.07 -13.77
C ASN D 216 -42.90 -17.58 -13.85
N LEU D 217 -42.46 -18.18 -12.73
CA LEU D 217 -42.37 -19.62 -12.55
C LEU D 217 -43.73 -20.10 -12.03
N VAL D 218 -44.46 -20.84 -12.89
CA VAL D 218 -45.77 -21.38 -12.55
C VAL D 218 -45.66 -22.89 -12.40
N VAL D 219 -46.00 -23.41 -11.23
CA VAL D 219 -45.85 -24.83 -10.93
C VAL D 219 -47.19 -25.39 -10.47
N LYS D 220 -47.59 -26.47 -11.12
CA LYS D 220 -48.81 -27.16 -10.79
C LYS D 220 -48.43 -28.53 -10.26
N PHE D 221 -48.92 -28.87 -9.07
CA PHE D 221 -48.47 -30.07 -8.40
C PHE D 221 -49.52 -30.68 -7.47
N ARG D 222 -49.26 -31.91 -7.03
CA ARG D 222 -50.10 -32.59 -6.06
C ARG D 222 -49.34 -33.63 -5.29
N GLU D 223 -49.94 -34.14 -4.22
CA GLU D 223 -49.34 -35.23 -3.43
C GLU D 223 -49.18 -36.51 -4.27
N ARG D 224 -48.07 -37.21 -4.11
CA ARG D 224 -47.78 -38.45 -4.88
C ARG D 224 -48.55 -39.76 -4.53
N GLN E 20 10.46 -24.00 13.27
CA GLN E 20 9.40 -22.98 12.94
C GLN E 20 9.89 -22.03 11.86
N ALA E 21 11.16 -21.59 11.96
CA ALA E 21 11.82 -20.77 10.94
C ALA E 21 11.72 -21.38 9.53
N ASN E 22 12.01 -22.67 9.44
CA ASN E 22 11.98 -23.37 8.17
C ASN E 22 10.56 -23.48 7.60
N LEU E 23 9.58 -23.79 8.44
CA LEU E 23 8.21 -23.87 7.96
C LEU E 23 7.67 -22.51 7.54
N MET E 24 7.99 -21.47 8.34
CA MET E 24 7.61 -20.09 7.98
C MET E 24 8.14 -19.71 6.60
N ARG E 25 9.40 -20.05 6.31
CA ARG E 25 10.00 -19.79 4.99
C ARG E 25 9.25 -20.52 3.88
N LEU E 26 8.98 -21.80 4.11
CA LEU E 26 8.29 -22.62 3.13
C LEU E 26 6.92 -22.07 2.78
N LYS E 27 6.16 -21.69 3.81
CA LYS E 27 4.82 -21.18 3.60
C LYS E 27 4.86 -19.85 2.86
N SER E 28 5.80 -19.01 3.26
CA SER E 28 6.04 -17.74 2.58
C SER E 28 6.44 -17.90 1.09
N ASP E 29 7.38 -18.82 0.83
CA ASP E 29 7.77 -19.12 -0.55
C ASP E 29 6.62 -19.70 -1.37
N LEU E 30 5.80 -20.57 -0.77
CA LEU E 30 4.63 -21.12 -1.48
C LEU E 30 3.46 -20.15 -1.69
N PHE E 31 3.17 -19.28 -0.70
CA PHE E 31 1.90 -18.53 -0.67
C PHE E 31 1.97 -17.00 -0.89
N ASN E 32 3.05 -16.34 -0.48
CA ASN E 32 3.23 -14.89 -0.69
C ASN E 32 3.78 -14.59 -2.08
N ARG E 33 4.78 -15.38 -2.52
CA ARG E 33 5.39 -15.19 -3.85
C ARG E 33 4.46 -15.57 -5.03
N SER E 34 3.63 -16.60 -4.84
CA SER E 34 2.79 -17.14 -5.92
C SER E 34 1.62 -16.21 -6.30
N PRO E 35 1.28 -16.11 -7.63
CA PRO E 35 -0.10 -15.78 -8.00
C PRO E 35 -0.91 -17.07 -7.84
N MET E 36 -2.12 -16.98 -7.26
CA MET E 36 -2.90 -18.17 -6.86
C MET E 36 -3.17 -19.12 -8.05
N TYR E 37 -3.17 -20.44 -7.76
CA TYR E 37 -3.55 -21.47 -8.72
C TYR E 37 -4.97 -21.13 -9.22
N PRO E 38 -5.20 -21.08 -10.55
CA PRO E 38 -6.50 -20.67 -11.07
C PRO E 38 -7.46 -21.85 -11.33
N GLY E 39 -7.27 -22.96 -10.61
CA GLY E 39 -8.03 -24.15 -10.82
C GLY E 39 -7.59 -24.98 -12.00
N PRO E 40 -8.15 -26.20 -12.13
CA PRO E 40 -7.85 -27.10 -13.23
C PRO E 40 -8.43 -26.61 -14.57
N THR E 41 -7.84 -27.10 -15.67
CA THR E 41 -8.26 -26.76 -17.05
C THR E 41 -8.29 -28.00 -17.93
N LYS E 42 -8.79 -27.85 -19.15
CA LYS E 42 -8.70 -28.94 -20.12
C LYS E 42 -7.26 -29.35 -20.41
N ASP E 43 -6.33 -28.37 -20.48
CA ASP E 43 -4.91 -28.67 -20.73
C ASP E 43 -4.18 -29.31 -19.55
N ASP E 44 -4.58 -28.94 -18.32
CA ASP E 44 -3.99 -29.45 -17.07
C ASP E 44 -5.09 -29.93 -16.10
N PRO E 45 -5.73 -31.06 -16.42
CA PRO E 45 -6.83 -31.56 -15.58
C PRO E 45 -6.33 -32.23 -14.32
N LEU E 46 -7.28 -32.57 -13.46
CA LEU E 46 -6.99 -33.01 -12.12
C LEU E 46 -7.91 -34.16 -11.77
N THR E 47 -7.38 -35.14 -11.06
CA THR E 47 -8.20 -36.20 -10.48
C THR E 47 -8.28 -36.03 -8.98
N VAL E 48 -9.50 -35.99 -8.46
CA VAL E 48 -9.75 -35.88 -7.01
C VAL E 48 -10.22 -37.24 -6.51
N THR E 49 -9.59 -37.73 -5.46
CA THR E 49 -10.02 -38.97 -4.85
C THR E 49 -10.96 -38.63 -3.68
N LEU E 50 -12.12 -39.30 -3.64
CA LEU E 50 -13.10 -39.13 -2.57
C LEU E 50 -13.35 -40.44 -1.84
N GLY E 51 -13.52 -40.34 -0.52
CA GLY E 51 -13.94 -41.45 0.33
C GLY E 51 -14.80 -40.95 1.49
N PHE E 52 -15.85 -41.67 1.85
CA PHE E 52 -16.74 -41.26 2.91
C PHE E 52 -16.59 -42.14 4.11
N THR E 53 -16.61 -41.56 5.31
CA THR E 53 -16.81 -42.35 6.50
C THR E 53 -18.08 -41.84 7.19
N LEU E 54 -19.08 -42.71 7.26
CA LEU E 54 -20.43 -42.36 7.72
C LEU E 54 -20.47 -42.54 9.22
N GLN E 55 -20.81 -41.46 9.92
CA GLN E 55 -20.80 -41.44 11.36
C GLN E 55 -22.21 -41.65 11.95
N ASP E 56 -23.22 -41.01 11.38
CA ASP E 56 -24.58 -41.11 11.91
C ASP E 56 -25.63 -40.74 10.86
N ILE E 57 -26.73 -41.49 10.86
CA ILE E 57 -27.98 -41.01 10.29
C ILE E 57 -28.69 -40.47 11.51
N VAL E 58 -28.74 -39.15 11.60
CA VAL E 58 -29.24 -38.48 12.80
C VAL E 58 -30.76 -38.47 12.84
N LYS E 59 -31.36 -38.15 11.69
CA LYS E 59 -32.75 -37.78 11.63
C LYS E 59 -33.33 -38.07 10.27
N VAL E 60 -34.61 -38.36 10.30
CA VAL E 60 -35.41 -38.71 9.16
C VAL E 60 -36.64 -37.81 9.26
N ASP E 61 -37.12 -37.22 8.16
CA ASP E 61 -38.37 -36.43 8.19
C ASP E 61 -39.32 -36.96 7.11
N SER E 62 -40.30 -37.77 7.54
CA SER E 62 -41.24 -38.40 6.60
C SER E 62 -42.29 -37.45 6.05
N SER E 63 -42.43 -36.26 6.60
CA SER E 63 -43.36 -35.28 6.01
C SER E 63 -42.73 -34.42 4.89
N THR E 64 -41.39 -34.34 4.83
CA THR E 64 -40.66 -33.59 3.77
C THR E 64 -39.73 -34.43 2.91
N ASN E 65 -39.58 -35.70 3.25
CA ASN E 65 -38.62 -36.60 2.61
C ASN E 65 -37.23 -35.99 2.56
N GLU E 66 -36.75 -35.63 3.75
CA GLU E 66 -35.39 -35.19 3.98
C GLU E 66 -34.77 -36.14 5.00
N VAL E 67 -33.50 -36.53 4.79
CA VAL E 67 -32.74 -37.30 5.78
C VAL E 67 -31.43 -36.55 6.05
N ASP E 68 -30.95 -36.64 7.30
CA ASP E 68 -29.78 -35.92 7.78
C ASP E 68 -28.64 -36.87 8.14
N LEU E 69 -27.50 -36.72 7.45
CA LEU E 69 -26.29 -37.52 7.71
C LEU E 69 -25.19 -36.70 8.32
N VAL E 70 -24.33 -37.36 9.09
CA VAL E 70 -23.08 -36.81 9.53
C VAL E 70 -21.98 -37.76 9.07
N TYR E 71 -20.99 -37.21 8.36
CA TYR E 71 -19.90 -37.99 7.77
C TYR E 71 -18.63 -37.15 7.64
N TYR E 72 -17.53 -37.83 7.35
CA TYR E 72 -16.28 -37.17 6.97
C TYR E 72 -16.06 -37.48 5.50
N GLU E 73 -15.76 -36.46 4.71
CA GLU E 73 -15.46 -36.62 3.30
C GLU E 73 -13.96 -36.42 3.06
N GLN E 74 -13.23 -37.52 2.87
CA GLN E 74 -11.80 -37.48 2.57
C GLN E 74 -11.58 -37.08 1.11
N GLN E 75 -10.87 -35.97 0.89
CA GLN E 75 -10.55 -35.45 -0.43
C GLN E 75 -9.04 -35.45 -0.66
N ARG E 76 -8.60 -35.93 -1.82
CA ARG E 76 -7.17 -35.99 -2.18
C ARG E 76 -6.97 -35.54 -3.62
N TRP E 77 -5.94 -34.71 -3.82
CA TRP E 77 -5.53 -34.28 -5.15
C TRP E 77 -4.05 -33.87 -5.08
N LYS E 78 -3.48 -33.46 -6.21
CA LYS E 78 -2.07 -33.19 -6.32
C LYS E 78 -1.79 -32.06 -7.32
N LEU E 79 -1.03 -31.05 -6.89
CA LEU E 79 -0.65 -29.92 -7.73
C LEU E 79 0.84 -29.75 -7.82
N ASN E 80 1.37 -29.59 -9.03
CA ASN E 80 2.78 -29.28 -9.22
C ASN E 80 3.21 -28.00 -8.51
N SER E 81 2.32 -27.00 -8.47
CA SER E 81 2.65 -25.70 -7.83
C SER E 81 2.78 -25.77 -6.29
N LEU E 82 2.42 -26.89 -5.68
CA LEU E 82 2.64 -27.09 -4.24
C LEU E 82 3.84 -27.98 -3.91
N MET E 83 4.64 -28.33 -4.92
CA MET E 83 5.89 -29.09 -4.70
C MET E 83 6.98 -28.26 -4.04
N TRP E 84 7.77 -28.92 -3.20
CA TRP E 84 9.06 -28.38 -2.77
C TRP E 84 10.06 -29.50 -2.55
N ASP E 85 11.33 -29.11 -2.48
CA ASP E 85 12.44 -30.01 -2.18
C ASP E 85 12.65 -29.93 -0.68
N PRO E 86 12.39 -31.02 0.06
CA PRO E 86 12.59 -30.98 1.53
C PRO E 86 13.98 -30.60 1.99
N ASN E 87 14.99 -30.86 1.17
CA ASN E 87 16.38 -30.51 1.47
C ASN E 87 16.59 -29.00 1.61
N GLU E 88 15.82 -28.20 0.87
CA GLU E 88 15.91 -26.75 0.94
C GLU E 88 15.15 -26.16 2.16
N TYR E 89 14.38 -26.97 2.89
CA TYR E 89 13.55 -26.46 3.99
C TYR E 89 13.63 -27.32 5.24
N GLY E 90 14.85 -27.63 5.63
CA GLY E 90 15.12 -28.33 6.88
C GLY E 90 14.49 -29.70 6.98
N ASN E 91 14.42 -30.44 5.87
CA ASN E 91 13.86 -31.80 5.81
C ASN E 91 12.33 -31.90 6.07
N ILE E 92 11.61 -30.78 5.92
CA ILE E 92 10.15 -30.79 6.08
C ILE E 92 9.50 -31.51 4.89
N THR E 93 8.78 -32.58 5.18
CA THR E 93 8.09 -33.37 4.17
C THR E 93 6.60 -33.05 4.03
N ASP E 94 6.03 -32.35 5.01
CA ASP E 94 4.61 -31.99 4.96
C ASP E 94 4.26 -30.97 6.02
N PHE E 95 3.09 -30.34 5.85
CA PHE E 95 2.62 -29.41 6.86
C PHE E 95 1.11 -29.26 6.85
N ARG E 96 0.59 -28.77 7.96
CA ARG E 96 -0.80 -28.38 8.07
C ARG E 96 -0.95 -26.92 7.71
N THR E 97 -2.00 -26.58 6.97
CA THR E 97 -2.28 -25.18 6.69
C THR E 97 -3.77 -24.95 6.48
N SER E 98 -4.19 -23.75 6.81
CA SER E 98 -5.55 -23.31 6.58
C SER E 98 -5.95 -23.54 5.11
N ALA E 99 -7.16 -24.04 4.90
CA ALA E 99 -7.70 -24.27 3.56
C ALA E 99 -7.85 -23.01 2.72
N ALA E 100 -7.97 -21.87 3.38
CA ALA E 100 -8.00 -20.57 2.70
C ALA E 100 -6.69 -20.26 1.95
N ASP E 101 -5.57 -20.80 2.42
CA ASP E 101 -4.27 -20.62 1.76
C ASP E 101 -4.15 -21.28 0.37
N ILE E 102 -5.03 -22.25 0.07
CA ILE E 102 -4.91 -23.10 -1.12
C ILE E 102 -6.25 -23.21 -1.87
N TRP E 103 -6.15 -23.68 -3.11
CA TRP E 103 -7.32 -24.06 -3.85
C TRP E 103 -7.86 -25.38 -3.27
N THR E 104 -9.18 -25.52 -3.25
CA THR E 104 -9.85 -26.75 -2.87
C THR E 104 -10.94 -27.05 -3.89
N PRO E 105 -11.18 -28.33 -4.17
CA PRO E 105 -12.20 -28.64 -5.18
C PRO E 105 -13.61 -28.30 -4.68
N ASP E 106 -14.46 -27.82 -5.58
CA ASP E 106 -15.84 -27.46 -5.30
C ASP E 106 -16.81 -28.69 -5.27
N ILE E 107 -16.44 -29.71 -4.50
CA ILE E 107 -17.22 -30.93 -4.41
C ILE E 107 -18.53 -30.62 -3.65
N THR E 108 -19.65 -30.92 -4.28
CA THR E 108 -20.96 -30.47 -3.87
C THR E 108 -21.94 -31.63 -3.94
N ALA E 109 -22.81 -31.73 -2.94
CA ALA E 109 -23.90 -32.69 -2.98
C ALA E 109 -24.93 -32.21 -4.00
N TYR E 110 -25.39 -33.10 -4.87
CA TYR E 110 -26.30 -32.71 -5.96
C TYR E 110 -27.77 -32.63 -5.56
N SER E 111 -28.12 -33.14 -4.37
CA SER E 111 -29.53 -33.22 -3.93
C SER E 111 -29.71 -32.79 -2.47
N SER E 112 -28.90 -31.83 -2.02
CA SER E 112 -29.07 -31.23 -0.69
C SER E 112 -30.36 -30.41 -0.63
N THR E 113 -30.91 -30.26 0.57
CA THR E 113 -32.07 -29.40 0.81
C THR E 113 -31.77 -28.22 1.75
N ARG E 114 -30.53 -28.09 2.22
CA ARG E 114 -30.08 -27.01 3.11
C ARG E 114 -28.59 -26.81 2.87
N PRO E 115 -28.07 -25.64 3.20
CA PRO E 115 -26.61 -25.55 3.18
C PRO E 115 -25.99 -26.56 4.14
N VAL E 116 -24.96 -27.21 3.65
CA VAL E 116 -24.13 -28.11 4.45
C VAL E 116 -23.59 -27.39 5.68
N GLN E 117 -23.61 -28.04 6.83
CA GLN E 117 -23.03 -27.47 8.05
C GLN E 117 -21.65 -28.09 8.31
N VAL E 118 -20.65 -27.22 8.49
CA VAL E 118 -19.27 -27.67 8.62
C VAL E 118 -18.97 -27.93 10.09
N LEU E 119 -18.45 -29.12 10.40
CA LEU E 119 -18.24 -29.54 11.79
C LEU E 119 -16.78 -29.64 12.20
N SER E 120 -15.86 -29.46 11.26
CA SER E 120 -14.43 -29.60 11.53
C SER E 120 -13.65 -28.36 11.05
N PRO E 121 -12.48 -28.09 11.66
CA PRO E 121 -11.67 -26.96 11.24
C PRO E 121 -11.23 -27.06 9.78
N GLN E 122 -11.20 -25.93 9.09
CA GLN E 122 -10.89 -25.90 7.68
C GLN E 122 -9.37 -25.82 7.50
N ILE E 123 -8.73 -26.97 7.70
CA ILE E 123 -7.29 -27.10 7.69
C ILE E 123 -6.97 -28.36 6.89
N ALA E 124 -6.00 -28.27 5.97
CA ALA E 124 -5.57 -29.41 5.15
C ALA E 124 -4.10 -29.77 5.40
N VAL E 125 -3.68 -30.90 4.84
CA VAL E 125 -2.29 -31.35 4.93
C VAL E 125 -1.70 -31.36 3.56
N VAL E 126 -0.59 -30.63 3.38
CA VAL E 126 0.14 -30.56 2.12
C VAL E 126 1.44 -31.33 2.27
N THR E 127 1.76 -32.15 1.28
CA THR E 127 2.96 -32.99 1.28
C THR E 127 3.93 -32.51 0.17
N HIS E 128 5.22 -32.76 0.35
CA HIS E 128 6.28 -32.21 -0.53
C HIS E 128 6.16 -32.52 -2.02
N ASP E 129 5.53 -33.63 -2.36
CA ASP E 129 5.22 -33.98 -3.77
C ASP E 129 4.05 -33.19 -4.38
N GLY E 130 3.44 -32.28 -3.61
CA GLY E 130 2.32 -31.47 -4.07
C GLY E 130 0.96 -32.08 -3.79
N SER E 131 0.92 -33.22 -3.10
CA SER E 131 -0.35 -33.84 -2.80
C SER E 131 -0.97 -33.21 -1.54
N VAL E 132 -2.30 -33.18 -1.53
CA VAL E 132 -3.07 -32.55 -0.49
C VAL E 132 -4.11 -33.53 0.03
N MET E 133 -4.30 -33.55 1.34
CA MET E 133 -5.40 -34.28 1.96
C MET E 133 -6.26 -33.29 2.77
N PHE E 134 -7.58 -33.37 2.58
CA PHE E 134 -8.53 -32.49 3.27
C PHE E 134 -9.76 -33.34 3.67
N ILE E 135 -10.13 -33.30 4.95
CA ILE E 135 -11.16 -34.19 5.49
C ILE E 135 -12.24 -33.42 6.26
N PRO E 136 -13.12 -32.72 5.54
CA PRO E 136 -14.19 -31.99 6.23
C PRO E 136 -15.29 -32.88 6.77
N ALA E 137 -15.63 -32.68 8.03
CA ALA E 137 -16.79 -33.29 8.63
C ALA E 137 -18.00 -32.41 8.33
N GLN E 138 -19.09 -33.03 7.89
CA GLN E 138 -20.29 -32.32 7.47
C GLN E 138 -21.56 -32.93 8.04
N ARG E 139 -22.57 -32.10 8.21
CA ARG E 139 -23.94 -32.55 8.33
C ARG E 139 -24.72 -32.06 7.14
N LEU E 140 -25.42 -33.00 6.51
CA LEU E 140 -26.10 -32.80 5.25
C LEU E 140 -27.56 -33.19 5.39
N SER E 141 -28.47 -32.32 4.95
CA SER E 141 -29.86 -32.71 4.71
C SER E 141 -30.03 -32.93 3.22
N PHE E 142 -30.56 -34.09 2.84
CA PHE E 142 -30.73 -34.43 1.43
C PHE E 142 -32.05 -35.18 1.15
N MET E 143 -32.38 -35.27 -0.14
CA MET E 143 -33.67 -35.83 -0.57
C MET E 143 -33.69 -37.35 -0.45
N CYS E 144 -34.62 -37.86 0.35
CA CYS E 144 -34.70 -39.28 0.67
C CYS E 144 -36.07 -39.60 1.28
N ASP E 145 -36.73 -40.63 0.76
CA ASP E 145 -38.02 -41.08 1.27
C ASP E 145 -37.78 -42.18 2.31
N PRO E 146 -38.01 -41.89 3.61
CA PRO E 146 -37.78 -42.86 4.67
C PRO E 146 -38.96 -43.83 4.93
N THR E 147 -40.07 -43.71 4.19
CA THR E 147 -41.19 -44.63 4.34
C THR E 147 -40.72 -46.09 4.25
N GLY E 148 -40.97 -46.86 5.30
CA GLY E 148 -40.54 -48.26 5.41
C GLY E 148 -39.28 -48.47 6.22
N VAL E 149 -38.71 -47.40 6.75
CA VAL E 149 -37.50 -47.47 7.55
C VAL E 149 -37.73 -48.35 8.79
N ASP E 150 -38.96 -48.42 9.27
CA ASP E 150 -39.31 -49.22 10.45
C ASP E 150 -39.60 -50.70 10.15
N SER E 151 -39.19 -51.20 9.00
CA SER E 151 -39.40 -52.59 8.61
C SER E 151 -38.07 -53.34 8.61
N GLU E 152 -38.16 -54.64 8.38
CA GLU E 152 -36.99 -55.46 8.24
C GLU E 152 -36.18 -55.13 6.99
N GLU E 153 -36.84 -54.94 5.84
CA GLU E 153 -36.15 -54.58 4.60
C GLU E 153 -35.45 -53.22 4.60
N GLY E 154 -35.97 -52.27 5.38
CA GLY E 154 -35.47 -50.93 5.40
C GLY E 154 -35.73 -50.12 4.14
N VAL E 155 -34.99 -49.04 3.98
CA VAL E 155 -35.07 -48.19 2.80
C VAL E 155 -33.70 -47.97 2.24
N THR E 156 -33.65 -47.56 0.98
CA THR E 156 -32.42 -47.22 0.33
C THR E 156 -32.49 -45.77 -0.06
N CYS E 157 -31.40 -45.03 0.16
CA CYS E 157 -31.30 -43.65 -0.31
C CYS E 157 -29.95 -43.37 -0.89
N ALA E 158 -29.89 -42.30 -1.68
CA ALA E 158 -28.72 -41.98 -2.50
C ALA E 158 -28.50 -40.48 -2.67
N VAL E 159 -27.22 -40.09 -2.68
CA VAL E 159 -26.85 -38.72 -2.97
C VAL E 159 -25.52 -38.68 -3.72
N LYS E 160 -25.50 -37.91 -4.80
CA LYS E 160 -24.34 -37.76 -5.65
C LYS E 160 -23.47 -36.58 -5.20
N PHE E 161 -22.16 -36.77 -5.24
CA PHE E 161 -21.20 -35.71 -4.92
C PHE E 161 -20.25 -35.51 -6.10
N GLY E 162 -20.14 -34.27 -6.58
CA GLY E 162 -19.21 -33.92 -7.65
C GLY E 162 -18.94 -32.42 -7.75
N SER E 163 -18.04 -32.04 -8.64
CA SER E 163 -17.83 -30.64 -8.94
C SER E 163 -19.16 -30.06 -9.42
N TRP E 164 -19.50 -28.87 -8.91
CA TRP E 164 -20.64 -28.15 -9.43
C TRP E 164 -20.35 -27.57 -10.82
N VAL E 165 -19.15 -27.06 -11.03
CA VAL E 165 -18.86 -26.26 -12.24
C VAL E 165 -17.86 -26.85 -13.23
N TYR E 166 -17.08 -27.86 -12.83
CA TYR E 166 -16.10 -28.44 -13.73
C TYR E 166 -16.53 -29.79 -14.29
N SER E 167 -16.44 -29.92 -15.62
CA SER E 167 -16.76 -31.15 -16.31
C SER E 167 -15.65 -32.21 -16.09
N GLY E 168 -15.91 -33.40 -16.65
CA GLY E 168 -14.95 -34.49 -16.64
C GLY E 168 -13.63 -34.17 -17.31
N PHE E 169 -13.62 -33.20 -18.22
CA PHE E 169 -12.39 -32.79 -18.89
C PHE E 169 -11.48 -31.89 -18.06
N GLU E 170 -11.97 -31.42 -16.91
CA GLU E 170 -11.16 -30.62 -15.97
C GLU E 170 -11.02 -31.30 -14.59
N ILE E 171 -12.12 -31.85 -14.07
CA ILE E 171 -12.09 -32.65 -12.83
C ILE E 171 -12.71 -34.02 -13.04
N ASP E 172 -11.89 -35.05 -12.82
CA ASP E 172 -12.33 -36.42 -12.74
C ASP E 172 -12.28 -36.84 -11.27
N LEU E 173 -13.04 -37.88 -10.93
CA LEU E 173 -13.09 -38.42 -9.57
C LEU E 173 -12.76 -39.89 -9.60
N LYS E 174 -12.24 -40.38 -8.48
CA LYS E 174 -12.17 -41.80 -8.22
C LYS E 174 -12.31 -42.09 -6.73
N THR E 175 -12.54 -43.35 -6.40
CA THR E 175 -12.53 -43.82 -5.03
C THR E 175 -11.40 -44.82 -4.86
N ASP E 176 -10.90 -45.01 -3.65
CA ASP E 176 -9.98 -46.11 -3.36
C ASP E 176 -10.69 -47.42 -3.14
N THR E 177 -11.94 -47.34 -2.70
CA THR E 177 -12.75 -48.52 -2.46
C THR E 177 -14.19 -48.11 -2.73
N ASP E 178 -15.01 -49.08 -3.06
CA ASP E 178 -16.44 -48.85 -3.22
C ASP E 178 -17.20 -49.01 -1.89
N GLN E 179 -16.49 -49.43 -0.85
CA GLN E 179 -17.05 -49.57 0.49
C GLN E 179 -16.86 -48.33 1.35
N VAL E 180 -17.98 -47.72 1.74
CA VAL E 180 -18.01 -46.62 2.71
C VAL E 180 -17.44 -47.15 4.03
N ASP E 181 -16.64 -46.33 4.70
CA ASP E 181 -16.04 -46.73 5.96
C ASP E 181 -17.08 -46.54 7.08
N LEU E 182 -17.49 -47.68 7.66
CA LEU E 182 -18.48 -47.74 8.73
C LEU E 182 -17.87 -48.02 10.10
N SER E 183 -16.55 -47.90 10.22
CA SER E 183 -15.89 -48.27 11.47
C SER E 183 -16.00 -47.20 12.57
N SER E 184 -16.48 -45.99 12.25
CA SER E 184 -16.82 -44.96 13.22
C SER E 184 -18.33 -44.74 13.33
N TYR E 185 -19.13 -45.67 12.80
CA TYR E 185 -20.58 -45.45 12.83
C TYR E 185 -21.09 -45.53 14.27
N TYR E 186 -21.84 -44.52 14.68
CA TYR E 186 -22.40 -44.47 16.04
C TYR E 186 -23.28 -45.72 16.35
N ALA E 187 -22.79 -46.50 17.30
CA ALA E 187 -23.39 -47.80 17.64
C ALA E 187 -24.80 -47.65 18.23
N SER E 188 -25.13 -46.53 18.87
CA SER E 188 -26.48 -46.30 19.43
C SER E 188 -27.34 -45.34 18.61
N SER E 189 -27.02 -45.18 17.32
CA SER E 189 -27.89 -44.46 16.42
C SER E 189 -29.29 -45.07 16.41
N LYS E 190 -30.28 -44.26 16.03
CA LYS E 190 -31.63 -44.78 15.81
C LYS E 190 -31.69 -45.67 14.62
N TYR E 191 -30.74 -45.51 13.68
CA TYR E 191 -30.72 -46.27 12.45
C TYR E 191 -29.45 -47.12 12.33
N GLU E 192 -29.64 -48.40 12.02
CA GLU E 192 -28.51 -49.27 11.71
C GLU E 192 -28.34 -49.36 10.19
N ILE E 193 -27.09 -49.49 9.77
CA ILE E 193 -26.72 -49.50 8.38
C ILE E 193 -26.68 -50.93 7.90
N LEU E 194 -27.37 -51.21 6.80
CA LEU E 194 -27.34 -52.51 6.15
C LEU E 194 -26.25 -52.56 5.08
N SER E 195 -26.12 -51.51 4.30
CA SER E 195 -24.98 -51.35 3.40
C SER E 195 -24.76 -49.90 3.04
N ALA E 196 -23.55 -49.61 2.61
CA ALA E 196 -23.17 -48.25 2.26
C ALA E 196 -22.04 -48.28 1.24
N THR E 197 -22.35 -47.84 0.02
CA THR E 197 -21.39 -47.84 -1.07
C THR E 197 -21.14 -46.46 -1.65
N GLN E 198 -20.00 -46.34 -2.33
CA GLN E 198 -19.58 -45.08 -2.96
C GLN E 198 -19.01 -45.40 -4.33
N THR E 199 -19.70 -44.96 -5.39
CA THR E 199 -19.41 -45.44 -6.72
C THR E 199 -19.33 -44.31 -7.73
N ARG E 200 -18.25 -44.28 -8.53
CA ARG E 200 -18.09 -43.29 -9.58
C ARG E 200 -19.17 -43.43 -10.66
N GLN E 201 -19.73 -42.30 -11.12
CA GLN E 201 -20.68 -42.26 -12.26
C GLN E 201 -20.41 -41.06 -13.16
N VAL E 202 -21.01 -41.09 -14.35
CA VAL E 202 -20.91 -40.01 -15.34
C VAL E 202 -22.33 -39.50 -15.62
N GLN E 203 -22.57 -38.20 -15.49
CA GLN E 203 -23.88 -37.60 -15.73
C GLN E 203 -23.83 -36.68 -16.93
N HIS E 204 -24.98 -36.49 -17.55
CA HIS E 204 -25.17 -35.52 -18.62
C HIS E 204 -26.40 -34.68 -18.27
N TYR E 205 -26.31 -33.37 -18.55
CA TYR E 205 -27.37 -32.44 -18.22
C TYR E 205 -27.82 -31.67 -19.45
N SER E 206 -29.13 -31.35 -19.50
CA SER E 206 -29.73 -30.56 -20.61
C SER E 206 -28.97 -29.27 -20.91
N CYS E 207 -28.57 -28.56 -19.86
CA CYS E 207 -27.88 -27.27 -19.99
C CYS E 207 -26.55 -27.30 -20.75
N CYS E 208 -25.86 -28.45 -20.77
CA CYS E 208 -24.40 -28.45 -20.86
C CYS E 208 -23.94 -29.63 -21.75
N PRO E 209 -23.01 -29.38 -22.69
CA PRO E 209 -22.60 -30.46 -23.60
C PRO E 209 -21.68 -31.55 -23.02
N GLU E 210 -20.89 -31.22 -21.99
CA GLU E 210 -19.85 -32.13 -21.49
C GLU E 210 -20.34 -33.01 -20.33
N PRO E 211 -19.69 -34.16 -20.08
CA PRO E 211 -20.04 -34.99 -18.92
C PRO E 211 -19.52 -34.44 -17.60
N TYR E 212 -20.27 -34.65 -16.52
CA TYR E 212 -19.86 -34.27 -15.17
C TYR E 212 -19.72 -35.55 -14.34
N ILE E 213 -18.67 -35.63 -13.53
CA ILE E 213 -18.39 -36.84 -12.77
C ILE E 213 -18.92 -36.71 -11.34
N ASP E 214 -19.46 -37.79 -10.81
CA ASP E 214 -19.86 -37.82 -9.42
C ASP E 214 -19.49 -39.12 -8.74
N VAL E 215 -19.49 -39.10 -7.41
CA VAL E 215 -19.48 -40.31 -6.61
C VAL E 215 -20.83 -40.40 -5.91
N ASN E 216 -21.50 -41.53 -6.14
CA ASN E 216 -22.86 -41.75 -5.64
C ASN E 216 -22.77 -42.56 -4.36
N LEU E 217 -23.17 -41.90 -3.27
CA LEU E 217 -23.26 -42.48 -1.94
C LEU E 217 -24.63 -43.14 -1.80
N VAL E 218 -24.65 -44.48 -1.75
CA VAL E 218 -25.89 -45.26 -1.60
C VAL E 218 -25.91 -45.90 -0.23
N VAL E 219 -26.93 -45.57 0.57
CA VAL E 219 -27.03 -46.04 1.95
C VAL E 219 -28.35 -46.74 2.14
N LYS E 220 -28.28 -47.95 2.66
CA LYS E 220 -29.44 -48.75 2.96
C LYS E 220 -29.49 -48.92 4.48
N PHE E 221 -30.61 -48.58 5.08
CA PHE E 221 -30.71 -48.52 6.53
C PHE E 221 -32.12 -48.81 7.07
N ARG E 222 -32.19 -49.04 8.38
CA ARG E 222 -33.47 -49.24 9.07
C ARG E 222 -33.38 -48.88 10.52
N GLU E 223 -34.51 -48.77 11.19
CA GLU E 223 -34.55 -48.53 12.64
C GLU E 223 -33.89 -49.67 13.42
N ARG E 224 -33.13 -49.35 14.46
CA ARG E 224 -32.38 -50.32 15.30
C ARG E 224 -33.26 -50.91 16.39
N GLN F 20 3.54 21.49 18.74
CA GLN F 20 3.82 20.62 17.58
C GLN F 20 2.56 19.91 17.10
N ALA F 21 1.78 19.40 18.03
CA ALA F 21 0.52 18.66 17.72
C ALA F 21 -0.40 19.42 16.77
N ASN F 22 -0.61 20.70 17.08
CA ASN F 22 -1.50 21.53 16.27
C ASN F 22 -0.92 21.79 14.87
N LEU F 23 0.38 22.05 14.76
CA LEU F 23 0.97 22.27 13.45
C LEU F 23 0.99 20.98 12.63
N MET F 24 1.29 19.84 13.26
CA MET F 24 1.24 18.53 12.60
C MET F 24 -0.14 18.28 11.99
N ARG F 25 -1.20 18.59 12.75
CA ARG F 25 -2.58 18.47 12.25
C ARG F 25 -2.84 19.34 11.04
N LEU F 26 -2.43 20.60 11.15
CA LEU F 26 -2.61 21.57 10.07
C LEU F 26 -1.94 21.13 8.78
N LYS F 27 -0.71 20.68 8.89
CA LYS F 27 0.05 20.28 7.71
C LYS F 27 -0.58 19.03 7.08
N SER F 28 -0.97 18.10 7.94
CA SER F 28 -1.68 16.90 7.50
C SER F 28 -3.03 17.21 6.80
N ASP F 29 -3.82 18.09 7.40
CA ASP F 29 -5.08 18.54 6.79
C ASP F 29 -4.85 19.27 5.47
N LEU F 30 -3.82 20.11 5.38
CA LEU F 30 -3.50 20.81 4.11
C LEU F 30 -2.89 19.93 3.01
N PHE F 31 -2.01 18.97 3.37
CA PHE F 31 -1.15 18.30 2.38
C PHE F 31 -1.43 16.81 2.11
N ASN F 32 -1.91 16.04 3.09
CA ASN F 32 -2.26 14.61 2.89
C ASN F 32 -3.66 14.45 2.31
N ARG F 33 -4.61 15.23 2.81
CA ARG F 33 -6.02 15.16 2.33
C ARG F 33 -6.22 15.73 0.90
N SER F 34 -5.46 16.77 0.56
CA SER F 34 -5.64 17.49 -0.72
C SER F 34 -5.14 16.69 -1.94
N PRO F 35 -5.86 16.76 -3.09
CA PRO F 35 -5.18 16.58 -4.39
C PRO F 35 -4.45 17.88 -4.69
N MET F 36 -3.18 17.81 -5.14
CA MET F 36 -2.31 18.99 -5.26
C MET F 36 -2.92 20.09 -6.18
N TYR F 37 -2.66 21.36 -5.84
CA TYR F 37 -3.00 22.50 -6.68
C TYR F 37 -2.40 22.29 -8.07
N PRO F 38 -3.18 22.40 -9.15
CA PRO F 38 -2.67 22.13 -10.50
C PRO F 38 -2.14 23.38 -11.23
N GLY F 39 -1.70 24.37 -10.47
CA GLY F 39 -1.25 25.63 -11.04
C GLY F 39 -2.38 26.57 -11.45
N PRO F 40 -2.02 27.81 -11.79
CA PRO F 40 -2.97 28.82 -12.23
C PRO F 40 -3.57 28.53 -13.61
N THR F 41 -4.75 29.12 -13.87
CA THR F 41 -5.49 28.95 -15.15
C THR F 41 -6.04 30.30 -15.61
N LYS F 42 -6.59 30.33 -16.82
CA LYS F 42 -7.31 31.52 -17.27
C LYS F 42 -8.50 31.87 -16.36
N ASP F 43 -9.22 30.86 -15.86
CA ASP F 43 -10.37 31.08 -14.96
C ASP F 43 -9.98 31.54 -13.56
N ASP F 44 -8.83 31.06 -13.07
CA ASP F 44 -8.30 31.37 -11.73
C ASP F 44 -6.82 31.80 -11.82
N PRO F 45 -6.57 33.02 -12.34
CA PRO F 45 -5.19 33.47 -12.52
C PRO F 45 -4.59 33.96 -11.23
N LEU F 46 -3.31 34.27 -11.28
CA LEU F 46 -2.52 34.54 -10.12
C LEU F 46 -1.60 35.69 -10.42
N THR F 47 -1.39 36.56 -9.44
CA THR F 47 -0.37 37.59 -9.52
C THR F 47 0.76 37.24 -8.55
N VAL F 48 1.99 37.20 -9.08
CA VAL F 48 3.18 36.95 -8.28
C VAL F 48 3.92 38.27 -8.12
N THR F 49 4.27 38.61 -6.89
CA THR F 49 5.06 39.79 -6.63
C THR F 49 6.53 39.37 -6.55
N LEU F 50 7.39 40.10 -7.27
CA LEU F 50 8.83 39.85 -7.27
C LEU F 50 9.59 41.08 -6.79
N GLY F 51 10.65 40.84 -6.02
CA GLY F 51 11.60 41.88 -5.64
C GLY F 51 13.01 41.29 -5.51
N PHE F 52 14.02 42.03 -5.96
CA PHE F 52 15.38 41.53 -5.93
C PHE F 52 16.19 42.28 -4.89
N THR F 53 17.04 41.57 -4.15
CA THR F 53 18.09 42.24 -3.40
C THR F 53 19.44 41.71 -3.91
N LEU F 54 20.23 42.61 -4.50
CA LEU F 54 21.46 42.26 -5.18
C LEU F 54 22.59 42.28 -4.17
N GLN F 55 23.26 41.14 -4.05
CA GLN F 55 24.28 40.97 -3.03
C GLN F 55 25.70 41.13 -3.60
N ASP F 56 25.96 40.59 -4.80
CA ASP F 56 27.28 40.69 -5.40
C ASP F 56 27.25 40.50 -6.92
N ILE F 57 28.04 41.28 -7.63
CA ILE F 57 28.47 40.94 -8.97
C ILE F 57 29.81 40.30 -8.71
N VAL F 58 29.85 38.97 -8.83
CA VAL F 58 31.02 38.20 -8.44
C VAL F 58 32.10 38.27 -9.53
N LYS F 59 31.66 38.11 -10.78
CA LYS F 59 32.56 37.85 -11.87
C LYS F 59 32.00 38.36 -13.17
N VAL F 60 32.93 38.70 -14.04
CA VAL F 60 32.67 39.22 -15.35
C VAL F 60 33.55 38.36 -16.27
N ASP F 61 33.07 37.91 -17.43
CA ASP F 61 33.92 37.23 -18.41
C ASP F 61 33.84 37.95 -19.76
N SER F 62 34.84 38.76 -20.06
CA SER F 62 34.87 39.55 -21.30
C SER F 62 35.15 38.74 -22.56
N SER F 63 35.60 37.50 -22.43
CA SER F 63 35.78 36.67 -23.62
C SER F 63 34.49 35.90 -24.04
N THR F 64 33.51 35.75 -23.13
CA THR F 64 32.22 35.07 -23.42
C THR F 64 30.99 35.96 -23.23
N ASN F 65 31.19 37.18 -22.74
CA ASN F 65 30.11 38.09 -22.39
C ASN F 65 29.07 37.41 -21.48
N GLU F 66 29.58 36.88 -20.38
CA GLU F 66 28.79 36.34 -19.31
C GLU F 66 29.13 37.11 -18.04
N VAL F 67 28.12 37.45 -17.23
CA VAL F 67 28.34 38.06 -15.91
C VAL F 67 27.58 37.23 -14.88
N ASP F 68 28.14 37.15 -13.66
CA ASP F 68 27.64 36.31 -12.59
C ASP F 68 27.16 37.15 -11.40
N LEU F 69 25.88 37.02 -11.05
CA LEU F 69 25.27 37.72 -9.92
C LEU F 69 24.90 36.78 -8.80
N VAL F 70 24.90 37.31 -7.58
CA VAL F 70 24.33 36.65 -6.43
C VAL F 70 23.27 37.61 -5.85
N TYR F 71 22.05 37.10 -5.70
CA TYR F 71 20.92 37.89 -5.23
C TYR F 71 19.91 37.01 -4.47
N TYR F 72 18.96 37.68 -3.82
CA TYR F 72 17.79 37.03 -3.26
C TYR F 72 16.61 37.48 -4.09
N GLU F 73 15.78 36.52 -4.51
CA GLU F 73 14.57 36.84 -5.23
C GLU F 73 13.35 36.58 -4.34
N GLN F 74 12.76 37.66 -3.82
CA GLN F 74 11.56 37.57 -2.99
C GLN F 74 10.33 37.34 -3.87
N GLN F 75 9.63 36.22 -3.63
CA GLN F 75 8.44 35.84 -4.39
C GLN F 75 7.23 35.77 -3.47
N ARG F 76 6.11 36.37 -3.88
CA ARG F 76 4.87 36.37 -3.09
CA ARG F 76 4.86 36.37 -3.09
C ARG F 76 3.66 36.08 -3.98
N TRP F 77 2.77 35.22 -3.48
CA TRP F 77 1.51 34.92 -4.15
C TRP F 77 0.53 34.42 -3.09
N LYS F 78 -0.71 34.11 -3.52
CA LYS F 78 -1.78 33.75 -2.60
C LYS F 78 -2.72 32.73 -3.23
N LEU F 79 -2.98 31.64 -2.51
CA LEU F 79 -3.91 30.59 -2.95
C LEU F 79 -5.02 30.36 -1.96
N ASN F 80 -6.26 30.33 -2.44
CA ASN F 80 -7.40 29.95 -1.58
C ASN F 80 -7.25 28.58 -0.96
N SER F 81 -6.64 27.63 -1.68
CA SER F 81 -6.46 26.26 -1.16
C SER F 81 -5.45 26.13 -0.01
N LEU F 82 -4.71 27.19 0.30
CA LEU F 82 -3.83 27.20 1.47
C LEU F 82 -4.39 27.99 2.67
N MET F 83 -5.65 28.40 2.59
CA MET F 83 -6.33 29.06 3.73
C MET F 83 -6.65 28.08 4.88
N TRP F 84 -6.57 28.59 6.09
CA TRP F 84 -7.17 27.92 7.25
C TRP F 84 -7.66 28.95 8.26
N ASP F 85 -8.50 28.47 9.18
CA ASP F 85 -9.01 29.26 10.28
C ASP F 85 -8.07 28.99 11.46
N PRO F 86 -7.31 30.01 11.91
CA PRO F 86 -6.39 29.79 13.04
C PRO F 86 -7.03 29.27 14.32
N ASN F 87 -8.31 29.58 14.52
CA ASN F 87 -9.04 29.12 15.68
C ASN F 87 -9.17 27.59 15.76
N GLU F 88 -9.20 26.92 14.60
CA GLU F 88 -9.27 25.48 14.55
C GLU F 88 -7.90 24.79 14.77
N TYR F 89 -6.80 25.54 14.80
CA TYR F 89 -5.46 24.96 14.89
C TYR F 89 -4.58 25.66 15.91
N GLY F 90 -5.13 25.85 17.10
CA GLY F 90 -4.40 26.40 18.24
C GLY F 90 -3.83 27.77 18.01
N ASN F 91 -4.57 28.64 17.29
CA ASN F 91 -4.16 30.04 17.01
C ASN F 91 -2.91 30.19 16.11
N ILE F 92 -2.55 29.14 15.35
CA ILE F 92 -1.42 29.22 14.41
C ILE F 92 -1.81 30.09 13.22
N THR F 93 -1.07 31.17 13.01
CA THR F 93 -1.31 32.10 11.91
C THR F 93 -0.39 31.89 10.71
N ASP F 94 0.69 31.12 10.88
CA ASP F 94 1.62 30.87 9.78
C ASP F 94 2.57 29.74 10.13
N PHE F 95 3.22 29.21 9.11
CA PHE F 95 4.25 28.20 9.33
C PHE F 95 5.28 28.16 8.22
N ARG F 96 6.43 27.59 8.56
CA ARG F 96 7.47 27.27 7.60
C ARG F 96 7.26 25.87 7.08
N THR F 97 7.45 25.69 5.77
CA THR F 97 7.38 24.34 5.21
C THR F 97 8.26 24.23 3.98
N SER F 98 8.74 23.02 3.76
CA SER F 98 9.50 22.68 2.56
C SER F 98 8.73 23.12 1.30
N ALA F 99 9.44 23.72 0.35
CA ALA F 99 8.85 24.15 -0.92
C ALA F 99 8.31 22.99 -1.77
N ALA F 100 8.80 21.79 -1.55
CA ALA F 100 8.28 20.60 -2.20
C ALA F 100 6.83 20.29 -1.82
N ASP F 101 6.41 20.69 -0.61
CA ASP F 101 5.03 20.51 -0.15
C ASP F 101 3.99 21.33 -0.93
N ILE F 102 4.42 22.37 -1.65
CA ILE F 102 3.52 23.33 -2.29
C ILE F 102 3.91 23.63 -3.74
N TRP F 103 2.97 24.21 -4.47
CA TRP F 103 3.27 24.73 -5.78
C TRP F 103 4.12 26.01 -5.61
N THR F 104 5.06 26.23 -6.53
CA THR F 104 5.84 27.44 -6.60
C THR F 104 5.87 27.91 -8.05
N PRO F 105 5.90 29.23 -8.28
CA PRO F 105 5.88 29.70 -9.66
C PRO F 105 7.19 29.39 -10.39
N ASP F 106 7.10 29.07 -11.68
CA ASP F 106 8.25 28.73 -12.52
C ASP F 106 9.01 29.98 -13.06
N ILE F 107 9.36 30.90 -12.16
CA ILE F 107 10.02 32.14 -12.53
C ILE F 107 11.44 31.80 -13.00
N THR F 108 11.78 32.24 -14.20
CA THR F 108 12.96 31.80 -14.92
C THR F 108 13.63 33.01 -15.56
N ALA F 109 14.95 33.05 -15.49
CA ALA F 109 15.72 34.07 -16.18
C ALA F 109 15.68 33.77 -17.67
N TYR F 110 15.42 34.78 -18.49
CA TYR F 110 15.24 34.58 -19.94
C TYR F 110 16.56 34.53 -20.73
N SER F 111 17.67 34.92 -20.13
CA SER F 111 18.97 34.99 -20.82
C SER F 111 20.12 34.41 -19.99
N SER F 112 19.83 33.38 -19.21
CA SER F 112 20.86 32.65 -18.47
C SER F 112 21.77 31.87 -19.44
N THR F 113 23.00 31.62 -19.00
CA THR F 113 23.93 30.77 -19.75
C THR F 113 24.35 29.50 -19.02
N ARG F 114 23.80 29.26 -17.83
CA ARG F 114 24.06 28.06 -17.02
C ARG F 114 22.84 27.82 -16.14
N PRO F 115 22.65 26.59 -15.68
CA PRO F 115 21.61 26.43 -14.65
C PRO F 115 21.91 27.30 -13.44
N VAL F 116 20.88 27.95 -12.96
CA VAL F 116 20.92 28.70 -11.70
C VAL F 116 21.41 27.80 -10.56
N GLN F 117 22.29 28.32 -9.72
CA GLN F 117 22.73 27.59 -8.52
C GLN F 117 22.01 28.09 -7.28
N VAL F 118 21.41 27.17 -6.53
CA VAL F 118 20.59 27.54 -5.37
C VAL F 118 21.45 27.61 -4.13
N LEU F 119 21.40 28.72 -3.42
CA LEU F 119 22.29 28.98 -2.27
C LEU F 119 21.60 28.96 -0.92
N SER F 120 20.27 28.84 -0.90
CA SER F 120 19.50 28.85 0.33
C SER F 120 18.55 27.64 0.42
N PRO F 121 18.17 27.24 1.64
CA PRO F 121 17.25 26.11 1.81
C PRO F 121 15.91 26.36 1.14
N GLN F 122 15.34 25.33 0.55
CA GLN F 122 14.10 25.46 -0.19
C GLN F 122 12.91 25.32 0.76
N ILE F 123 12.66 26.40 1.49
CA ILE F 123 11.65 26.46 2.53
C ILE F 123 10.89 27.77 2.36
N ALA F 124 9.57 27.71 2.41
CA ALA F 124 8.71 28.89 2.29
C ALA F 124 7.88 29.13 3.56
N VAL F 125 7.23 30.30 3.61
CA VAL F 125 6.36 30.66 4.73
C VAL F 125 4.96 30.80 4.22
N VAL F 126 4.04 30.02 4.80
CA VAL F 126 2.63 30.07 4.45
C VAL F 126 1.86 30.72 5.58
N THR F 127 0.96 31.65 5.23
CA THR F 127 0.16 32.39 6.21
C THR F 127 -1.33 31.98 6.07
N HIS F 128 -2.08 32.13 7.15
CA HIS F 128 -3.47 31.62 7.24
C HIS F 128 -4.45 32.12 6.18
N ASP F 129 -4.20 33.28 5.63
CA ASP F 129 -4.99 33.81 4.49
C ASP F 129 -4.64 33.19 3.13
N GLY F 130 -3.71 32.23 3.11
CA GLY F 130 -3.30 31.56 1.89
C GLY F 130 -2.11 32.21 1.19
N SER F 131 -1.55 33.25 1.77
CA SER F 131 -0.42 33.91 1.13
C SER F 131 0.88 33.18 1.48
N VAL F 132 1.82 33.24 0.53
CA VAL F 132 3.07 32.53 0.62
C VAL F 132 4.20 33.52 0.34
N MET F 133 5.29 33.38 1.10
CA MET F 133 6.53 34.09 0.81
C MET F 133 7.66 33.08 0.63
N PHE F 134 8.44 33.26 -0.43
CA PHE F 134 9.58 32.36 -0.75
C PHE F 134 10.73 33.22 -1.25
N ILE F 135 11.92 33.05 -0.64
CA ILE F 135 13.07 33.93 -0.91
C ILE F 135 14.32 33.14 -1.25
N PRO F 136 14.38 32.58 -2.46
CA PRO F 136 15.59 31.82 -2.84
C PRO F 136 16.78 32.72 -3.14
N ALA F 137 17.92 32.39 -2.55
CA ALA F 137 19.19 32.98 -2.92
C ALA F 137 19.76 32.20 -4.10
N GLN F 138 20.21 32.92 -5.12
CA GLN F 138 20.67 32.33 -6.38
C GLN F 138 21.99 32.93 -6.83
N ARG F 139 22.76 32.13 -7.55
CA ARG F 139 23.84 32.64 -8.38
C ARG F 139 23.48 32.33 -9.82
N LEU F 140 23.58 33.36 -10.65
CA LEU F 140 23.12 33.33 -12.03
C LEU F 140 24.25 33.80 -12.95
N SER F 141 24.53 33.04 -14.00
CA SER F 141 25.33 33.51 -15.12
C SER F 141 24.40 33.92 -16.25
N PHE F 142 24.54 35.14 -16.74
CA PHE F 142 23.68 35.65 -17.81
C PHE F 142 24.43 36.49 -18.85
N MET F 143 23.76 36.75 -19.97
CA MET F 143 24.35 37.43 -21.11
C MET F 143 24.52 38.92 -20.88
N CYS F 144 25.77 39.38 -20.91
CA CYS F 144 26.11 40.77 -20.60
C CYS F 144 27.52 41.08 -21.12
N ASP F 145 27.63 42.20 -21.84
CA ASP F 145 28.91 42.65 -22.38
C ASP F 145 29.54 43.62 -21.39
N PRO F 146 30.63 43.20 -20.69
CA PRO F 146 31.29 44.04 -19.70
C PRO F 146 32.32 45.04 -20.27
N THR F 147 32.53 45.06 -21.59
CA THR F 147 33.43 46.05 -22.20
C THR F 147 33.12 47.48 -21.74
N GLY F 148 34.09 48.12 -21.11
CA GLY F 148 33.95 49.47 -20.53
C GLY F 148 33.69 49.50 -19.04
N VAL F 149 33.63 48.32 -18.41
CA VAL F 149 33.38 48.22 -16.98
C VAL F 149 34.48 48.93 -16.19
N ASP F 150 35.68 49.01 -16.77
CA ASP F 150 36.82 49.66 -16.11
C ASP F 150 36.88 51.18 -16.30
N SER F 151 35.79 51.80 -16.72
CA SER F 151 35.73 53.24 -16.92
C SER F 151 34.87 53.90 -15.86
N GLU F 152 34.85 55.23 -15.91
CA GLU F 152 33.98 56.01 -15.04
C GLU F 152 32.49 55.78 -15.35
N GLU F 153 32.11 55.79 -16.62
CA GLU F 153 30.70 55.57 -17.01
C GLU F 153 30.14 54.17 -16.69
N GLY F 154 31.02 53.16 -16.68
CA GLY F 154 30.62 51.79 -16.49
C GLY F 154 29.84 51.19 -17.65
N VAL F 155 29.16 50.08 -17.37
CA VAL F 155 28.33 49.40 -18.35
C VAL F 155 26.95 49.19 -17.77
N THR F 156 26.00 48.94 -18.65
CA THR F 156 24.67 48.58 -18.26
C THR F 156 24.37 47.18 -18.74
N CYS F 157 23.73 46.37 -17.91
CA CYS F 157 23.28 45.04 -18.31
C CYS F 157 21.90 44.75 -17.80
N ALA F 158 21.26 43.78 -18.44
CA ALA F 158 19.85 43.49 -18.21
C ALA F 158 19.48 42.00 -18.34
N VAL F 159 18.59 41.54 -17.49
CA VAL F 159 18.05 40.20 -17.58
C VAL F 159 16.58 40.17 -17.14
N LYS F 160 15.75 39.53 -17.95
CA LYS F 160 14.34 39.43 -17.72
C LYS F 160 14.01 38.16 -16.93
N PHE F 161 13.08 38.27 -15.98
CA PHE F 161 12.59 37.14 -15.20
C PHE F 161 11.08 37.03 -15.36
N GLY F 162 10.60 35.85 -15.74
CA GLY F 162 9.17 35.57 -15.84
C GLY F 162 8.85 34.09 -15.88
N SER F 163 7.56 33.76 -15.88
CA SER F 163 7.14 32.39 -16.09
C SER F 163 7.67 31.94 -17.43
N TRP F 164 8.22 30.73 -17.48
CA TRP F 164 8.59 30.12 -18.75
C TRP F 164 7.36 29.69 -19.53
N VAL F 165 6.35 29.15 -18.86
CA VAL F 165 5.24 28.48 -19.57
C VAL F 165 3.86 29.14 -19.46
N TYR F 166 3.67 30.06 -18.50
CA TYR F 166 2.36 30.69 -18.33
C TYR F 166 2.32 32.11 -18.87
N SER F 167 1.30 32.38 -19.68
CA SER F 167 1.07 33.72 -20.24
C SER F 167 0.53 34.67 -19.18
N GLY F 168 0.35 35.92 -19.58
CA GLY F 168 -0.24 36.96 -18.73
C GLY F 168 -1.65 36.65 -18.28
N PHE F 169 -2.37 35.81 -19.00
CA PHE F 169 -3.72 35.41 -18.61
C PHE F 169 -3.77 34.36 -17.51
N GLU F 170 -2.62 33.78 -17.15
CA GLU F 170 -2.53 32.84 -16.02
C GLU F 170 -1.60 33.32 -14.90
N ILE F 171 -0.44 33.87 -15.29
CA ILE F 171 0.47 34.52 -14.32
C ILE F 171 0.81 35.94 -14.75
N ASP F 172 0.44 36.89 -13.91
CA ASP F 172 0.86 38.28 -14.00
C ASP F 172 1.91 38.52 -12.92
N LEU F 173 2.74 39.55 -13.12
CA LEU F 173 3.78 39.91 -12.17
C LEU F 173 3.61 41.36 -11.77
N LYS F 174 4.07 41.68 -10.57
CA LYS F 174 4.27 43.07 -10.21
C LYS F 174 5.44 43.20 -9.25
N THR F 175 5.90 44.43 -9.09
CA THR F 175 6.91 44.77 -8.08
C THR F 175 6.24 45.74 -7.12
N ASP F 176 6.74 45.78 -5.88
CA ASP F 176 6.30 46.83 -4.93
C ASP F 176 7.06 48.13 -5.15
N THR F 177 8.25 48.03 -5.74
CA THR F 177 9.05 49.20 -6.03
C THR F 177 9.85 48.87 -7.27
N ASP F 178 10.24 49.90 -8.00
CA ASP F 178 11.13 49.73 -9.15
C ASP F 178 12.60 49.78 -8.74
N GLN F 179 12.87 50.04 -7.46
CA GLN F 179 14.22 50.09 -6.92
C GLN F 179 14.65 48.75 -6.32
N VAL F 180 15.70 48.16 -6.92
CA VAL F 180 16.34 46.96 -6.39
C VAL F 180 16.92 47.31 -5.03
N ASP F 181 16.83 46.40 -4.08
CA ASP F 181 17.41 46.59 -2.74
C ASP F 181 18.92 46.35 -2.80
N LEU F 182 19.67 47.43 -2.63
CA LEU F 182 21.12 47.44 -2.63
C LEU F 182 21.75 47.59 -1.27
N SER F 183 20.95 47.46 -0.22
CA SER F 183 21.43 47.79 1.14
C SER F 183 22.29 46.70 1.77
N SER F 184 22.30 45.51 1.19
CA SER F 184 23.17 44.39 1.58
C SER F 184 24.17 44.08 0.48
N TYR F 185 24.40 45.03 -0.44
CA TYR F 185 25.42 44.80 -1.48
C TYR F 185 26.82 44.72 -0.82
N TYR F 186 27.56 43.69 -1.16
CA TYR F 186 28.93 43.51 -0.67
C TYR F 186 29.84 44.73 -0.95
N ALA F 187 30.23 45.40 0.12
CA ALA F 187 30.98 46.65 0.05
C ALA F 187 32.39 46.46 -0.57
N SER F 188 32.99 45.27 -0.45
CA SER F 188 34.31 45.02 -1.05
C SER F 188 34.26 44.18 -2.33
N SER F 189 33.12 44.17 -3.01
CA SER F 189 33.02 43.58 -4.34
C SER F 189 34.03 44.24 -5.29
N LYS F 190 34.39 43.52 -6.34
CA LYS F 190 35.18 44.08 -7.43
C LYS F 190 34.42 45.11 -8.20
N TYR F 191 33.10 45.05 -8.15
CA TYR F 191 32.22 45.96 -8.88
C TYR F 191 31.34 46.77 -7.93
N GLU F 192 31.28 48.07 -8.13
CA GLU F 192 30.33 48.91 -7.42
C GLU F 192 29.11 49.17 -8.32
N ILE F 193 27.95 49.27 -7.67
CA ILE F 193 26.69 49.44 -8.36
C ILE F 193 26.39 50.91 -8.45
N LEU F 194 26.09 51.39 -9.66
CA LEU F 194 25.65 52.77 -9.84
C LEU F 194 24.12 52.86 -9.74
N SER F 195 23.42 51.94 -10.39
CA SER F 195 21.98 51.85 -10.20
C SER F 195 21.48 50.45 -10.53
N ALA F 196 20.29 50.15 -10.05
CA ALA F 196 19.70 48.86 -10.20
C ALA F 196 18.19 48.97 -10.11
N THR F 197 17.50 48.66 -11.21
CA THR F 197 16.05 48.74 -11.29
C THR F 197 15.40 47.40 -11.65
N GLN F 198 14.13 47.30 -11.31
CA GLN F 198 13.33 46.10 -11.58
C GLN F 198 11.96 46.55 -12.08
N THR F 199 11.65 46.28 -13.34
CA THR F 199 10.51 46.89 -14.00
C THR F 199 9.67 45.87 -14.77
N ARG F 200 8.36 45.86 -14.53
CA ARG F 200 7.43 45.02 -15.27
C ARG F 200 7.41 45.36 -16.77
N GLN F 201 7.43 44.32 -17.62
CA GLN F 201 7.26 44.46 -19.07
C GLN F 201 6.34 43.36 -19.64
N VAL F 202 5.91 43.56 -20.88
CA VAL F 202 5.08 42.62 -21.61
C VAL F 202 5.82 42.21 -22.89
N GLN F 203 5.99 40.91 -23.12
CA GLN F 203 6.70 40.40 -24.30
C GLN F 203 5.72 39.64 -25.18
N HIS F 204 6.05 39.59 -26.47
CA HIS F 204 5.34 38.78 -27.44
C HIS F 204 6.37 37.97 -28.23
N TYR F 205 6.03 36.72 -28.52
CA TYR F 205 6.96 35.80 -29.19
C TYR F 205 6.31 35.19 -30.43
N SER F 206 7.10 34.95 -31.48
CA SER F 206 6.64 34.31 -32.73
C SER F 206 5.87 33.02 -32.50
N CYS F 207 6.35 32.18 -31.60
CA CYS F 207 5.74 30.87 -31.32
C CYS F 207 4.30 30.91 -30.81
N CYS F 208 3.88 32.01 -30.18
CA CYS F 208 2.82 31.93 -29.16
C CYS F 208 1.92 33.17 -29.25
N PRO F 209 0.59 32.98 -29.22
CA PRO F 209 -0.30 34.14 -29.48
C PRO F 209 -0.46 35.15 -28.31
N GLU F 210 -0.29 34.69 -27.08
CA GLU F 210 -0.59 35.50 -25.88
C GLU F 210 0.66 36.25 -25.36
N PRO F 211 0.44 37.33 -24.58
CA PRO F 211 1.58 38.04 -23.96
C PRO F 211 2.15 37.30 -22.75
N TYR F 212 3.47 37.41 -22.56
CA TYR F 212 4.14 36.86 -21.37
C TYR F 212 4.73 38.01 -20.57
N ILE F 213 4.61 37.94 -19.25
CA ILE F 213 5.02 39.04 -18.39
C ILE F 213 6.42 38.76 -17.84
N ASP F 214 7.24 39.80 -17.73
CA ASP F 214 8.52 39.68 -17.07
C ASP F 214 8.81 40.88 -16.18
N VAL F 215 9.77 40.70 -15.27
CA VAL F 215 10.40 41.80 -14.57
C VAL F 215 11.84 41.88 -15.07
N ASN F 216 12.20 43.06 -15.57
CA ASN F 216 13.50 43.29 -16.18
C ASN F 216 14.40 43.95 -15.15
N LEU F 217 15.43 43.19 -14.77
CA LEU F 217 16.47 43.62 -13.83
C LEU F 217 17.56 44.33 -14.64
N VAL F 218 17.67 45.64 -14.47
CA VAL F 218 18.67 46.47 -15.15
C VAL F 218 19.71 46.94 -14.13
N VAL F 219 20.97 46.58 -14.35
CA VAL F 219 22.05 46.90 -13.43
C VAL F 219 23.15 47.66 -14.15
N LYS F 220 23.54 48.78 -13.58
CA LYS F 220 24.59 49.60 -14.10
C LYS F 220 25.74 49.58 -13.08
N PHE F 221 26.93 49.23 -13.54
CA PHE F 221 28.04 48.99 -12.62
C PHE F 221 29.42 49.27 -13.22
N ARG F 222 30.43 49.32 -12.36
CA ARG F 222 31.81 49.48 -12.80
C ARG F 222 32.78 48.92 -11.80
N GLU F 223 34.04 48.79 -12.19
CA GLU F 223 35.10 48.35 -11.28
C GLU F 223 35.31 49.33 -10.14
N ARG F 224 35.54 48.83 -8.92
CA ARG F 224 35.86 49.63 -7.72
C ARG F 224 37.37 49.92 -7.69
N GLN G 20 21.35 -5.48 18.77
CA GLN G 20 20.78 -5.01 17.45
C GLN G 20 19.25 -5.04 17.48
N ALA G 21 18.68 -6.11 18.06
CA ALA G 21 17.23 -6.19 18.28
C ALA G 21 16.66 -4.98 19.03
N ASN G 22 17.34 -4.59 20.10
CA ASN G 22 16.93 -3.46 20.90
C ASN G 22 17.00 -2.13 20.14
N LEU G 23 18.08 -1.90 19.39
CA LEU G 23 18.20 -0.67 18.60
C LEU G 23 17.18 -0.64 17.47
N MET G 24 16.97 -1.78 16.80
CA MET G 24 15.95 -1.88 15.76
C MET G 24 14.58 -1.48 16.29
N ARG G 25 14.22 -1.96 17.49
CA ARG G 25 12.95 -1.60 18.14
C ARG G 25 12.85 -0.10 18.39
N LEU G 26 13.93 0.45 18.96
CA LEU G 26 13.97 1.87 19.29
C LEU G 26 13.76 2.74 18.05
N LYS G 27 14.47 2.41 16.98
CA LYS G 27 14.40 3.20 15.77
C LYS G 27 13.01 3.12 15.14
N SER G 28 12.46 1.90 15.17
CA SER G 28 11.10 1.68 14.69
C SER G 28 10.04 2.46 15.52
N ASP G 29 10.16 2.39 16.85
CA ASP G 29 9.28 3.15 17.73
C ASP G 29 9.42 4.67 17.53
N LEU G 30 10.65 5.16 17.34
CA LEU G 30 10.87 6.60 17.08
C LEU G 30 10.43 7.10 15.69
N PHE G 31 10.66 6.29 14.64
CA PHE G 31 10.57 6.78 13.25
C PHE G 31 9.43 6.27 12.36
N ASN G 32 8.95 5.03 12.58
CA ASN G 32 7.80 4.49 11.82
C ASN G 32 6.48 4.93 12.42
N ARG G 33 6.38 4.91 13.75
CA ARG G 33 5.15 5.35 14.45
C ARG G 33 4.87 6.87 14.38
N SER G 34 5.92 7.68 14.40
CA SER G 34 5.79 9.15 14.47
C SER G 34 5.26 9.78 13.15
N PRO G 35 4.38 10.81 13.26
CA PRO G 35 4.32 11.82 12.18
C PRO G 35 5.52 12.75 12.38
N MET G 36 6.21 13.12 11.30
CA MET G 36 7.46 13.89 11.36
C MET G 36 7.34 15.22 12.17
N TYR G 37 8.40 15.57 12.88
CA TYR G 37 8.52 16.85 13.58
C TYR G 37 8.32 17.96 12.56
N PRO G 38 7.43 18.94 12.78
CA PRO G 38 7.18 19.99 11.80
C PRO G 38 8.03 21.25 11.96
N GLY G 39 9.21 21.09 12.56
CA GLY G 39 10.07 22.22 12.88
C GLY G 39 9.64 23.00 14.11
N PRO G 40 10.52 23.92 14.56
CA PRO G 40 10.23 24.79 15.70
C PRO G 40 9.15 25.83 15.42
N THR G 41 8.51 26.32 16.49
CA THR G 41 7.44 27.35 16.42
C THR G 41 7.65 28.41 17.50
N LYS G 42 6.85 29.46 17.46
CA LYS G 42 6.83 30.43 18.56
C LYS G 42 6.45 29.78 19.90
N ASP G 43 5.52 28.84 19.90
CA ASP G 43 5.06 28.16 21.12
C ASP G 43 6.09 27.16 21.67
N ASP G 44 6.85 26.51 20.77
CA ASP G 44 7.88 25.52 21.10
C ASP G 44 9.20 25.82 20.37
N PRO G 45 9.90 26.89 20.80
CA PRO G 45 11.13 27.28 20.12
C PRO G 45 12.30 26.40 20.49
N LEU G 46 13.42 26.62 19.83
CA LEU G 46 14.56 25.75 19.90
C LEU G 46 15.81 26.60 19.93
N THR G 47 16.79 26.16 20.70
CA THR G 47 18.12 26.76 20.66
C THR G 47 19.08 25.77 20.02
N VAL G 48 19.80 26.24 18.99
CA VAL G 48 20.81 25.45 18.30
C VAL G 48 22.17 25.96 18.72
N THR G 49 23.05 25.08 19.14
CA THR G 49 24.41 25.45 19.46
C THR G 49 25.28 25.18 18.23
N LEU G 50 26.08 26.18 17.85
CA LEU G 50 27.01 26.10 16.72
C LEU G 50 28.44 26.31 17.17
N GLY G 51 29.35 25.53 16.59
CA GLY G 51 30.80 25.71 16.77
C GLY G 51 31.54 25.33 15.49
N PHE G 52 32.58 26.08 15.14
CA PHE G 52 33.33 25.80 13.93
C PHE G 52 34.70 25.26 14.29
N THR G 53 35.17 24.26 13.55
CA THR G 53 36.59 23.93 13.58
C THR G 53 37.14 24.09 12.15
N LEU G 54 38.05 25.04 12.00
CA LEU G 54 38.56 25.47 10.72
C LEU G 54 39.75 24.61 10.36
N GLN G 55 39.64 23.93 9.21
CA GLN G 55 40.63 22.98 8.77
C GLN G 55 41.62 23.60 7.77
N ASP G 56 41.11 24.38 6.81
CA ASP G 56 41.97 24.96 5.79
C ASP G 56 41.34 26.18 5.14
N ILE G 57 42.16 27.19 4.86
CA ILE G 57 41.84 28.19 3.85
C ILE G 57 42.56 27.64 2.64
N VAL G 58 41.78 27.09 1.71
CA VAL G 58 42.33 26.35 0.58
C VAL G 58 42.83 27.31 -0.51
N LYS G 59 42.00 28.30 -0.80
CA LYS G 59 42.15 29.10 -2.00
C LYS G 59 41.57 30.47 -1.79
N VAL G 60 42.17 31.40 -2.50
CA VAL G 60 41.85 32.80 -2.49
C VAL G 60 41.73 33.16 -3.98
N ASP G 61 40.74 33.96 -4.36
CA ASP G 61 40.64 34.42 -5.77
C ASP G 61 40.52 35.94 -5.79
N SER G 62 41.65 36.61 -6.07
CA SER G 62 41.70 38.07 -6.06
C SER G 62 41.02 38.72 -7.27
N SER G 63 40.68 37.96 -8.31
CA SER G 63 39.95 38.55 -9.41
C SER G 63 38.40 38.53 -9.21
N THR G 64 37.89 37.69 -8.29
CA THR G 64 36.44 37.63 -7.96
C THR G 64 36.09 37.94 -6.51
N ASN G 65 37.10 38.13 -5.68
CA ASN G 65 36.94 38.30 -4.23
C ASN G 65 36.07 37.19 -3.64
N GLU G 66 36.51 35.96 -3.89
CA GLU G 66 35.96 34.77 -3.28
C GLU G 66 37.10 34.08 -2.52
N VAL G 67 36.80 33.57 -1.33
CA VAL G 67 37.74 32.72 -0.59
C VAL G 67 37.04 31.41 -0.24
N ASP G 68 37.82 30.32 -0.21
CA ASP G 68 37.32 28.97 0.00
C ASP G 68 37.85 28.38 1.31
N LEU G 69 36.92 28.03 2.21
CA LEU G 69 37.24 27.40 3.50
C LEU G 69 36.81 25.95 3.52
N VAL G 70 37.53 25.16 4.32
CA VAL G 70 37.09 23.83 4.70
C VAL G 70 37.02 23.80 6.22
N TYR G 71 35.87 23.41 6.77
CA TYR G 71 35.62 23.38 8.20
C TYR G 71 34.61 22.29 8.56
N TYR G 72 34.49 22.04 9.86
CA TYR G 72 33.44 21.21 10.42
C TYR G 72 32.54 22.15 11.21
N GLU G 73 31.23 22.04 10.98
CA GLU G 73 30.25 22.84 11.69
C GLU G 73 29.50 21.94 12.68
N GLN G 74 29.86 22.03 13.96
CA GLN G 74 29.18 21.28 15.01
C GLN G 74 27.83 21.91 15.34
N GLN G 75 26.76 21.13 15.19
CA GLN G 75 25.40 21.58 15.45
C GLN G 75 24.79 20.73 16.57
N ARG G 76 24.15 21.37 17.54
CA ARG G 76 23.49 20.70 18.66
C ARG G 76 22.12 21.31 18.94
N TRP G 77 21.14 20.45 19.16
CA TRP G 77 19.80 20.84 19.55
C TRP G 77 19.12 19.71 20.29
N LYS G 78 17.89 19.91 20.74
CA LYS G 78 17.20 18.96 21.61
C LYS G 78 15.70 18.97 21.37
N LEU G 79 15.12 17.80 21.12
CA LEU G 79 13.69 17.63 20.88
C LEU G 79 13.07 16.65 21.84
N ASN G 80 11.95 17.03 22.45
CA ASN G 80 11.19 16.09 23.30
C ASN G 80 10.75 14.84 22.56
N SER G 81 10.42 14.98 21.27
CA SER G 81 9.95 13.83 20.48
C SER G 81 11.02 12.78 20.17
N LEU G 82 12.28 13.06 20.47
CA LEU G 82 13.36 12.08 20.33
C LEU G 82 13.82 11.46 21.66
N MET G 83 13.09 11.74 22.76
CA MET G 83 13.36 11.12 24.06
C MET G 83 12.96 9.63 24.10
N TRP G 84 13.74 8.85 24.84
CA TRP G 84 13.32 7.53 25.28
C TRP G 84 13.91 7.20 26.64
N ASP G 85 13.32 6.18 27.27
CA ASP G 85 13.79 5.65 28.55
C ASP G 85 14.74 4.50 28.20
N PRO G 86 16.04 4.65 28.50
CA PRO G 86 16.99 3.57 28.18
C PRO G 86 16.65 2.20 28.78
N ASN G 87 15.95 2.20 29.91
CA ASN G 87 15.54 0.96 30.57
C ASN G 87 14.59 0.12 29.71
N GLU G 88 13.78 0.76 28.86
CA GLU G 88 12.87 0.06 27.98
C GLU G 88 13.57 -0.48 26.71
N TYR G 89 14.83 -0.12 26.46
CA TYR G 89 15.51 -0.51 25.22
C TYR G 89 16.93 -1.00 25.47
N GLY G 90 17.04 -1.92 26.42
CA GLY G 90 18.29 -2.61 26.69
C GLY G 90 19.43 -1.72 27.10
N ASN G 91 19.15 -0.65 27.86
CA ASN G 91 20.15 0.30 28.36
C ASN G 91 20.85 1.15 27.26
N ILE G 92 20.25 1.26 26.07
CA ILE G 92 20.81 2.10 25.00
C ILE G 92 20.62 3.58 25.37
N THR G 93 21.73 4.30 25.45
CA THR G 93 21.73 5.72 25.78
C THR G 93 21.85 6.63 24.56
N ASP G 94 22.26 6.09 23.42
CA ASP G 94 22.42 6.89 22.19
C ASP G 94 22.59 6.01 20.97
N PHE G 95 22.43 6.61 19.81
CA PHE G 95 22.67 5.89 18.57
C PHE G 95 23.01 6.82 17.40
N ARG G 96 23.64 6.24 16.40
CA ARG G 96 23.88 6.90 15.13
C ARG G 96 22.73 6.65 14.19
N THR G 97 22.32 7.68 13.45
CA THR G 97 21.29 7.47 12.44
C THR G 97 21.46 8.48 11.31
N SER G 98 21.02 8.06 10.13
CA SER G 98 20.99 8.91 8.96
C SER G 98 20.23 10.22 9.27
N ALA G 99 20.79 11.33 8.81
CA ALA G 99 20.15 12.65 9.00
C ALA G 99 18.80 12.79 8.30
N ALA G 100 18.55 11.98 7.29
CA ALA G 100 17.25 11.94 6.63
C ALA G 100 16.13 11.45 7.55
N ASP G 101 16.45 10.63 8.54
CA ASP G 101 15.48 10.14 9.54
C ASP G 101 14.90 11.24 10.45
N ILE G 102 15.58 12.40 10.56
CA ILE G 102 15.25 13.45 11.52
C ILE G 102 15.22 14.84 10.89
N TRP G 103 14.63 15.78 11.59
CA TRP G 103 14.69 17.18 11.22
C TRP G 103 16.11 17.68 11.53
N THR G 104 16.61 18.58 10.70
CA THR G 104 17.88 19.27 10.95
C THR G 104 17.69 20.76 10.70
N PRO G 105 18.39 21.61 11.45
CA PRO G 105 18.18 23.04 11.27
C PRO G 105 18.73 23.55 9.92
N ASP G 106 18.03 24.51 9.33
CA ASP G 106 18.41 25.11 8.04
C ASP G 106 19.52 26.20 8.17
N ILE G 107 20.61 25.86 8.85
CA ILE G 107 21.70 26.79 9.08
C ILE G 107 22.41 27.04 7.73
N THR G 108 22.52 28.31 7.36
CA THR G 108 22.91 28.71 6.03
C THR G 108 23.91 29.85 6.13
N ALA G 109 24.94 29.81 5.29
CA ALA G 109 25.87 30.93 5.18
C ALA G 109 25.17 32.06 4.45
N TYR G 110 25.29 33.27 4.97
CA TYR G 110 24.55 34.43 4.40
C TYR G 110 25.27 35.08 3.21
N SER G 111 26.54 34.73 2.96
CA SER G 111 27.31 35.39 1.90
C SER G 111 28.12 34.42 1.02
N SER G 112 27.56 33.23 0.81
CA SER G 112 28.17 32.23 -0.08
C SER G 112 28.08 32.69 -1.53
N THR G 113 29.01 32.19 -2.36
CA THR G 113 28.97 32.43 -3.80
C THR G 113 28.77 31.16 -4.63
N ARG G 114 28.61 30.02 -3.98
CA ARG G 114 28.40 28.71 -4.62
C ARG G 114 27.64 27.83 -3.65
N PRO G 115 26.96 26.80 -4.17
CA PRO G 115 26.43 25.83 -3.21
C PRO G 115 27.57 25.22 -2.40
N VAL G 116 27.33 25.11 -1.11
CA VAL G 116 28.21 24.40 -0.19
C VAL G 116 28.45 22.97 -0.66
N GLN G 117 29.68 22.50 -0.59
CA GLN G 117 29.99 21.11 -0.91
C GLN G 117 30.15 20.27 0.35
N VAL G 118 29.42 19.16 0.44
CA VAL G 118 29.39 18.34 1.63
C VAL G 118 30.49 17.30 1.58
N LEU G 119 31.31 17.23 2.61
CA LEU G 119 32.50 16.37 2.61
C LEU G 119 32.40 15.18 3.56
N SER G 120 31.35 15.11 4.37
CA SER G 120 31.20 14.03 5.36
C SER G 120 29.83 13.35 5.25
N PRO G 121 29.74 12.09 5.71
CA PRO G 121 28.47 11.36 5.65
C PRO G 121 27.37 12.07 6.45
N GLN G 122 26.15 12.01 5.95
CA GLN G 122 25.04 12.68 6.56
C GLN G 122 24.41 11.81 7.65
N ILE G 123 25.09 11.74 8.78
CA ILE G 123 24.74 10.86 9.88
C ILE G 123 24.89 11.68 11.16
N ALA G 124 23.89 11.60 12.04
CA ALA G 124 23.91 12.29 13.33
C ALA G 124 23.89 11.32 14.52
N VAL G 125 24.10 11.87 15.71
CA VAL G 125 24.04 11.10 16.95
C VAL G 125 22.89 11.61 17.78
N VAL G 126 21.97 10.71 18.12
CA VAL G 126 20.81 11.03 18.95
C VAL G 126 21.03 10.39 20.33
N THR G 127 20.77 11.17 21.38
CA THR G 127 20.94 10.73 22.76
C THR G 127 19.57 10.64 23.46
N HIS G 128 19.48 9.79 24.49
CA HIS G 128 18.19 9.45 25.13
C HIS G 128 17.38 10.60 25.68
N ASP G 129 18.04 11.68 26.05
CA ASP G 129 17.35 12.93 26.47
C ASP G 129 16.77 13.77 25.33
N GLY G 130 16.90 13.29 24.09
CA GLY G 130 16.39 13.98 22.92
C GLY G 130 17.39 14.93 22.26
N SER G 131 18.61 14.98 22.77
CA SER G 131 19.61 15.85 22.18
C SER G 131 20.27 15.16 20.97
N VAL G 132 20.65 16.01 20.02
CA VAL G 132 21.21 15.59 18.75
C VAL G 132 22.53 16.34 18.54
N MET G 133 23.52 15.61 18.03
CA MET G 133 24.77 16.21 17.55
C MET G 133 24.97 15.85 16.08
N PHE G 134 25.27 16.85 15.27
CA PHE G 134 25.49 16.68 13.83
C PHE G 134 26.68 17.55 13.42
N ILE G 135 27.67 16.96 12.76
CA ILE G 135 28.94 17.66 12.46
C ILE G 135 29.30 17.54 10.98
N PRO G 136 28.61 18.29 10.11
CA PRO G 136 28.95 18.25 8.69
C PRO G 136 30.24 18.97 8.36
N ALA G 137 31.12 18.30 7.62
CA ALA G 137 32.27 18.93 7.02
C ALA G 137 31.84 19.57 5.68
N GLN G 138 32.26 20.81 5.48
CA GLN G 138 31.87 21.59 4.32
C GLN G 138 33.06 22.28 3.68
N ARG G 139 32.94 22.51 2.38
CA ARG G 139 33.73 23.51 1.69
C ARG G 139 32.83 24.61 1.20
N LEU G 140 33.22 25.84 1.52
CA LEU G 140 32.40 27.02 1.30
C LEU G 140 33.22 28.03 0.51
N SER G 141 32.65 28.56 -0.57
CA SER G 141 33.14 29.76 -1.23
C SER G 141 32.30 30.94 -0.78
N PHE G 142 32.95 31.98 -0.27
CA PHE G 142 32.23 33.16 0.22
C PHE G 142 32.93 34.48 -0.12
N MET G 143 32.21 35.58 0.07
CA MET G 143 32.67 36.91 -0.34
C MET G 143 33.74 37.45 0.60
N CYS G 144 34.92 37.72 0.05
CA CYS G 144 36.08 38.14 0.83
C CYS G 144 37.14 38.72 -0.10
N ASP G 145 37.66 39.89 0.25
CA ASP G 145 38.71 40.57 -0.51
C ASP G 145 40.07 40.18 0.08
N PRO G 146 40.86 39.34 -0.63
CA PRO G 146 42.15 38.90 -0.14
C PRO G 146 43.33 39.88 -0.37
N THR G 147 43.08 41.02 -1.01
CA THR G 147 44.14 42.01 -1.22
C THR G 147 44.83 42.37 0.10
N GLY G 148 46.15 42.15 0.14
CA GLY G 148 46.98 42.37 1.33
C GLY G 148 47.30 41.09 2.13
N VAL G 149 46.80 39.96 1.64
CA VAL G 149 47.03 38.68 2.31
C VAL G 149 48.53 38.38 2.38
N ASP G 150 49.29 38.89 1.41
CA ASP G 150 50.75 38.66 1.35
C ASP G 150 51.58 39.62 2.22
N SER G 151 50.96 40.30 3.17
CA SER G 151 51.64 41.21 4.07
C SER G 151 51.71 40.66 5.47
N GLU G 152 52.41 41.37 6.34
CA GLU G 152 52.48 41.02 7.74
C GLU G 152 51.12 41.19 8.45
N GLU G 153 50.42 42.30 8.19
CA GLU G 153 49.10 42.51 8.82
C GLU G 153 48.00 41.54 8.39
N GLY G 154 48.10 41.02 7.17
CA GLY G 154 47.10 40.13 6.62
C GLY G 154 45.78 40.80 6.26
N VAL G 155 44.75 40.00 6.10
CA VAL G 155 43.41 40.48 5.81
C VAL G 155 42.44 39.87 6.80
N THR G 156 41.30 40.48 6.93
CA THR G 156 40.22 40.00 7.75
C THR G 156 39.04 39.73 6.86
N CYS G 157 38.36 38.59 7.05
CA CYS G 157 37.12 38.31 6.37
C CYS G 157 36.10 37.70 7.28
N ALA G 158 34.84 37.77 6.86
CA ALA G 158 33.71 37.43 7.70
C ALA G 158 32.53 36.81 6.94
N VAL G 159 31.87 35.85 7.58
CA VAL G 159 30.65 35.27 7.03
C VAL G 159 29.68 34.89 8.15
N LYS G 160 28.43 35.27 7.98
CA LYS G 160 27.39 34.99 8.98
C LYS G 160 26.70 33.65 8.67
N PHE G 161 26.40 32.89 9.72
CA PHE G 161 25.65 31.65 9.61
C PHE G 161 24.39 31.74 10.49
N GLY G 162 23.24 31.44 9.92
CA GLY G 162 21.98 31.41 10.67
C GLY G 162 20.87 30.68 9.90
N SER G 163 19.73 30.51 10.57
CA SER G 163 18.55 30.03 9.89
C SER G 163 18.22 30.97 8.75
N TRP G 164 17.91 30.41 7.59
CA TRP G 164 17.41 31.20 6.48
C TRP G 164 15.97 31.69 6.75
N VAL G 165 15.13 30.85 7.34
CA VAL G 165 13.70 31.14 7.39
C VAL G 165 13.10 31.38 8.79
N TYR G 166 13.80 30.99 9.85
CA TYR G 166 13.26 31.12 11.20
C TYR G 166 13.85 32.29 11.98
N SER G 167 12.96 33.12 12.55
CA SER G 167 13.36 34.24 13.40
C SER G 167 13.86 33.77 14.76
N GLY G 168 14.31 34.73 15.56
CA GLY G 168 14.75 34.49 16.93
C GLY G 168 13.66 33.92 17.82
N PHE G 169 12.39 34.14 17.48
CA PHE G 169 11.29 33.58 18.25
C PHE G 169 11.03 32.10 17.99
N GLU G 170 11.67 31.52 16.98
CA GLU G 170 11.59 30.07 16.70
C GLU G 170 12.94 29.35 16.80
N ILE G 171 13.99 29.97 16.26
CA ILE G 171 15.37 29.47 16.41
C ILE G 171 16.29 30.55 16.97
N ASP G 172 16.85 30.27 18.14
CA ASP G 172 17.94 31.03 18.72
C ASP G 172 19.24 30.22 18.54
N LEU G 173 20.36 30.94 18.54
CA LEU G 173 21.67 30.31 18.41
C LEU G 173 22.54 30.67 19.60
N LYS G 174 23.44 29.78 19.95
CA LYS G 174 24.53 30.12 20.85
C LYS G 174 25.80 29.37 20.50
N THR G 175 26.91 29.82 21.05
CA THR G 175 28.19 29.14 20.94
C THR G 175 28.62 28.67 22.31
N ASP G 176 29.46 27.64 22.38
CA ASP G 176 30.09 27.27 23.65
C ASP G 176 31.29 28.13 23.97
N THR G 177 31.91 28.66 22.93
CA THR G 177 33.07 29.51 23.06
C THR G 177 33.03 30.47 21.90
N ASP G 178 33.67 31.62 22.05
CA ASP G 178 33.83 32.57 20.97
C ASP G 178 35.10 32.27 20.13
N GLN G 179 35.88 31.29 20.57
CA GLN G 179 37.08 30.86 19.89
C GLN G 179 36.83 29.69 18.94
N VAL G 180 37.05 29.92 17.65
CA VAL G 180 37.03 28.88 16.62
C VAL G 180 38.15 27.88 16.97
N ASP G 181 37.84 26.59 16.80
CA ASP G 181 38.78 25.53 17.12
C ASP G 181 39.77 25.41 15.94
N LEU G 182 41.03 25.73 16.24
CA LEU G 182 42.12 25.68 15.26
C LEU G 182 43.06 24.49 15.48
N SER G 183 42.66 23.52 16.28
CA SER G 183 43.54 22.40 16.61
C SER G 183 43.64 21.34 15.53
N SER G 184 42.79 21.40 14.50
CA SER G 184 42.92 20.56 13.29
C SER G 184 43.35 21.39 12.07
N TYR G 185 43.83 22.61 12.28
CA TYR G 185 44.16 23.46 11.13
C TYR G 185 45.39 22.87 10.41
N TYR G 186 45.26 22.70 9.09
CA TYR G 186 46.36 22.18 8.26
C TYR G 186 47.64 23.02 8.40
N ALA G 187 48.67 22.40 8.97
CA ALA G 187 49.92 23.08 9.30
C ALA G 187 50.69 23.56 8.06
N SER G 188 50.51 22.89 6.90
CA SER G 188 51.17 23.32 5.65
C SER G 188 50.24 24.04 4.68
N SER G 189 49.15 24.62 5.17
CA SER G 189 48.32 25.50 4.36
C SER G 189 49.14 26.65 3.81
N LYS G 190 48.66 27.24 2.71
CA LYS G 190 49.29 28.44 2.17
C LYS G 190 49.04 29.61 3.09
N TYR G 191 47.99 29.53 3.91
CA TYR G 191 47.60 30.63 4.79
C TYR G 191 47.66 30.20 6.25
N GLU G 192 48.31 31.03 7.07
CA GLU G 192 48.30 30.84 8.51
C GLU G 192 47.23 31.76 9.13
N ILE G 193 46.63 31.27 10.21
CA ILE G 193 45.54 31.95 10.85
C ILE G 193 46.11 32.82 11.97
N LEU G 194 45.73 34.09 11.98
CA LEU G 194 46.09 35.00 13.07
C LEU G 194 45.03 35.01 14.16
N SER G 195 43.77 35.02 13.78
CA SER G 195 42.69 34.83 14.72
C SER G 195 41.44 34.34 14.02
N ALA G 196 40.57 33.72 14.80
CA ALA G 196 39.34 33.17 14.28
C ALA G 196 38.30 33.12 15.37
N THR G 197 37.26 33.93 15.23
CA THR G 197 36.19 34.03 16.23
C THR G 197 34.82 33.68 15.66
N GLN G 198 33.92 33.33 16.57
CA GLN G 198 32.55 32.97 16.22
C GLN G 198 31.64 33.61 17.26
N THR G 199 30.84 34.59 16.81
CA THR G 199 30.14 35.46 17.75
C THR G 199 28.66 35.62 17.37
N ARG G 200 27.79 35.40 18.35
CA ARG G 200 26.34 35.57 18.15
C ARG G 200 26.00 37.04 17.85
N GLN G 201 25.12 37.26 16.88
CA GLN G 201 24.60 38.61 16.55
C GLN G 201 23.07 38.54 16.27
N VAL G 202 22.46 39.72 16.29
CA VAL G 202 21.03 39.90 16.02
C VAL G 202 20.89 40.83 14.81
N GLN G 203 20.15 40.41 13.77
CA GLN G 203 19.97 41.21 12.55
C GLN G 203 18.47 41.58 12.47
N HIS G 204 18.19 42.64 11.71
CA HIS G 204 16.88 42.94 11.20
C HIS G 204 16.94 43.13 9.68
N TYR G 205 15.87 42.67 9.01
CA TYR G 205 15.79 42.77 7.56
C TYR G 205 14.50 43.49 7.13
N SER G 206 14.60 44.25 6.04
CA SER G 206 13.46 44.99 5.44
C SER G 206 12.21 44.15 5.26
N CYS G 207 12.38 42.92 4.79
CA CYS G 207 11.26 42.02 4.51
C CYS G 207 10.35 41.68 5.71
N CYS G 208 10.89 41.74 6.93
CA CYS G 208 10.39 40.90 8.02
C CYS G 208 10.43 41.68 9.34
N PRO G 209 9.38 41.59 10.17
CA PRO G 209 9.35 42.42 11.39
C PRO G 209 10.24 41.94 12.55
N GLU G 210 10.51 40.65 12.63
CA GLU G 210 11.18 40.01 13.77
C GLU G 210 12.73 39.94 13.60
N PRO G 211 13.47 39.80 14.71
CA PRO G 211 14.91 39.61 14.63
C PRO G 211 15.34 38.21 14.20
N TYR G 212 16.45 38.12 13.46
CA TYR G 212 17.04 36.84 13.05
C TYR G 212 18.41 36.74 13.67
N ILE G 213 18.77 35.54 14.13
CA ILE G 213 20.01 35.32 14.85
C ILE G 213 21.05 34.74 13.90
N ASP G 214 22.30 35.16 14.04
CA ASP G 214 23.41 34.52 13.31
C ASP G 214 24.63 34.35 14.19
N VAL G 215 25.53 33.49 13.77
CA VAL G 215 26.90 33.44 14.32
C VAL G 215 27.84 33.92 13.22
N ASN G 216 28.62 34.93 13.55
CA ASN G 216 29.50 35.61 12.59
C ASN G 216 30.91 35.04 12.79
N LEU G 217 31.37 34.34 11.75
CA LEU G 217 32.70 33.74 11.69
C LEU G 217 33.65 34.77 11.13
N VAL G 218 34.57 35.27 11.97
CA VAL G 218 35.56 36.29 11.57
C VAL G 218 36.94 35.64 11.55
N VAL G 219 37.59 35.64 10.39
CA VAL G 219 38.89 34.99 10.23
C VAL G 219 39.90 35.99 9.71
N LYS G 220 41.02 36.09 10.41
CA LYS G 220 42.10 36.95 10.04
C LYS G 220 43.29 36.07 9.68
N PHE G 221 43.85 36.27 8.50
CA PHE G 221 44.87 35.37 7.99
C PHE G 221 45.87 36.04 7.05
N ARG G 222 46.96 35.33 6.78
CA ARG G 222 47.97 35.79 5.83
C ARG G 222 48.73 34.63 5.24
N GLU G 223 49.50 34.90 4.19
CA GLU G 223 50.37 33.88 3.58
C GLU G 223 51.45 33.39 4.57
N ARG G 224 51.74 32.09 4.57
CA ARG G 224 52.70 31.45 5.49
C ARG G 224 54.16 31.59 5.01
N GLN H 20 18.81 -18.97 -11.07
CA GLN H 20 18.22 -17.63 -10.75
C GLN H 20 17.24 -17.80 -9.57
N ALA H 21 16.38 -18.82 -9.64
CA ALA H 21 15.35 -19.05 -8.63
C ALA H 21 15.90 -19.09 -7.20
N ASN H 22 16.99 -19.83 -7.01
CA ASN H 22 17.63 -19.95 -5.71
C ASN H 22 18.20 -18.63 -5.21
N LEU H 23 18.88 -17.89 -6.08
CA LEU H 23 19.43 -16.60 -5.66
C LEU H 23 18.33 -15.58 -5.36
N MET H 24 17.28 -15.56 -6.19
CA MET H 24 16.12 -14.70 -5.95
C MET H 24 15.52 -14.96 -4.57
N ARG H 25 15.37 -16.24 -4.19
CA ARG H 25 14.88 -16.63 -2.86
C ARG H 25 15.77 -16.11 -1.75
N LEU H 26 17.07 -16.32 -1.91
CA LEU H 26 18.05 -15.90 -0.92
C LEU H 26 18.00 -14.40 -0.68
N LYS H 27 17.97 -13.64 -1.76
CA LYS H 27 17.97 -12.18 -1.64
C LYS H 27 16.68 -11.70 -0.98
N SER H 28 15.58 -12.31 -1.39
CA SER H 28 14.27 -12.04 -0.77
C SER H 28 14.23 -12.36 0.73
N ASP H 29 14.73 -13.54 1.10
CA ASP H 29 14.83 -13.94 2.51
C ASP H 29 15.75 -13.00 3.31
N LEU H 30 16.88 -12.59 2.72
CA LEU H 30 17.79 -11.65 3.40
C LEU H 30 17.28 -10.20 3.50
N PHE H 31 16.62 -9.69 2.45
CA PHE H 31 16.38 -8.24 2.32
C PHE H 31 14.91 -7.76 2.45
N ASN H 32 13.92 -8.56 2.05
CA ASN H 32 12.50 -8.18 2.18
C ASN H 32 11.95 -8.50 3.56
N ARG H 33 12.31 -9.67 4.10
CA ARG H 33 11.86 -10.08 5.45
C ARG H 33 12.50 -9.25 6.59
N SER H 34 13.77 -8.85 6.43
CA SER H 34 14.53 -8.19 7.48
C SER H 34 14.06 -6.74 7.76
N PRO H 35 14.04 -6.32 9.06
CA PRO H 35 14.22 -4.88 9.35
C PRO H 35 15.72 -4.59 9.22
N MET H 36 16.10 -3.49 8.55
CA MET H 36 17.51 -3.22 8.20
C MET H 36 18.45 -3.22 9.42
N TYR H 37 19.68 -3.69 9.23
CA TYR H 37 20.76 -3.64 10.22
C TYR H 37 20.92 -2.17 10.63
N PRO H 38 20.90 -1.84 11.93
CA PRO H 38 20.96 -0.43 12.34
C PRO H 38 22.40 0.07 12.64
N GLY H 39 23.38 -0.57 12.00
CA GLY H 39 24.77 -0.26 12.27
C GLY H 39 25.33 -0.88 13.54
N PRO H 40 26.66 -0.80 13.71
CA PRO H 40 27.33 -1.31 14.90
C PRO H 40 27.03 -0.52 16.16
N THR H 41 27.21 -1.17 17.32
CA THR H 41 26.97 -0.56 18.64
C THR H 41 28.10 -0.91 19.61
N LYS H 42 28.10 -0.31 20.79
CA LYS H 42 29.02 -0.71 21.84
C LYS H 42 28.85 -2.18 22.23
N ASP H 43 27.61 -2.68 22.28
CA ASP H 43 27.36 -4.11 22.62
C ASP H 43 27.75 -5.09 21.52
N ASP H 44 27.62 -4.67 20.26
CA ASP H 44 27.93 -5.49 19.07
C ASP H 44 28.82 -4.71 18.09
N PRO H 45 30.10 -4.50 18.45
CA PRO H 45 31.00 -3.73 17.60
C PRO H 45 31.50 -4.52 16.41
N LEU H 46 32.19 -3.84 15.54
CA LEU H 46 32.55 -4.35 14.24
C LEU H 46 33.97 -3.94 13.92
N THR H 47 34.72 -4.83 13.29
CA THR H 47 36.03 -4.50 12.76
C THR H 47 35.96 -4.47 11.24
N VAL H 48 36.39 -3.35 10.66
CA VAL H 48 36.45 -3.18 9.22
C VAL H 48 37.90 -3.27 8.78
N THR H 49 38.18 -4.09 7.79
CA THR H 49 39.52 -4.19 7.24
C THR H 49 39.59 -3.25 6.02
N LEU H 50 40.64 -2.44 5.96
CA LEU H 50 40.89 -1.52 4.86
C LEU H 50 42.23 -1.82 4.20
N GLY H 51 42.25 -1.71 2.87
CA GLY H 51 43.46 -1.80 2.08
C GLY H 51 43.37 -0.88 0.86
N PHE H 52 44.46 -0.21 0.51
CA PHE H 52 44.45 0.69 -0.62
C PHE H 52 45.26 0.12 -1.75
N THR H 53 44.79 0.27 -2.99
CA THR H 53 45.65 0.08 -4.14
C THR H 53 45.67 1.39 -4.92
N LEU H 54 46.86 2.00 -4.98
CA LEU H 54 47.05 3.33 -5.52
C LEU H 54 47.31 3.21 -7.01
N GLN H 55 46.46 3.87 -7.80
CA GLN H 55 46.50 3.77 -9.24
C GLN H 55 47.25 4.96 -9.88
N ASP H 56 47.00 6.18 -9.39
CA ASP H 56 47.62 7.35 -9.96
C ASP H 56 47.63 8.53 -9.00
N ILE H 57 48.73 9.29 -9.00
CA ILE H 57 48.73 10.66 -8.52
C ILE H 57 48.54 11.43 -9.81
N VAL H 58 47.33 11.96 -9.99
CA VAL H 58 46.94 12.59 -11.26
C VAL H 58 47.50 14.00 -11.37
N LYS H 59 47.35 14.75 -10.29
CA LYS H 59 47.54 16.17 -10.31
C LYS H 59 47.99 16.67 -8.96
N VAL H 60 48.75 17.75 -9.05
CA VAL H 60 49.31 18.44 -7.91
C VAL H 60 48.93 19.91 -8.15
N ASP H 61 48.49 20.64 -7.12
CA ASP H 61 48.25 22.09 -7.27
C ASP H 61 49.04 22.85 -6.21
N SER H 62 50.17 23.42 -6.62
CA SER H 62 51.06 24.14 -5.69
C SER H 62 50.56 25.50 -5.27
N SER H 63 49.53 26.03 -5.92
CA SER H 63 48.96 27.29 -5.45
C SER H 63 47.86 27.10 -4.35
N THR H 64 47.28 25.89 -4.23
CA THR H 64 46.26 25.58 -3.19
C THR H 64 46.65 24.47 -2.22
N ASN H 65 47.80 23.83 -2.47
CA ASN H 65 48.24 22.66 -1.72
C ASN H 65 47.15 21.60 -1.64
N GLU H 66 46.68 21.20 -2.82
CA GLU H 66 45.78 20.10 -3.02
C GLU H 66 46.47 19.10 -3.95
N VAL H 67 46.35 17.80 -3.64
CA VAL H 67 46.83 16.74 -4.52
C VAL H 67 45.67 15.77 -4.77
N ASP H 68 45.64 15.21 -5.98
CA ASP H 68 44.55 14.37 -6.46
C ASP H 68 45.01 12.93 -6.70
N LEU H 69 44.42 11.98 -5.99
CA LEU H 69 44.74 10.55 -6.11
C LEU H 69 43.58 9.79 -6.73
N VAL H 70 43.93 8.70 -7.42
CA VAL H 70 42.97 7.70 -7.85
C VAL H 70 43.43 6.38 -7.26
N TYR H 71 42.51 5.71 -6.54
CA TYR H 71 42.80 4.45 -5.86
C TYR H 71 41.55 3.60 -5.73
N TYR H 72 41.75 2.35 -5.34
CA TYR H 72 40.68 1.44 -4.95
C TYR H 72 40.82 1.24 -3.46
N GLU H 73 39.71 1.37 -2.73
CA GLU H 73 39.69 1.16 -1.30
C GLU H 73 38.93 -0.14 -0.99
N GLN H 74 39.68 -1.21 -0.69
CA GLN H 74 39.11 -2.49 -0.32
C GLN H 74 38.59 -2.45 1.10
N GLN H 75 37.29 -2.70 1.27
CA GLN H 75 36.63 -2.71 2.58
C GLN H 75 36.07 -4.10 2.87
N ARG H 76 36.31 -4.61 4.08
CA ARG H 76 35.82 -5.94 4.50
CA ARG H 76 35.82 -5.93 4.51
C ARG H 76 35.27 -5.87 5.92
N TRP H 77 34.12 -6.50 6.11
CA TRP H 77 33.50 -6.63 7.43
C TRP H 77 32.58 -7.86 7.40
N LYS H 78 31.95 -8.15 8.54
CA LYS H 78 31.18 -9.38 8.69
C LYS H 78 29.99 -9.17 9.64
N LEU H 79 28.81 -9.55 9.18
CA LEU H 79 27.57 -9.43 9.97
C LEU H 79 26.88 -10.77 10.11
N ASN H 80 26.48 -11.11 11.34
CA ASN H 80 25.66 -12.31 11.56
C ASN H 80 24.36 -12.28 10.78
N SER H 81 23.75 -11.12 10.63
CA SER H 81 22.45 -10.99 9.91
C SER H 81 22.54 -11.23 8.40
N LEU H 82 23.75 -11.35 7.84
CA LEU H 82 23.92 -11.72 6.43
C LEU H 82 24.33 -13.19 6.22
N MET H 83 24.32 -13.98 7.29
CA MET H 83 24.60 -15.44 7.18
C MET H 83 23.46 -16.21 6.52
N TRP H 84 23.83 -17.24 5.77
CA TRP H 84 22.88 -18.28 5.37
C TRP H 84 23.58 -19.63 5.26
N ASP H 85 22.76 -20.68 5.23
CA ASP H 85 23.22 -22.05 5.05
C ASP H 85 23.13 -22.32 3.55
N PRO H 86 24.28 -22.51 2.88
CA PRO H 86 24.24 -22.77 1.41
C PRO H 86 23.39 -23.97 0.99
N ASN H 87 23.25 -24.95 1.88
CA ASN H 87 22.43 -26.14 1.62
C ASN H 87 20.96 -25.80 1.39
N GLU H 88 20.46 -24.75 2.04
CA GLU H 88 19.08 -24.33 1.89
C GLU H 88 18.84 -23.49 0.60
N TYR H 89 19.90 -23.10 -0.11
CA TYR H 89 19.76 -22.23 -1.28
C TYR H 89 20.59 -22.70 -2.47
N GLY H 90 20.46 -23.97 -2.78
CA GLY H 90 21.06 -24.57 -3.97
C GLY H 90 22.58 -24.46 -4.01
N ASN H 91 23.24 -24.60 -2.86
CA ASN H 91 24.72 -24.55 -2.74
C ASN H 91 25.36 -23.17 -3.07
N ILE H 92 24.57 -22.09 -3.03
CA ILE H 92 25.11 -20.75 -3.25
C ILE H 92 25.97 -20.32 -2.06
N THR H 93 27.24 -20.04 -2.32
CA THR H 93 28.18 -19.62 -1.27
C THR H 93 28.41 -18.11 -1.22
N ASP H 94 28.02 -17.38 -2.27
CA ASP H 94 28.19 -15.94 -2.31
C ASP H 94 27.42 -15.32 -3.46
N PHE H 95 27.23 -14.01 -3.39
CA PHE H 95 26.58 -13.30 -4.47
C PHE H 95 26.99 -11.83 -4.54
N ARG H 96 26.76 -11.25 -5.71
CA ARG H 96 26.92 -9.83 -5.92
C ARG H 96 25.60 -9.14 -5.67
N THR H 97 25.63 -7.98 -5.02
CA THR H 97 24.42 -7.21 -4.83
C THR H 97 24.73 -5.74 -4.71
N SER H 98 23.78 -4.93 -5.14
CA SER H 98 23.85 -3.48 -5.00
C SER H 98 24.15 -3.10 -3.54
N ALA H 99 25.04 -2.14 -3.36
CA ALA H 99 25.39 -1.62 -2.02
C ALA H 99 24.24 -0.96 -1.29
N ALA H 100 23.24 -0.50 -2.01
CA ALA H 100 22.03 0.05 -1.41
C ALA H 100 21.22 -1.00 -0.62
N ASP H 101 21.34 -2.28 -1.01
CA ASP H 101 20.66 -3.38 -0.31
C ASP H 101 21.18 -3.62 1.12
N ILE H 102 22.39 -3.13 1.45
CA ILE H 102 23.08 -3.45 2.70
C ILE H 102 23.65 -2.20 3.38
N TRP H 103 23.99 -2.36 4.66
CA TRP H 103 24.73 -1.35 5.36
C TRP H 103 26.18 -1.37 4.84
N THR H 104 26.80 -0.19 4.77
CA THR H 104 28.20 -0.04 4.44
C THR H 104 28.83 0.94 5.43
N PRO H 105 30.10 0.73 5.78
CA PRO H 105 30.71 1.63 6.76
C PRO H 105 30.93 3.04 6.16
N ASP H 106 30.77 4.07 6.98
CA ASP H 106 30.94 5.46 6.61
C ASP H 106 32.44 5.92 6.61
N ILE H 107 33.30 5.15 5.94
CA ILE H 107 34.73 5.44 5.93
C ILE H 107 34.96 6.70 5.09
N THR H 108 35.63 7.69 5.70
CA THR H 108 35.71 9.03 5.19
C THR H 108 37.14 9.54 5.31
N ALA H 109 37.62 10.23 4.29
CA ALA H 109 38.91 10.89 4.36
C ALA H 109 38.80 12.08 5.26
N TYR H 110 39.76 12.26 6.18
CA TYR H 110 39.69 13.32 7.20
C TYR H 110 40.18 14.68 6.72
N SER H 111 40.83 14.75 5.56
CA SER H 111 41.43 16.00 5.05
C SER H 111 41.16 16.23 3.56
N SER H 112 39.99 15.80 3.10
CA SER H 112 39.57 16.06 1.72
C SER H 112 39.28 17.55 1.52
N THR H 113 39.40 18.02 0.28
CA THR H 113 39.02 19.38 -0.10
C THR H 113 37.88 19.46 -1.11
N ARG H 114 37.33 18.33 -1.51
CA ARG H 114 36.19 18.23 -2.45
C ARG H 114 35.43 16.96 -2.12
N PRO H 115 34.16 16.87 -2.51
CA PRO H 115 33.54 15.55 -2.41
C PRO H 115 34.29 14.54 -3.27
N VAL H 116 34.52 13.38 -2.69
CA VAL H 116 35.08 12.22 -3.38
C VAL H 116 34.25 11.91 -4.63
N GLN H 117 34.91 11.62 -5.74
CA GLN H 117 34.23 11.20 -6.96
C GLN H 117 34.29 9.68 -7.12
N VAL H 118 33.14 9.04 -7.31
CA VAL H 118 33.04 7.59 -7.36
C VAL H 118 33.23 7.12 -8.79
N LEU H 119 34.16 6.20 -9.00
CA LEU H 119 34.53 5.76 -10.36
C LEU H 119 34.09 4.35 -10.70
N SER H 120 33.55 3.61 -9.73
CA SER H 120 33.13 2.23 -9.94
C SER H 120 31.68 1.98 -9.50
N PRO H 121 31.04 0.94 -10.05
CA PRO H 121 29.66 0.63 -9.67
C PRO H 121 29.56 0.28 -8.18
N GLN H 122 28.46 0.70 -7.57
CA GLN H 122 28.23 0.51 -6.16
C GLN H 122 27.61 -0.89 -5.92
N ILE H 123 28.46 -1.90 -6.01
CA ILE H 123 28.08 -3.29 -5.92
C ILE H 123 29.08 -4.00 -5.04
N ALA H 124 28.60 -4.80 -4.10
CA ALA H 124 29.46 -5.57 -3.19
C ALA H 124 29.28 -7.07 -3.34
N VAL H 125 30.15 -7.83 -2.68
CA VAL H 125 30.07 -9.29 -2.67
C VAL H 125 29.80 -9.74 -1.26
N VAL H 126 28.71 -10.49 -1.09
CA VAL H 126 28.33 -11.06 0.21
C VAL H 126 28.58 -12.56 0.18
N THR H 127 29.19 -13.08 1.23
CA THR H 127 29.53 -14.51 1.34
C THR H 127 28.70 -15.15 2.46
N HIS H 128 28.48 -16.46 2.36
CA HIS H 128 27.54 -17.20 3.25
C HIS H 128 27.81 -17.10 4.74
N ASP H 129 29.05 -16.88 5.13
CA ASP H 129 29.41 -16.62 6.55
C ASP H 129 29.09 -15.21 7.05
N GLY H 130 28.48 -14.37 6.19
CA GLY H 130 28.13 -13.01 6.55
C GLY H 130 29.18 -11.98 6.24
N SER H 131 30.29 -12.39 5.63
CA SER H 131 31.34 -11.45 5.30
C SER H 131 31.03 -10.74 3.98
N VAL H 132 31.48 -9.50 3.90
CA VAL H 132 31.21 -8.61 2.79
C VAL H 132 32.53 -8.04 2.29
N MET H 133 32.67 -7.95 0.98
CA MET H 133 33.78 -7.23 0.34
C MET H 133 33.22 -6.14 -0.57
N PHE H 134 33.75 -4.93 -0.44
CA PHE H 134 33.32 -3.78 -1.23
C PHE H 134 34.56 -2.96 -1.62
N ILE H 135 34.72 -2.69 -2.92
CA ILE H 135 35.95 -2.10 -3.44
C ILE H 135 35.64 -0.87 -4.31
N PRO H 136 35.29 0.26 -3.69
CA PRO H 136 35.04 1.46 -4.47
C PRO H 136 36.32 2.10 -5.01
N ALA H 137 36.32 2.41 -6.29
CA ALA H 137 37.34 3.24 -6.90
C ALA H 137 36.94 4.71 -6.71
N GLN H 138 37.90 5.52 -6.27
CA GLN H 138 37.67 6.92 -5.94
C GLN H 138 38.74 7.82 -6.53
N ARG H 139 38.35 9.06 -6.80
CA ARG H 139 39.28 10.15 -6.96
C ARG H 139 39.08 11.14 -5.83
N LEU H 140 40.17 11.48 -5.18
CA LEU H 140 40.17 12.28 -3.97
C LEU H 140 41.10 13.47 -4.15
N SER H 141 40.62 14.67 -3.82
CA SER H 141 41.47 15.83 -3.63
C SER H 141 41.68 16.02 -2.13
N PHE H 142 42.93 16.10 -1.70
CA PHE H 142 43.24 16.24 -0.28
C PHE H 142 44.42 17.21 -0.02
N MET H 143 44.57 17.59 1.25
CA MET H 143 45.54 18.59 1.66
C MET H 143 46.97 18.05 1.65
N CYS H 144 47.82 18.65 0.83
CA CYS H 144 49.18 18.18 0.62
C CYS H 144 50.01 19.29 -0.05
N ASP H 145 51.19 19.57 0.52
CA ASP H 145 52.10 20.58 -0.01
C ASP H 145 53.09 19.88 -0.95
N PRO H 146 52.97 20.10 -2.28
CA PRO H 146 53.84 19.46 -3.25
C PRO H 146 55.19 20.17 -3.48
N THR H 147 55.46 21.28 -2.80
CA THR H 147 56.75 21.96 -2.92
C THR H 147 57.92 20.99 -2.69
N GLY H 148 58.78 20.86 -3.71
CA GLY H 148 59.92 19.93 -3.70
C GLY H 148 59.67 18.63 -4.44
N VAL H 149 58.49 18.48 -5.02
CA VAL H 149 58.14 17.27 -5.76
C VAL H 149 59.10 17.06 -6.94
N ASP H 150 59.64 18.16 -7.46
CA ASP H 150 60.57 18.11 -8.61
C ASP H 150 62.04 17.86 -8.23
N SER H 151 62.29 17.36 -7.03
CA SER H 151 63.63 17.05 -6.57
C SER H 151 63.84 15.56 -6.46
N GLU H 152 65.06 15.18 -6.15
CA GLU H 152 65.41 13.78 -5.90
C GLU H 152 64.72 13.26 -4.62
N GLU H 153 64.75 14.02 -3.52
CA GLU H 153 64.09 13.57 -2.27
C GLU H 153 62.57 13.44 -2.34
N GLY H 154 61.93 14.23 -3.20
CA GLY H 154 60.49 14.26 -3.30
C GLY H 154 59.79 14.88 -2.11
N VAL H 155 58.50 14.61 -2.00
CA VAL H 155 57.68 15.09 -0.89
C VAL H 155 56.96 13.91 -0.27
N THR H 156 56.51 14.12 0.96
CA THR H 156 55.68 13.16 1.64
C THR H 156 54.35 13.80 1.91
N CYS H 157 53.27 13.05 1.68
CA CYS H 157 51.93 13.50 2.04
C CYS H 157 51.13 12.40 2.68
N ALA H 158 50.09 12.81 3.41
CA ALA H 158 49.31 11.92 4.25
C ALA H 158 47.83 12.26 4.35
N VAL H 159 47.01 11.22 4.39
CA VAL H 159 45.58 11.41 4.62
C VAL H 159 45.02 10.24 5.42
N LYS H 160 44.25 10.59 6.44
CA LYS H 160 43.65 9.61 7.34
C LYS H 160 42.25 9.21 6.84
N PHE H 161 41.94 7.93 6.95
CA PHE H 161 40.61 7.40 6.60
C PHE H 161 40.02 6.69 7.81
N GLY H 162 38.82 7.07 8.21
CA GLY H 162 38.09 6.41 9.30
C GLY H 162 36.59 6.70 9.29
N SER H 163 35.87 6.07 10.19
CA SER H 163 34.46 6.39 10.37
C SER H 163 34.39 7.87 10.76
N TRP H 164 33.44 8.59 10.16
CA TRP H 164 33.15 9.95 10.56
C TRP H 164 32.44 9.98 11.92
N VAL H 165 31.51 9.05 12.16
CA VAL H 165 30.62 9.15 13.32
C VAL H 165 30.76 8.07 14.39
N TYR H 166 31.44 6.96 14.09
CA TYR H 166 31.58 5.89 15.08
C TYR H 166 32.97 5.83 15.70
N SER H 167 32.98 5.79 17.04
CA SER H 167 34.21 5.67 17.81
C SER H 167 34.80 4.27 17.72
N GLY H 168 35.97 4.10 18.33
CA GLY H 168 36.63 2.81 18.45
C GLY H 168 35.82 1.75 19.15
N PHE H 169 34.88 2.16 20.00
CA PHE H 169 34.01 1.20 20.71
C PHE H 169 32.88 0.65 19.85
N GLU H 170 32.68 1.19 18.65
CA GLU H 170 31.69 0.66 17.68
C GLU H 170 32.32 0.19 16.37
N ILE H 171 33.26 0.97 15.84
CA ILE H 171 34.04 0.57 14.66
C ILE H 171 35.55 0.66 14.94
N ASP H 172 36.21 -0.49 14.85
CA ASP H 172 37.65 -0.60 14.84
C ASP H 172 38.09 -0.89 13.40
N LEU H 173 39.34 -0.59 13.10
CA LEU H 173 39.91 -0.81 11.78
C LEU H 173 41.17 -1.65 11.91
N LYS H 174 41.47 -2.39 10.85
CA LYS H 174 42.76 -3.00 10.70
C LYS H 174 43.15 -3.09 9.23
N THR H 175 44.43 -3.36 8.99
CA THR H 175 44.95 -3.62 7.65
C THR H 175 45.45 -5.05 7.60
N ASP H 176 45.50 -5.66 6.42
CA ASP H 176 46.18 -6.95 6.26
C ASP H 176 47.68 -6.79 6.10
N THR H 177 48.10 -5.63 5.62
CA THR H 177 49.49 -5.33 5.41
C THR H 177 49.63 -3.83 5.59
N ASP H 178 50.82 -3.39 5.95
CA ASP H 178 51.12 -1.96 6.02
C ASP H 178 51.59 -1.41 4.67
N GLN H 179 51.76 -2.29 3.69
CA GLN H 179 52.17 -1.92 2.34
C GLN H 179 50.98 -1.70 1.41
N VAL H 180 50.83 -0.47 0.92
CA VAL H 180 49.88 -0.12 -0.12
C VAL H 180 50.22 -0.91 -1.38
N ASP H 181 49.20 -1.40 -2.05
CA ASP H 181 49.39 -2.18 -3.27
C ASP H 181 49.65 -1.22 -4.45
N LEU H 182 50.88 -1.30 -4.97
CA LEU H 182 51.35 -0.48 -6.07
C LEU H 182 51.43 -1.24 -7.41
N SER H 183 50.83 -2.43 -7.48
CA SER H 183 51.00 -3.27 -8.65
C SER H 183 50.12 -2.86 -9.85
N SER H 184 49.15 -1.96 -9.64
CA SER H 184 48.39 -1.35 -10.73
C SER H 184 48.73 0.14 -10.90
N TYR H 185 49.86 0.59 -10.33
CA TYR H 185 50.20 2.01 -10.43
C TYR H 185 50.53 2.35 -11.88
N TYR H 186 49.89 3.40 -12.40
CA TYR H 186 50.11 3.84 -13.78
C TYR H 186 51.59 4.17 -14.05
N ALA H 187 52.19 3.37 -14.93
CA ALA H 187 53.62 3.43 -15.22
C ALA H 187 54.02 4.76 -15.89
N SER H 188 53.12 5.42 -16.61
CA SER H 188 53.43 6.72 -17.24
C SER H 188 52.83 7.93 -16.51
N SER H 189 52.52 7.77 -15.23
CA SER H 189 52.14 8.92 -14.40
C SER H 189 53.24 9.96 -14.40
N LYS H 190 52.85 11.21 -14.13
CA LYS H 190 53.82 12.28 -13.95
C LYS H 190 54.62 12.08 -12.70
N TYR H 191 54.07 11.32 -11.73
CA TYR H 191 54.72 11.10 -10.44
C TYR H 191 55.04 9.63 -10.23
N GLU H 192 56.27 9.34 -9.83
CA GLU H 192 56.65 7.99 -9.42
C GLU H 192 56.58 7.91 -7.89
N ILE H 193 56.22 6.73 -7.40
CA ILE H 193 56.02 6.49 -5.99
C ILE H 193 57.31 5.95 -5.41
N LEU H 194 57.78 6.57 -4.33
CA LEU H 194 58.94 6.06 -3.60
C LEU H 194 58.53 5.12 -2.48
N SER H 195 57.48 5.46 -1.75
CA SER H 195 56.87 4.53 -0.80
C SER H 195 55.43 4.90 -0.53
N ALA H 196 54.70 3.92 -0.07
CA ALA H 196 53.27 4.09 0.21
C ALA H 196 52.84 3.11 1.28
N THR H 197 52.48 3.64 2.45
CA THR H 197 52.09 2.83 3.59
C THR H 197 50.68 3.15 4.07
N GLN H 198 50.12 2.19 4.80
CA GLN H 198 48.77 2.30 5.36
C GLN H 198 48.80 1.75 6.78
N THR H 199 48.60 2.62 7.76
CA THR H 199 48.89 2.27 9.16
C THR H 199 47.76 2.70 10.08
N ARG H 200 47.30 1.77 10.92
CA ARG H 200 46.28 2.07 11.93
C ARG H 200 46.77 3.08 12.95
N GLN H 201 45.92 4.05 13.30
CA GLN H 201 46.19 5.03 14.39
C GLN H 201 44.93 5.28 15.23
N VAL H 202 45.13 5.90 16.39
CA VAL H 202 44.05 6.25 17.32
C VAL H 202 44.09 7.77 17.50
N GLN H 203 42.96 8.47 17.29
CA GLN H 203 42.89 9.92 17.43
C GLN H 203 41.96 10.27 18.57
N HIS H 204 42.20 11.44 19.16
CA HIS H 204 41.33 12.03 20.16
C HIS H 204 41.00 13.47 19.73
N TYR H 205 39.76 13.86 19.94
CA TYR H 205 39.29 15.19 19.51
C TYR H 205 38.66 15.93 20.70
N SER H 206 38.86 17.26 20.75
CA SER H 206 38.29 18.11 21.82
C SER H 206 36.80 17.93 22.02
N CYS H 207 36.05 17.80 20.93
CA CYS H 207 34.60 17.66 20.98
C CYS H 207 34.07 16.45 21.74
N CYS H 208 34.85 15.37 21.83
CA CYS H 208 34.29 14.02 21.97
C CYS H 208 35.16 13.20 22.92
N PRO H 209 34.55 12.45 23.86
CA PRO H 209 35.36 11.75 24.88
C PRO H 209 36.07 10.47 24.39
N GLU H 210 35.52 9.80 23.37
CA GLU H 210 36.02 8.47 22.96
C GLU H 210 37.06 8.56 21.84
N PRO H 211 37.92 7.53 21.70
CA PRO H 211 38.89 7.50 20.60
C PRO H 211 38.24 7.12 19.25
N TYR H 212 38.76 7.70 18.16
CA TYR H 212 38.33 7.35 16.81
C TYR H 212 39.51 6.70 16.08
N ILE H 213 39.23 5.65 15.33
CA ILE H 213 40.28 4.90 14.67
C ILE H 213 40.40 5.36 13.21
N ASP H 214 41.64 5.43 12.71
CA ASP H 214 41.87 5.71 11.30
C ASP H 214 42.98 4.83 10.73
N VAL H 215 43.00 4.74 9.40
CA VAL H 215 44.16 4.23 8.69
C VAL H 215 44.78 5.40 7.93
N ASN H 216 46.06 5.62 8.19
CA ASN H 216 46.78 6.76 7.66
C ASN H 216 47.57 6.30 6.44
N LEU H 217 47.15 6.84 5.28
CA LEU H 217 47.77 6.60 4.00
C LEU H 217 48.91 7.62 3.84
N VAL H 218 50.15 7.14 3.88
CA VAL H 218 51.35 7.99 3.73
C VAL H 218 52.00 7.67 2.38
N VAL H 219 52.11 8.69 1.52
CA VAL H 219 52.65 8.51 0.18
C VAL H 219 53.82 9.46 -0.03
N LYS H 220 54.93 8.90 -0.45
CA LYS H 220 56.11 9.65 -0.76
C LYS H 220 56.35 9.53 -2.26
N PHE H 221 56.49 10.66 -2.93
CA PHE H 221 56.55 10.66 -4.39
C PHE H 221 57.37 11.82 -4.96
N ARG H 222 57.67 11.72 -6.26
CA ARG H 222 58.36 12.78 -6.98
C ARG H 222 58.04 12.73 -8.45
N GLU H 223 58.40 13.78 -9.18
CA GLU H 223 58.24 13.81 -10.64
C GLU H 223 59.08 12.73 -11.32
N ARG H 224 58.49 12.05 -12.30
CA ARG H 224 59.16 10.93 -12.97
C ARG H 224 60.53 11.38 -13.51
N ARG H 225 61.56 10.62 -13.14
CA ARG H 225 62.93 10.87 -13.60
C ARG H 225 63.16 10.39 -15.04
N GLN I 20 -0.62 -0.05 -29.07
CA GLN I 20 -0.16 0.39 -27.71
C GLN I 20 -0.68 -0.56 -26.63
N ALA I 21 -1.92 -0.98 -26.73
CA ALA I 21 -2.52 -1.97 -25.80
C ALA I 21 -1.68 -3.24 -25.64
N ASN I 22 -1.23 -3.78 -26.77
CA ASN I 22 -0.41 -4.98 -26.77
C ASN I 22 0.96 -4.76 -26.13
N LEU I 23 1.62 -3.65 -26.43
CA LEU I 23 2.91 -3.37 -25.82
C LEU I 23 2.77 -3.09 -24.32
N MET I 24 1.73 -2.35 -23.92
CA MET I 24 1.44 -2.11 -22.50
C MET I 24 1.30 -3.43 -21.74
N ARG I 25 0.58 -4.40 -22.32
CA ARG I 25 0.43 -5.74 -21.72
C ARG I 25 1.76 -6.45 -21.57
N LEU I 26 2.54 -6.43 -22.64
CA LEU I 26 3.85 -7.09 -22.67
C LEU I 26 4.77 -6.54 -21.58
N LYS I 27 4.83 -5.23 -21.47
CA LYS I 27 5.72 -4.59 -20.51
C LYS I 27 5.26 -4.90 -19.09
N SER I 28 3.95 -4.85 -18.88
CA SER I 28 3.35 -5.23 -17.59
C SER I 28 3.63 -6.71 -17.21
N ASP I 29 3.43 -7.61 -18.17
CA ASP I 29 3.75 -9.04 -17.95
C ASP I 29 5.24 -9.26 -17.67
N LEU I 30 6.13 -8.56 -18.39
CA LEU I 30 7.58 -8.69 -18.14
C LEU I 30 8.08 -8.03 -16.85
N PHE I 31 7.53 -6.87 -16.47
CA PHE I 31 8.15 -6.03 -15.42
C PHE I 31 7.41 -5.90 -14.08
N ASN I 32 6.07 -5.95 -14.08
CA ASN I 32 5.27 -5.88 -12.83
C ASN I 32 5.15 -7.24 -12.16
N ARG I 33 4.89 -8.27 -12.97
CA ARG I 33 4.75 -9.66 -12.48
C ARG I 33 6.08 -10.28 -12.02
N SER I 34 7.20 -9.93 -12.65
CA SER I 34 8.50 -10.55 -12.33
C SER I 34 9.08 -10.11 -10.97
N PRO I 35 9.71 -11.05 -10.21
CA PRO I 35 10.76 -10.63 -9.28
C PRO I 35 12.02 -10.36 -10.10
N MET I 36 12.72 -9.27 -9.80
CA MET I 36 13.85 -8.78 -10.65
C MET I 36 14.95 -9.86 -10.86
N TYR I 37 15.53 -9.85 -12.07
CA TYR I 37 16.69 -10.68 -12.39
C TYR I 37 17.80 -10.33 -11.40
N PRO I 38 18.42 -11.31 -10.72
CA PRO I 38 19.46 -11.01 -9.72
C PRO I 38 20.88 -10.98 -10.26
N GLY I 39 21.04 -10.70 -11.54
CA GLY I 39 22.34 -10.74 -12.21
C GLY I 39 22.81 -12.16 -12.53
N PRO I 40 23.89 -12.25 -13.32
CA PRO I 40 24.49 -13.53 -13.69
C PRO I 40 25.16 -14.25 -12.51
N THR I 41 25.30 -15.58 -12.64
CA THR I 41 25.91 -16.45 -11.63
C THR I 41 26.86 -17.45 -12.27
N LYS I 42 27.60 -18.19 -11.45
CA LYS I 42 28.39 -19.31 -11.96
C LYS I 42 27.53 -20.36 -12.66
N ASP I 43 26.34 -20.65 -12.13
CA ASP I 43 25.41 -21.64 -12.74
C ASP I 43 24.76 -21.16 -14.03
N ASP I 44 24.50 -19.85 -14.12
CA ASP I 44 23.85 -19.21 -15.29
C ASP I 44 24.64 -17.97 -15.74
N PRO I 45 25.83 -18.20 -16.35
CA PRO I 45 26.66 -17.09 -16.76
C PRO I 45 26.17 -16.43 -18.03
N LEU I 46 26.81 -15.33 -18.38
CA LEU I 46 26.35 -14.46 -19.43
C LEU I 46 27.54 -13.99 -20.24
N THR I 47 27.37 -13.89 -21.54
CA THR I 47 28.35 -13.26 -22.40
C THR I 47 27.81 -11.94 -22.91
N VAL I 48 28.59 -10.88 -22.70
CA VAL I 48 28.26 -9.53 -23.17
C VAL I 48 29.13 -9.21 -24.37
N THR I 49 28.53 -8.77 -25.45
CA THR I 49 29.27 -8.34 -26.62
C THR I 49 29.46 -6.81 -26.52
N LEU I 50 30.70 -6.36 -26.72
CA LEU I 50 31.05 -4.94 -26.71
C LEU I 50 31.64 -4.52 -28.05
N GLY I 51 31.27 -3.33 -28.49
CA GLY I 51 31.87 -2.68 -29.66
C GLY I 51 31.92 -1.16 -29.46
N PHE I 52 33.00 -0.52 -29.89
CA PHE I 52 33.15 0.91 -29.71
C PHE I 52 33.05 1.60 -31.05
N THR I 53 32.36 2.75 -31.08
CA THR I 53 32.51 3.66 -32.20
C THR I 53 33.06 5.00 -31.66
N LEU I 54 34.27 5.34 -32.08
CA LEU I 54 35.02 6.46 -31.53
C LEU I 54 34.66 7.70 -32.32
N GLN I 55 34.15 8.71 -31.62
CA GLN I 55 33.64 9.90 -32.25
C GLN I 55 34.67 11.05 -32.20
N ASP I 56 35.35 11.23 -31.07
CA ASP I 56 36.30 12.32 -30.94
C ASP I 56 37.31 12.07 -29.83
N ILE I 57 38.57 12.45 -30.08
CA ILE I 57 39.51 12.71 -29.01
C ILE I 57 39.39 14.21 -28.85
N VAL I 58 38.74 14.62 -27.78
CA VAL I 58 38.39 16.03 -27.58
C VAL I 58 39.59 16.82 -27.07
N LYS I 59 40.29 16.25 -26.10
CA LYS I 59 41.24 16.98 -25.31
C LYS I 59 42.31 16.07 -24.77
N VAL I 60 43.48 16.68 -24.59
CA VAL I 60 44.66 16.04 -24.11
C VAL I 60 45.15 16.96 -22.99
N ASP I 61 45.62 16.42 -21.86
CA ASP I 61 46.22 17.26 -20.80
C ASP I 61 47.60 16.73 -20.45
N SER I 62 48.63 17.39 -20.98
CA SER I 62 50.03 16.93 -20.76
C SER I 62 50.57 17.24 -19.37
N SER I 63 49.90 18.05 -18.59
CA SER I 63 50.34 18.26 -17.21
C SER I 63 49.77 17.22 -16.20
N THR I 64 48.68 16.51 -16.57
CA THR I 64 48.08 15.46 -15.71
C THR I 64 48.05 14.06 -16.33
N ASN I 65 48.46 13.97 -17.59
CA ASN I 65 48.37 12.73 -18.37
C ASN I 65 46.97 12.14 -18.31
N GLU I 66 46.01 12.98 -18.70
CA GLU I 66 44.63 12.59 -18.90
C GLU I 66 44.27 12.89 -20.34
N VAL I 67 43.54 11.99 -21.00
CA VAL I 67 42.98 12.23 -22.34
C VAL I 67 41.47 11.98 -22.27
N ASP I 68 40.71 12.74 -23.07
CA ASP I 68 39.26 12.72 -23.05
C ASP I 68 38.70 12.23 -24.39
N LEU I 69 37.94 11.13 -24.34
CA LEU I 69 37.29 10.55 -25.52
C LEU I 69 35.79 10.70 -25.49
N VAL I 70 35.18 10.77 -26.66
CA VAL I 70 33.75 10.65 -26.82
C VAL I 70 33.51 9.47 -27.77
N TYR I 71 32.68 8.52 -27.33
CA TYR I 71 32.40 7.30 -28.09
C TYR I 71 31.00 6.78 -27.76
N TYR I 72 30.56 5.82 -28.57
CA TYR I 72 29.36 5.04 -28.29
C TYR I 72 29.84 3.64 -27.96
N GLU I 73 29.34 3.07 -26.86
CA GLU I 73 29.69 1.71 -26.46
C GLU I 73 28.46 0.82 -26.67
N GLN I 74 28.49 0.03 -27.75
CA GLN I 74 27.44 -0.92 -28.04
C GLN I 74 27.55 -2.15 -27.13
N GLN I 75 26.51 -2.43 -26.36
CA GLN I 75 26.45 -3.55 -25.44
C GLN I 75 25.32 -4.51 -25.84
N ARG I 76 25.60 -5.80 -25.88
N ARG I 76 25.61 -5.81 -25.87
CA ARG I 76 24.60 -6.83 -26.23
CA ARG I 76 24.62 -6.83 -26.21
C ARG I 76 24.73 -8.02 -25.27
N TRP I 77 23.58 -8.51 -24.84
CA TRP I 77 23.48 -9.71 -24.02
C TRP I 77 22.07 -10.29 -24.19
N LYS I 78 21.82 -11.43 -23.54
CA LYS I 78 20.59 -12.18 -23.73
C LYS I 78 20.15 -12.87 -22.43
N LEU I 79 18.89 -12.64 -22.05
CA LEU I 79 18.31 -13.26 -20.84
C LEU I 79 17.06 -14.05 -21.18
N ASN I 80 16.99 -15.28 -20.68
CA ASN I 80 15.78 -16.11 -20.83
C ASN I 80 14.55 -15.44 -20.22
N SER I 81 14.73 -14.71 -19.12
CA SER I 81 13.60 -14.03 -18.45
C SER I 81 12.99 -12.85 -19.22
N LEU I 82 13.63 -12.42 -20.30
CA LEU I 82 13.07 -11.39 -21.18
C LEU I 82 12.47 -11.94 -22.49
N MET I 83 12.35 -13.27 -22.59
CA MET I 83 11.69 -13.90 -23.74
C MET I 83 10.16 -13.72 -23.72
N TRP I 84 9.58 -13.58 -24.91
CA TRP I 84 8.15 -13.75 -25.09
C TRP I 84 7.85 -14.34 -26.46
N ASP I 85 6.62 -14.83 -26.59
CA ASP I 85 6.10 -15.36 -27.84
C ASP I 85 5.37 -14.20 -28.51
N PRO I 86 5.89 -13.72 -29.66
CA PRO I 86 5.22 -12.59 -30.34
C PRO I 86 3.75 -12.81 -30.69
N ASN I 87 3.36 -14.06 -30.91
CA ASN I 87 1.98 -14.42 -31.21
C ASN I 87 1.00 -14.06 -30.09
N GLU I 88 1.47 -14.10 -28.84
CA GLU I 88 0.64 -13.74 -27.70
C GLU I 88 0.53 -12.20 -27.49
N TYR I 89 1.30 -11.39 -28.21
CA TYR I 89 1.32 -9.95 -28.00
C TYR I 89 1.27 -9.17 -29.31
N GLY I 90 0.32 -9.54 -30.15
CA GLY I 90 0.03 -8.81 -31.38
C GLY I 90 1.19 -8.73 -32.35
N ASN I 91 1.99 -9.80 -32.45
CA ASN I 91 3.15 -9.89 -33.37
C ASN I 91 4.32 -8.90 -33.04
N ILE I 92 4.38 -8.40 -31.80
CA ILE I 92 5.49 -7.53 -31.39
C ILE I 92 6.77 -8.36 -31.25
N THR I 93 7.79 -8.00 -32.01
CA THR I 93 9.07 -8.69 -31.99
C THR I 93 10.14 -7.98 -31.15
N ASP I 94 9.92 -6.71 -30.82
CA ASP I 94 10.87 -5.95 -30.02
C ASP I 94 10.28 -4.65 -29.52
N PHE I 95 10.93 -4.05 -28.54
CA PHE I 95 10.49 -2.75 -28.06
C PHE I 95 11.62 -1.96 -27.40
N ARG I 96 11.39 -0.66 -27.32
CA ARG I 96 12.25 0.24 -26.58
C ARG I 96 11.77 0.37 -25.16
N THR I 97 12.69 0.37 -24.20
CA THR I 97 12.30 0.59 -22.82
C THR I 97 13.45 1.24 -22.04
N SER I 98 13.07 2.02 -21.03
CA SER I 98 14.01 2.62 -20.12
C SER I 98 14.94 1.56 -19.53
N ALA I 99 16.22 1.88 -19.45
CA ALA I 99 17.23 0.98 -18.88
C ALA I 99 17.01 0.68 -17.39
N ALA I 100 16.31 1.55 -16.70
CA ALA I 100 15.93 1.30 -15.31
C ALA I 100 14.98 0.11 -15.14
N ASP I 101 14.19 -0.20 -16.17
CA ASP I 101 13.29 -1.36 -16.16
C ASP I 101 14.00 -2.73 -16.13
N ILE I 102 15.28 -2.76 -16.52
CA ILE I 102 16.03 -4.01 -16.72
C ILE I 102 17.40 -3.98 -16.05
N TRP I 103 17.98 -5.16 -15.89
CA TRP I 103 19.36 -5.29 -15.48
C TRP I 103 20.25 -4.85 -16.66
N THR I 104 21.37 -4.21 -16.35
CA THR I 104 22.39 -3.85 -17.32
C THR I 104 23.75 -4.22 -16.75
N PRO I 105 24.69 -4.63 -17.60
CA PRO I 105 26.00 -5.05 -17.09
C PRO I 105 26.79 -3.85 -16.55
N ASP I 106 27.54 -4.05 -15.47
CA ASP I 106 28.37 -3.04 -14.83
C ASP I 106 29.75 -2.83 -15.56
N ILE I 107 29.69 -2.61 -16.88
CA ILE I 107 30.89 -2.44 -17.67
C ILE I 107 31.53 -1.08 -17.31
N THR I 108 32.80 -1.13 -16.92
CA THR I 108 33.49 -0.02 -16.28
C THR I 108 34.87 0.12 -16.90
N ALA I 109 35.28 1.36 -17.13
CA ALA I 109 36.64 1.64 -17.57
C ALA I 109 37.57 1.44 -16.38
N TYR I 110 38.68 0.73 -16.59
CA TYR I 110 39.58 0.35 -15.49
C TYR I 110 40.59 1.45 -15.11
N SER I 111 40.73 2.49 -15.92
CA SER I 111 41.73 3.55 -15.69
C SER I 111 41.17 4.96 -15.90
N SER I 112 39.89 5.15 -15.58
CA SER I 112 39.26 6.46 -15.64
C SER I 112 39.83 7.37 -14.54
N THR I 113 39.77 8.68 -14.77
CA THR I 113 40.16 9.67 -13.76
C THR I 113 39.01 10.58 -13.32
N ARG I 114 37.80 10.35 -13.85
CA ARG I 114 36.60 11.11 -13.49
C ARG I 114 35.41 10.20 -13.73
N PRO I 115 34.29 10.46 -13.04
CA PRO I 115 33.10 9.73 -13.45
C PRO I 115 32.77 10.03 -14.93
N VAL I 116 32.44 8.98 -15.62
CA VAL I 116 31.96 9.01 -16.99
C VAL I 116 30.75 9.95 -17.10
N GLN I 117 30.72 10.76 -18.14
CA GLN I 117 29.57 11.63 -18.40
C GLN I 117 28.68 11.03 -19.50
N VAL I 118 27.38 10.90 -19.19
CA VAL I 118 26.46 10.20 -20.08
C VAL I 118 25.85 11.19 -21.04
N LEU I 119 25.93 10.91 -22.34
CA LEU I 119 25.49 11.86 -23.37
C LEU I 119 24.24 11.45 -24.11
N SER I 120 23.73 10.24 -23.87
CA SER I 120 22.55 9.72 -24.56
C SER I 120 21.47 9.22 -23.59
N PRO I 121 20.21 9.20 -24.04
CA PRO I 121 19.13 8.71 -23.17
C PRO I 121 19.33 7.25 -22.76
N GLN I 122 18.98 6.94 -21.52
CA GLN I 122 19.17 5.62 -20.97
C GLN I 122 17.98 4.72 -21.34
N ILE I 123 17.98 4.29 -22.59
CA ILE I 123 16.92 3.52 -23.18
C ILE I 123 17.55 2.39 -23.98
N ALA I 124 17.05 1.17 -23.83
CA ALA I 124 17.55 0.00 -24.55
C ALA I 124 16.49 -0.63 -25.44
N VAL I 125 16.91 -1.57 -26.28
CA VAL I 125 16.01 -2.30 -27.16
C VAL I 125 16.02 -3.76 -26.74
N VAL I 126 14.84 -4.29 -26.43
CA VAL I 126 14.66 -5.68 -26.06
C VAL I 126 13.95 -6.40 -27.20
N THR I 127 14.45 -7.59 -27.55
CA THR I 127 13.92 -8.40 -28.64
C THR I 127 13.31 -9.69 -28.08
N HIS I 128 12.34 -10.26 -28.81
CA HIS I 128 11.52 -11.40 -28.31
C HIS I 128 12.29 -12.64 -27.87
N ASP I 129 13.47 -12.86 -28.43
CA ASP I 129 14.36 -13.96 -27.98
C ASP I 129 15.10 -13.68 -26.65
N GLY I 130 14.86 -12.53 -26.04
CA GLY I 130 15.49 -12.14 -24.79
C GLY I 130 16.78 -11.35 -24.95
N SER I 131 17.15 -11.04 -26.20
CA SER I 131 18.36 -10.27 -26.42
C SER I 131 18.10 -8.78 -26.24
N VAL I 132 19.13 -8.09 -25.78
CA VAL I 132 19.08 -6.68 -25.45
C VAL I 132 20.23 -5.97 -26.16
N MET I 133 19.94 -4.79 -26.70
CA MET I 133 20.95 -3.89 -27.21
C MET I 133 20.87 -2.54 -26.48
N PHE I 134 22.02 -2.05 -26.02
CA PHE I 134 22.11 -0.80 -25.27
C PHE I 134 23.38 -0.06 -25.75
N ILE I 135 23.21 1.21 -26.17
CA ILE I 135 24.29 1.97 -26.80
C ILE I 135 24.49 3.33 -26.13
N PRO I 136 25.09 3.35 -24.94
CA PRO I 136 25.35 4.63 -24.29
C PRO I 136 26.49 5.41 -24.95
N ALA I 137 26.23 6.68 -25.23
CA ALA I 137 27.28 7.62 -25.60
C ALA I 137 27.90 8.19 -24.33
N GLN I 138 29.22 8.20 -24.28
CA GLN I 138 29.98 8.60 -23.10
C GLN I 138 31.11 9.55 -23.44
N ARG I 139 31.45 10.39 -22.47
CA ARG I 139 32.72 11.08 -22.46
C ARG I 139 33.51 10.60 -21.27
N LEU I 140 34.76 10.21 -21.53
CA LEU I 140 35.61 9.55 -20.56
C LEU I 140 36.93 10.27 -20.48
N SER I 141 37.38 10.59 -19.25
CA SER I 141 38.76 10.99 -19.01
C SER I 141 39.51 9.78 -18.47
N PHE I 142 40.64 9.46 -19.09
CA PHE I 142 41.44 8.30 -18.68
C PHE I 142 42.95 8.55 -18.75
N MET I 143 43.71 7.64 -18.15
CA MET I 143 45.15 7.78 -17.99
C MET I 143 45.90 7.53 -19.29
N CYS I 144 46.60 8.54 -19.76
CA CYS I 144 47.30 8.49 -21.04
C CYS I 144 48.31 9.63 -21.12
N ASP I 145 49.54 9.29 -21.52
CA ASP I 145 50.62 10.26 -21.68
C ASP I 145 50.64 10.74 -23.13
N PRO I 146 50.23 12.00 -23.38
CA PRO I 146 50.18 12.54 -24.75
C PRO I 146 51.51 13.11 -25.27
N THR I 147 52.57 13.09 -24.47
CA THR I 147 53.89 13.55 -24.94
C THR I 147 54.28 12.88 -26.26
N GLY I 148 54.50 13.72 -27.29
CA GLY I 148 54.82 13.23 -28.64
C GLY I 148 53.64 13.23 -29.61
N VAL I 149 52.47 13.64 -29.12
CA VAL I 149 51.28 13.68 -29.94
C VAL I 149 51.47 14.61 -31.15
N ASP I 150 52.34 15.62 -31.00
CA ASP I 150 52.63 16.58 -32.07
C ASP I 150 53.69 16.13 -33.08
N SER I 151 53.99 14.85 -33.12
CA SER I 151 54.97 14.30 -34.05
C SER I 151 54.29 13.46 -35.12
N GLU I 152 55.09 13.00 -36.07
CA GLU I 152 54.61 12.09 -37.09
C GLU I 152 54.24 10.72 -36.52
N GLU I 153 55.07 10.16 -35.65
CA GLU I 153 54.73 8.84 -35.03
C GLU I 153 53.51 8.82 -34.13
N GLY I 154 53.20 9.96 -33.51
CA GLY I 154 52.10 10.06 -32.57
C GLY I 154 52.34 9.33 -31.25
N VAL I 155 51.26 9.10 -30.53
CA VAL I 155 51.29 8.35 -29.28
C VAL I 155 50.30 7.23 -29.33
N THR I 156 50.48 6.26 -28.47
CA THR I 156 49.53 5.18 -28.31
C THR I 156 48.99 5.24 -26.89
N CYS I 157 47.68 5.07 -26.74
CA CYS I 157 47.07 4.95 -25.42
C CYS I 157 46.05 3.85 -25.38
N ALA I 158 45.75 3.42 -24.15
CA ALA I 158 44.94 2.24 -23.91
C ALA I 158 44.06 2.33 -22.66
N VAL I 159 42.86 1.79 -22.76
CA VAL I 159 41.98 1.68 -21.60
C VAL I 159 41.13 0.41 -21.69
N LYS I 160 41.10 -0.32 -20.59
CA LYS I 160 40.38 -1.57 -20.48
C LYS I 160 38.95 -1.34 -19.99
N PHE I 161 38.00 -2.06 -20.56
CA PHE I 161 36.60 -2.04 -20.14
C PHE I 161 36.14 -3.44 -19.78
N GLY I 162 35.62 -3.60 -18.56
CA GLY I 162 35.05 -4.88 -18.10
C GLY I 162 34.13 -4.73 -16.89
N SER I 163 33.52 -5.82 -16.48
CA SER I 163 32.76 -5.84 -15.25
C SER I 163 33.71 -5.44 -14.12
N TRP I 164 33.23 -4.56 -13.24
CA TRP I 164 33.98 -4.27 -12.02
C TRP I 164 33.93 -5.42 -11.03
N VAL I 165 32.78 -6.07 -10.90
CA VAL I 165 32.56 -7.03 -9.80
C VAL I 165 32.38 -8.50 -10.19
N TYR I 166 32.12 -8.80 -11.46
CA TYR I 166 31.92 -10.19 -11.89
C TYR I 166 33.13 -10.75 -12.63
N SER I 167 33.55 -11.95 -12.18
CA SER I 167 34.65 -12.67 -12.81
C SER I 167 34.23 -13.28 -14.15
N GLY I 168 35.20 -13.89 -14.82
CA GLY I 168 34.95 -14.60 -16.07
C GLY I 168 33.96 -15.75 -15.95
N PHE I 169 33.79 -16.30 -14.75
CA PHE I 169 32.83 -17.37 -14.52
C PHE I 169 31.37 -16.90 -14.42
N GLU I 170 31.15 -15.59 -14.35
CA GLU I 170 29.79 -15.01 -14.36
C GLU I 170 29.54 -14.09 -15.57
N ILE I 171 30.52 -13.24 -15.89
CA ILE I 171 30.47 -12.42 -17.11
C ILE I 171 31.72 -12.61 -17.97
N ASP I 172 31.50 -13.09 -19.18
CA ASP I 172 32.51 -13.14 -20.23
C ASP I 172 32.19 -12.04 -21.24
N LEU I 173 33.19 -11.63 -22.01
CA LEU I 173 33.04 -10.60 -23.03
C LEU I 173 33.50 -11.13 -24.36
N LYS I 174 32.95 -10.57 -25.43
CA LYS I 174 33.50 -10.75 -26.75
C LYS I 174 33.28 -9.51 -27.62
N THR I 175 34.00 -9.44 -28.73
CA THR I 175 33.76 -8.42 -29.74
C THR I 175 33.34 -9.11 -31.01
N ASP I 176 32.62 -8.42 -31.89
CA ASP I 176 32.34 -8.96 -33.23
C ASP I 176 33.49 -8.68 -34.18
N THR I 177 34.29 -7.67 -33.89
CA THR I 177 35.45 -7.33 -34.69
C THR I 177 36.47 -6.73 -33.76
N ASP I 178 37.73 -6.82 -34.13
CA ASP I 178 38.81 -6.17 -33.39
C ASP I 178 39.03 -4.72 -33.88
N GLN I 179 38.32 -4.32 -34.93
CA GLN I 179 38.38 -2.97 -35.44
C GLN I 179 37.32 -2.04 -34.88
N VAL I 180 37.78 -1.00 -34.18
CA VAL I 180 36.91 0.07 -33.69
C VAL I 180 36.26 0.75 -34.90
N ASP I 181 34.99 1.09 -34.78
CA ASP I 181 34.28 1.77 -35.86
C ASP I 181 34.65 3.26 -35.84
N LEU I 182 35.34 3.67 -36.91
CA LEU I 182 35.80 5.06 -37.09
C LEU I 182 34.99 5.82 -38.12
N SER I 183 33.84 5.30 -38.53
CA SER I 183 33.07 5.92 -39.60
C SER I 183 32.25 7.14 -39.17
N SER I 184 32.14 7.40 -37.86
CA SER I 184 31.59 8.64 -37.33
C SER I 184 32.64 9.51 -36.67
N TYR I 185 33.92 9.25 -36.94
CA TYR I 185 34.98 10.05 -36.30
C TYR I 185 34.93 11.48 -36.84
N TYR I 186 34.89 12.44 -35.93
CA TYR I 186 34.88 13.87 -36.30
C TYR I 186 36.08 14.25 -37.18
N ALA I 187 35.77 14.61 -38.43
CA ALA I 187 36.78 14.88 -39.44
C ALA I 187 37.61 16.11 -39.13
N SER I 188 37.10 17.08 -38.36
CA SER I 188 37.89 18.28 -37.97
C SER I 188 38.36 18.26 -36.53
N SER I 189 38.47 17.07 -35.93
CA SER I 189 39.10 16.93 -34.62
C SER I 189 40.53 17.48 -34.64
N LYS I 190 41.02 17.85 -33.48
CA LYS I 190 42.43 18.24 -33.35
C LYS I 190 43.33 17.06 -33.54
N TYR I 191 42.81 15.85 -33.32
CA TYR I 191 43.59 14.63 -33.41
C TYR I 191 43.05 13.72 -34.49
N GLU I 192 43.95 13.23 -35.36
CA GLU I 192 43.59 12.21 -36.32
C GLU I 192 44.01 10.83 -35.79
N ILE I 193 43.20 9.83 -36.14
CA ILE I 193 43.38 8.49 -35.65
C ILE I 193 44.24 7.72 -36.65
N LEU I 194 45.30 7.10 -36.16
CA LEU I 194 46.13 6.23 -36.98
C LEU I 194 45.64 4.78 -36.91
N SER I 195 45.29 4.31 -35.72
CA SER I 195 44.62 3.03 -35.57
C SER I 195 43.82 2.97 -34.28
N ALA I 196 42.87 2.07 -34.27
CA ALA I 196 42.00 1.93 -33.12
C ALA I 196 41.46 0.51 -33.07
N THR I 197 41.88 -0.24 -32.04
CA THR I 197 41.48 -1.63 -31.89
C THR I 197 40.79 -1.90 -30.56
N GLN I 198 40.04 -3.01 -30.53
CA GLN I 198 39.29 -3.43 -29.35
C GLN I 198 39.47 -4.93 -29.20
N THR I 199 40.15 -5.36 -28.14
CA THR I 199 40.64 -6.73 -28.05
C THR I 199 40.35 -7.34 -26.69
N ARG I 200 39.74 -8.52 -26.69
CA ARG I 200 39.47 -9.26 -25.45
C ARG I 200 40.77 -9.65 -24.73
N GLN I 201 40.81 -9.48 -23.41
CA GLN I 201 41.93 -9.94 -22.56
C GLN I 201 41.42 -10.55 -21.25
N VAL I 202 42.31 -11.24 -20.56
CA VAL I 202 42.04 -11.86 -19.25
C VAL I 202 43.01 -11.25 -18.23
N GLN I 203 42.50 -10.72 -17.12
CA GLN I 203 43.32 -10.11 -16.07
C GLN I 203 43.24 -10.90 -14.80
N HIS I 204 44.33 -10.83 -14.05
CA HIS I 204 44.47 -11.57 -12.77
C HIS I 204 44.98 -10.56 -11.74
N TYR I 205 44.41 -10.56 -10.55
CA TYR I 205 44.71 -9.53 -9.56
C TYR I 205 45.13 -10.18 -8.23
N SER I 206 46.07 -9.58 -7.52
CA SER I 206 46.51 -10.07 -6.19
C SER I 206 45.35 -10.29 -5.21
N CYS I 207 44.40 -9.35 -5.21
CA CYS I 207 43.26 -9.41 -4.27
C CYS I 207 42.36 -10.62 -4.41
N CYS I 208 42.30 -11.22 -5.60
CA CYS I 208 41.07 -11.94 -6.03
C CYS I 208 41.45 -13.20 -6.81
N PRO I 209 40.84 -14.35 -6.50
CA PRO I 209 41.38 -15.62 -7.07
C PRO I 209 41.03 -15.90 -8.54
N GLU I 210 39.89 -15.37 -9.01
CA GLU I 210 39.37 -15.70 -10.36
C GLU I 210 39.82 -14.70 -11.42
N PRO I 211 39.83 -15.10 -12.71
CA PRO I 211 40.11 -14.14 -13.80
C PRO I 211 38.95 -13.19 -14.09
N TYR I 212 39.28 -11.96 -14.49
CA TYR I 212 38.29 -10.97 -14.90
C TYR I 212 38.53 -10.62 -16.36
N ILE I 213 37.47 -10.47 -17.14
CA ILE I 213 37.59 -10.27 -18.59
C ILE I 213 37.46 -8.77 -18.91
N ASP I 214 38.25 -8.30 -19.86
CA ASP I 214 38.11 -6.94 -20.36
C ASP I 214 38.23 -6.87 -21.88
N VAL I 215 37.76 -5.77 -22.44
CA VAL I 215 38.08 -5.38 -23.81
C VAL I 215 38.98 -4.15 -23.75
N ASN I 216 40.14 -4.26 -24.36
CA ASN I 216 41.17 -3.22 -24.30
C ASN I 216 41.07 -2.39 -25.56
N LEU I 217 40.70 -1.13 -25.36
CA LEU I 217 40.59 -0.11 -26.41
C LEU I 217 41.97 0.53 -26.57
N VAL I 218 42.63 0.26 -27.70
CA VAL I 218 43.96 0.80 -28.01
C VAL I 218 43.84 1.81 -29.14
N VAL I 219 44.23 3.05 -28.87
CA VAL I 219 44.09 4.13 -29.83
C VAL I 219 45.43 4.78 -30.06
N LYS I 220 45.80 4.88 -31.33
CA LYS I 220 47.03 5.51 -31.73
C LYS I 220 46.64 6.77 -32.53
N PHE I 221 47.17 7.91 -32.13
CA PHE I 221 46.73 9.18 -32.70
C PHE I 221 47.82 10.27 -32.68
N ARG I 222 47.54 11.33 -33.43
CA ARG I 222 48.43 12.50 -33.45
C ARG I 222 47.67 13.75 -33.83
N GLU I 223 48.31 14.91 -33.64
CA GLU I 223 47.72 16.19 -34.06
C GLU I 223 47.51 16.24 -35.57
N ARG I 224 46.38 16.80 -36.02
CA ARG I 224 46.01 16.89 -37.45
C ARG I 224 46.66 18.06 -38.20
N GLN J 20 -10.22 25.18 -10.66
CA GLN J 20 -9.17 24.26 -10.15
C GLN J 20 -9.73 22.84 -10.02
N ALA J 21 -10.95 22.71 -9.50
CA ALA J 21 -11.64 21.41 -9.36
C ALA J 21 -11.69 20.63 -10.67
N ASN J 22 -12.05 21.31 -11.75
CA ASN J 22 -12.14 20.70 -13.08
C ASN J 22 -10.78 20.26 -13.61
N LEU J 23 -9.75 21.09 -13.46
CA LEU J 23 -8.42 20.69 -13.91
C LEU J 23 -7.86 19.54 -13.08
N MET J 24 -8.06 19.58 -11.76
CA MET J 24 -7.67 18.48 -10.87
C MET J 24 -8.27 17.15 -11.33
N ARG J 25 -9.57 17.16 -11.67
CA ARG J 25 -10.25 15.96 -12.19
C ARG J 25 -9.63 15.47 -13.48
N LEU J 26 -9.40 16.40 -14.41
CA LEU J 26 -8.82 16.07 -15.71
C LEU J 26 -7.46 15.41 -15.57
N LYS J 27 -6.62 15.99 -14.73
CA LYS J 27 -5.26 15.47 -14.56
C LYS J 27 -5.30 14.09 -13.91
N SER J 28 -6.16 13.95 -12.92
CA SER J 28 -6.40 12.66 -12.26
C SER J 28 -6.92 11.57 -13.24
N ASP J 29 -7.92 11.93 -14.04
CA ASP J 29 -8.45 11.03 -15.06
C ASP J 29 -7.39 10.65 -16.12
N LEU J 30 -6.57 11.61 -16.54
CA LEU J 30 -5.48 11.33 -17.50
C LEU J 30 -4.29 10.53 -16.94
N PHE J 31 -3.88 10.81 -15.69
CA PHE J 31 -2.59 10.34 -15.18
C PHE J 31 -2.59 9.28 -14.06
N ASN J 32 -3.61 9.26 -13.20
CA ASN J 32 -3.73 8.20 -12.16
C ASN J 32 -4.38 6.95 -12.71
N ARG J 33 -5.43 7.10 -13.52
CA ARG J 33 -6.16 5.94 -14.09
C ARG J 33 -5.35 5.18 -15.18
N SER J 34 -4.56 5.92 -15.97
CA SER J 34 -3.86 5.33 -17.13
C SER J 34 -2.65 4.45 -16.71
N PRO J 35 -2.43 3.31 -17.42
CA PRO J 35 -1.05 2.78 -17.52
C PRO J 35 -0.31 3.64 -18.54
N MET J 36 0.93 4.02 -18.23
CA MET J 36 1.68 5.03 -19.04
C MET J 36 1.80 4.61 -20.53
N TYR J 37 1.77 5.60 -21.43
CA TYR J 37 2.05 5.43 -22.85
C TYR J 37 3.43 4.76 -22.98
N PRO J 38 3.57 3.65 -23.73
CA PRO J 38 4.85 2.96 -23.82
C PRO J 38 5.73 3.41 -25.01
N GLY J 39 5.55 4.64 -25.45
CA GLY J 39 6.25 5.16 -26.62
C GLY J 39 5.68 4.70 -27.95
N PRO J 40 6.17 5.31 -29.04
CA PRO J 40 5.74 4.97 -30.40
C PRO J 40 6.22 3.60 -30.84
N THR J 41 5.52 3.03 -31.84
CA THR J 41 5.84 1.71 -32.41
C THR J 41 5.75 1.75 -33.95
N LYS J 42 6.16 0.66 -34.59
CA LYS J 42 5.94 0.53 -36.03
C LYS J 42 4.46 0.61 -36.41
N ASP J 43 3.58 0.01 -35.60
CA ASP J 43 2.13 0.02 -35.85
C ASP J 43 1.47 1.39 -35.61
N ASP J 44 1.99 2.13 -34.63
CA ASP J 44 1.49 3.47 -34.24
C ASP J 44 2.63 4.49 -34.15
N PRO J 45 3.20 4.89 -35.30
CA PRO J 45 4.33 5.80 -35.29
C PRO J 45 3.91 7.24 -35.04
N LEU J 46 4.89 8.10 -34.90
CA LEU J 46 4.70 9.44 -34.42
C LEU J 46 5.60 10.37 -35.22
N THR J 47 5.10 11.55 -35.53
CA THR J 47 5.91 12.60 -36.11
C THR J 47 6.12 13.71 -35.08
N VAL J 48 7.38 14.06 -34.84
CA VAL J 48 7.74 15.13 -33.93
C VAL J 48 8.19 16.32 -34.76
N THR J 49 7.63 17.49 -34.49
CA THR J 49 8.04 18.70 -35.16
C THR J 49 9.09 19.38 -34.28
N LEU J 50 10.21 19.78 -34.90
CA LEU J 50 11.30 20.48 -34.22
C LEU J 50 11.55 21.85 -34.84
N GLY J 51 11.82 22.83 -33.99
CA GLY J 51 12.29 24.15 -34.43
C GLY J 51 13.25 24.75 -33.42
N PHE J 52 14.30 25.42 -33.88
CA PHE J 52 15.28 25.99 -32.98
C PHE J 52 15.18 27.50 -32.98
N THR J 53 15.32 28.11 -31.80
CA THR J 53 15.58 29.54 -31.76
C THR J 53 16.93 29.75 -31.04
N LEU J 54 17.89 30.28 -31.79
CA LEU J 54 19.27 30.38 -31.34
C LEU J 54 19.44 31.70 -30.61
N GLN J 55 19.87 31.61 -29.35
CA GLN J 55 19.99 32.76 -28.49
C GLN J 55 21.42 33.30 -28.43
N ASP J 56 22.41 32.41 -28.33
CA ASP J 56 23.80 32.84 -28.22
C ASP J 56 24.78 31.76 -28.62
N ILE J 57 25.85 32.17 -29.32
CA ILE J 57 27.07 31.38 -29.37
C ILE J 57 27.90 32.01 -28.26
N VAL J 58 28.00 31.30 -27.15
CA VAL J 58 28.61 31.84 -25.94
C VAL J 58 30.13 31.81 -26.02
N LYS J 59 30.65 30.67 -26.46
CA LYS J 59 32.05 30.36 -26.33
C LYS J 59 32.50 29.44 -27.43
N VAL J 60 33.77 29.59 -27.74
CA VAL J 60 34.45 28.86 -28.76
C VAL J 60 35.73 28.36 -28.07
N ASP J 61 36.15 27.12 -28.28
CA ASP J 61 37.43 26.64 -27.73
C ASP J 61 38.28 26.06 -28.85
N SER J 62 39.24 26.84 -29.33
CA SER J 62 40.09 26.42 -30.45
C SER J 62 41.16 25.38 -30.08
N SER J 63 41.38 25.13 -28.80
CA SER J 63 42.30 24.05 -28.44
C SER J 63 41.62 22.65 -28.34
N THR J 64 40.28 22.60 -28.22
CA THR J 64 39.51 21.33 -28.19
C THR J 64 38.49 21.16 -29.30
N ASN J 65 38.31 22.19 -30.11
CA ASN J 65 37.26 22.24 -31.14
C ASN J 65 35.90 21.88 -30.58
N GLU J 66 35.53 22.64 -29.54
CA GLU J 66 34.20 22.60 -28.96
C GLU J 66 33.62 24.01 -29.07
N VAL J 67 32.34 24.10 -29.40
CA VAL J 67 31.61 25.38 -29.38
C VAL J 67 30.36 25.20 -28.53
N ASP J 68 29.98 26.26 -27.83
CA ASP J 68 28.87 26.26 -26.87
C ASP J 68 27.73 27.16 -27.33
N LEU J 69 26.54 26.56 -27.52
CA LEU J 69 25.33 27.29 -27.92
C LEU J 69 24.32 27.33 -26.81
N VAL J 70 23.50 28.38 -26.82
CA VAL J 70 22.30 28.46 -26.02
C VAL J 70 21.14 28.68 -26.97
N TYR J 71 20.12 27.82 -26.87
CA TYR J 71 18.95 27.86 -27.76
C TYR J 71 17.71 27.31 -27.05
N TYR J 72 16.56 27.51 -27.68
CA TYR J 72 15.32 26.88 -27.28
C TYR J 72 14.96 25.88 -28.37
N GLU J 73 14.63 24.66 -27.98
CA GLU J 73 14.23 23.63 -28.92
C GLU J 73 12.71 23.38 -28.78
N GLN J 74 11.94 23.90 -29.71
CA GLN J 74 10.48 23.69 -29.74
C GLN J 74 10.16 22.29 -30.26
N GLN J 75 9.48 21.49 -29.44
CA GLN J 75 9.08 20.13 -29.78
C GLN J 75 7.56 20.01 -29.78
N ARG J 76 7.00 19.38 -30.82
CA ARG J 76 5.55 19.18 -30.95
C ARG J 76 5.24 17.76 -31.42
N TRP J 77 4.24 17.14 -30.79
CA TRP J 77 3.76 15.83 -31.18
C TRP J 77 2.30 15.69 -30.68
N LYS J 78 1.67 14.55 -30.98
CA LYS J 78 0.26 14.35 -30.69
C LYS J 78 -0.04 12.89 -30.36
N LEU J 79 -0.72 12.66 -29.23
CA LEU J 79 -1.10 11.33 -28.78
C LEU J 79 -2.59 11.22 -28.55
N ASN J 80 -3.20 10.16 -29.09
CA ASN J 80 -4.61 9.86 -28.82
C ASN J 80 -4.90 9.69 -27.34
N SER J 81 -3.96 9.11 -26.59
CA SER J 81 -4.18 8.87 -25.14
C SER J 81 -4.20 10.14 -24.27
N LEU J 82 -3.85 11.30 -24.84
CA LEU J 82 -3.96 12.57 -24.14
C LEU J 82 -5.17 13.41 -24.56
N MET J 83 -6.08 12.84 -25.37
CA MET J 83 -7.33 13.50 -25.74
C MET J 83 -8.34 13.57 -24.59
N TRP J 84 -9.09 14.67 -24.56
CA TRP J 84 -10.30 14.73 -23.75
C TRP J 84 -11.35 15.62 -24.44
N ASP J 85 -12.58 15.48 -23.96
CA ASP J 85 -13.71 16.28 -24.42
C ASP J 85 -13.80 17.46 -23.46
N PRO J 86 -13.53 18.69 -23.93
CA PRO J 86 -13.61 19.85 -23.03
C PRO J 86 -14.95 20.05 -22.32
N ASN J 87 -16.03 19.58 -22.94
CA ASN J 87 -17.36 19.67 -22.36
C ASN J 87 -17.50 18.90 -21.03
N GLU J 88 -16.75 17.81 -20.89
CA GLU J 88 -16.77 17.02 -19.67
C GLU J 88 -15.89 17.62 -18.55
N TYR J 89 -15.09 18.65 -18.83
CA TYR J 89 -14.17 19.20 -17.84
C TYR J 89 -14.19 20.73 -17.82
N GLY J 90 -15.40 21.27 -17.73
CA GLY J 90 -15.61 22.70 -17.56
C GLY J 90 -15.03 23.57 -18.65
N ASN J 91 -15.08 23.10 -19.89
CA ASN J 91 -14.59 23.85 -21.08
C ASN J 91 -13.05 24.05 -21.12
N ILE J 92 -12.29 23.25 -20.37
CA ILE J 92 -10.81 23.34 -20.41
C ILE J 92 -10.31 22.79 -21.75
N THR J 93 -9.61 23.62 -22.50
CA THR J 93 -9.05 23.25 -23.79
C THR J 93 -7.57 22.88 -23.74
N ASP J 94 -6.87 23.24 -22.67
CA ASP J 94 -5.45 22.94 -22.53
C ASP J 94 -4.97 23.17 -21.12
N PHE J 95 -3.80 22.63 -20.82
CA PHE J 95 -3.20 22.87 -19.51
C PHE J 95 -1.68 22.72 -19.53
N ARG J 96 -1.07 23.31 -18.52
CA ARG J 96 0.35 23.13 -18.27
C ARG J 96 0.55 21.97 -17.31
N THR J 97 1.54 21.14 -17.56
CA THR J 97 1.86 20.06 -16.63
C THR J 97 3.34 19.71 -16.69
N SER J 98 3.85 19.24 -15.56
CA SER J 98 5.20 18.75 -15.47
C SER J 98 5.47 17.69 -16.55
N ALA J 99 6.63 17.77 -17.18
CA ALA J 99 7.05 16.81 -18.21
C ALA J 99 7.21 15.38 -17.69
N ALA J 100 7.43 15.23 -16.38
CA ALA J 100 7.47 13.92 -15.76
C ALA J 100 6.13 13.17 -15.84
N ASP J 101 5.01 13.90 -15.89
CA ASP J 101 3.67 13.31 -16.00
C ASP J 101 3.42 12.61 -17.36
N ILE J 102 4.21 12.91 -18.38
CA ILE J 102 3.97 12.46 -19.76
C ILE J 102 5.24 11.88 -20.43
N TRP J 103 5.04 11.16 -21.51
CA TRP J 103 6.13 10.74 -22.36
C TRP J 103 6.64 11.97 -23.12
N THR J 104 7.94 12.02 -23.34
CA THR J 104 8.59 13.03 -24.17
C THR J 104 9.57 12.34 -25.11
N PRO J 105 9.74 12.87 -26.32
CA PRO J 105 10.64 12.19 -27.25
C PRO J 105 12.11 12.34 -26.81
N ASP J 106 12.91 11.31 -27.03
CA ASP J 106 14.32 11.26 -26.66
C ASP J 106 15.24 11.98 -27.72
N ILE J 107 14.91 13.22 -28.05
CA ILE J 107 15.64 13.98 -29.05
C ILE J 107 17.01 14.35 -28.46
N THR J 108 18.07 13.98 -29.17
CA THR J 108 19.43 13.99 -28.67
C THR J 108 20.36 14.57 -29.72
N ALA J 109 21.30 15.40 -29.29
CA ALA J 109 22.34 15.90 -30.17
C ALA J 109 23.31 14.77 -30.46
N TYR J 110 23.67 14.58 -31.74
CA TYR J 110 24.50 13.43 -32.14
C TYR J 110 26.01 13.66 -31.95
N SER J 111 26.43 14.91 -31.69
CA SER J 111 27.86 15.24 -31.60
C SER J 111 28.21 16.15 -30.42
N SER J 112 27.46 15.98 -29.31
CA SER J 112 27.75 16.70 -28.07
C SER J 112 29.07 16.22 -27.45
N THR J 113 29.71 17.08 -26.67
CA THR J 113 30.91 16.72 -25.91
C THR J 113 30.74 16.80 -24.39
N ARG J 114 29.53 17.14 -23.93
CA ARG J 114 29.18 17.23 -22.51
C ARG J 114 27.71 16.96 -22.36
N PRO J 115 27.27 16.55 -21.18
CA PRO J 115 25.81 16.53 -21.00
C PRO J 115 25.22 17.92 -21.20
N VAL J 116 24.13 17.95 -21.94
CA VAL J 116 23.32 19.15 -22.13
C VAL J 116 22.91 19.73 -20.77
N GLN J 117 23.00 21.04 -20.63
CA GLN J 117 22.53 21.71 -19.39
C GLN J 117 21.14 22.33 -19.62
N VAL J 118 20.21 22.01 -18.74
CA VAL J 118 18.82 22.44 -18.91
C VAL J 118 18.61 23.78 -18.23
N LEU J 119 18.09 24.76 -18.96
CA LEU J 119 17.98 26.13 -18.46
C LEU J 119 16.56 26.58 -18.18
N SER J 120 15.56 25.75 -18.51
CA SER J 120 14.15 26.11 -18.33
C SER J 120 13.38 25.04 -17.56
N PRO J 121 12.27 25.41 -16.92
CA PRO J 121 11.47 24.43 -16.19
C PRO J 121 10.94 23.32 -17.09
N GLN J 122 10.91 22.11 -16.57
CA GLN J 122 10.48 20.96 -17.34
C GLN J 122 8.95 20.82 -17.27
N ILE J 123 8.28 21.70 -18.03
CA ILE J 123 6.84 21.82 -18.03
C ILE J 123 6.39 21.93 -19.48
N ALA J 124 5.37 21.17 -19.85
CA ALA J 124 4.82 21.20 -21.21
C ALA J 124 3.35 21.66 -21.23
N VAL J 125 2.84 21.90 -22.43
CA VAL J 125 1.45 22.31 -22.62
C VAL J 125 0.74 21.23 -23.40
N VAL J 126 -0.33 20.70 -22.82
CA VAL J 126 -1.14 19.65 -23.44
C VAL J 126 -2.48 20.27 -23.86
N THR J 127 -2.91 19.97 -25.08
CA THR J 127 -4.16 20.50 -25.63
C THR J 127 -5.18 19.36 -25.81
N HIS J 128 -6.47 19.70 -25.80
CA HIS J 128 -7.56 18.69 -25.77
C HIS J 128 -7.57 17.68 -26.91
N ASP J 129 -7.02 18.05 -28.06
CA ASP J 129 -6.85 17.11 -29.19
C ASP J 129 -5.68 16.11 -29.02
N GLY J 130 -4.98 16.17 -27.89
CA GLY J 130 -3.86 15.29 -27.61
C GLY J 130 -2.50 15.83 -28.06
N SER J 131 -2.47 17.06 -28.57
CA SER J 131 -1.21 17.64 -29.01
C SER J 131 -0.46 18.26 -27.82
N VAL J 132 0.86 18.21 -27.91
CA VAL J 132 1.75 18.64 -26.84
C VAL J 132 2.77 19.60 -27.42
N MET J 133 3.07 20.65 -26.68
CA MET J 133 4.19 21.54 -26.99
C MET J 133 5.15 21.57 -25.79
N PHE J 134 6.44 21.42 -26.08
CA PHE J 134 7.49 21.44 -25.05
C PHE J 134 8.71 22.21 -25.59
N ILE J 135 9.18 23.19 -24.85
CA ILE J 135 10.21 24.11 -25.33
C ILE J 135 11.38 24.24 -24.34
N PRO J 136 12.23 23.21 -24.27
CA PRO J 136 13.38 23.28 -23.36
C PRO J 136 14.48 24.21 -23.85
N ALA J 137 14.93 25.10 -22.98
CA ALA J 137 16.12 25.88 -23.22
C ALA J 137 17.34 25.06 -22.79
N GLN J 138 18.36 25.03 -23.64
CA GLN J 138 19.54 24.22 -23.41
C GLN J 138 20.83 24.99 -23.68
N ARG J 139 21.88 24.59 -22.98
CA ARG J 139 23.24 24.92 -23.37
C ARG J 139 23.95 23.64 -23.76
N LEU J 140 24.56 23.67 -24.94
CA LEU J 140 25.15 22.50 -25.57
C LEU J 140 26.59 22.81 -25.92
N SER J 141 27.51 21.93 -25.56
CA SER J 141 28.86 21.89 -26.12
C SER J 141 28.92 20.83 -27.18
N PHE J 142 29.36 21.19 -28.38
CA PHE J 142 29.42 20.24 -29.51
C PHE J 142 30.67 20.42 -30.38
N MET J 143 30.92 19.44 -31.23
CA MET J 143 32.14 19.38 -32.04
C MET J 143 32.11 20.38 -33.19
N CYS J 144 33.07 21.30 -33.19
CA CYS J 144 33.11 22.38 -34.15
C CYS J 144 34.50 23.03 -34.14
N ASP J 145 35.09 23.20 -35.34
CA ASP J 145 36.40 23.82 -35.49
C ASP J 145 36.19 25.31 -35.77
N PRO J 146 36.52 26.18 -34.80
CA PRO J 146 36.33 27.62 -34.96
C PRO J 146 37.48 28.35 -35.71
N THR J 147 38.52 27.65 -36.13
CA THR J 147 39.60 28.27 -36.90
C THR J 147 39.05 29.05 -38.10
N GLY J 148 39.35 30.34 -38.14
CA GLY J 148 38.85 31.26 -39.18
C GLY J 148 37.64 32.09 -38.77
N VAL J 149 37.19 31.91 -37.53
CA VAL J 149 36.04 32.64 -37.03
C VAL J 149 36.31 34.15 -37.04
N ASP J 150 37.59 34.54 -36.93
CA ASP J 150 37.99 35.95 -36.92
C ASP J 150 38.17 36.57 -38.31
N SER J 151 37.64 35.93 -39.35
CA SER J 151 37.76 36.43 -40.71
C SER J 151 36.40 36.91 -41.22
N GLU J 152 36.41 37.49 -42.41
CA GLU J 152 35.19 37.90 -43.05
C GLU J 152 34.30 36.73 -43.45
N GLU J 153 34.89 35.67 -44.04
CA GLU J 153 34.06 34.47 -44.38
C GLU J 153 33.46 33.70 -43.24
N GLY J 154 34.11 33.75 -42.08
CA GLY J 154 33.67 33.00 -40.89
C GLY J 154 33.88 31.51 -41.00
N VAL J 155 33.19 30.78 -40.15
CA VAL J 155 33.23 29.31 -40.14
C VAL J 155 31.81 28.79 -40.19
N THR J 156 31.70 27.55 -40.60
CA THR J 156 30.43 26.84 -40.61
C THR J 156 30.55 25.67 -39.66
N CYS J 157 29.52 25.44 -38.86
CA CYS J 157 29.46 24.26 -38.01
C CYS J 157 28.08 23.66 -38.01
N ALA J 158 28.03 22.39 -37.62
CA ALA J 158 26.81 21.58 -37.74
C ALA J 158 26.63 20.56 -36.62
N VAL J 159 25.37 20.37 -36.22
CA VAL J 159 25.05 19.33 -35.26
C VAL J 159 23.65 18.76 -35.56
N LYS J 160 23.58 17.44 -35.56
CA LYS J 160 22.34 16.73 -35.86
C LYS J 160 21.57 16.44 -34.56
N PHE J 161 20.25 16.58 -34.63
CA PHE J 161 19.36 16.24 -33.51
C PHE J 161 18.34 15.20 -33.99
N GLY J 162 18.24 14.10 -33.26
CA GLY J 162 17.25 13.06 -33.54
C GLY J 162 17.02 12.12 -32.36
N SER J 163 16.06 11.21 -32.50
CA SER J 163 15.89 10.16 -31.53
C SER J 163 17.19 9.36 -31.46
N TRP J 164 17.63 9.06 -30.24
CA TRP J 164 18.74 8.16 -30.05
C TRP J 164 18.37 6.71 -30.39
N VAL J 165 17.16 6.29 -30.00
CA VAL J 165 16.82 4.85 -30.06
C VAL J 165 15.72 4.45 -31.05
N TYR J 166 14.93 5.42 -31.55
CA TYR J 166 13.85 5.08 -32.47
C TYR J 166 14.17 5.42 -33.93
N SER J 167 13.96 4.44 -34.80
CA SER J 167 14.15 4.60 -36.23
C SER J 167 13.03 5.45 -36.86
N GLY J 168 13.18 5.71 -38.15
CA GLY J 168 12.18 6.42 -38.94
C GLY J 168 10.82 5.74 -38.97
N PHE J 169 10.78 4.42 -38.73
CA PHE J 169 9.52 3.69 -38.70
C PHE J 169 8.73 3.86 -37.40
N GLU J 170 9.34 4.47 -36.38
CA GLU J 170 8.65 4.78 -35.11
C GLU J 170 8.59 6.29 -34.82
N ILE J 171 9.70 7.00 -35.05
CA ILE J 171 9.74 8.47 -34.95
C ILE J 171 10.28 9.10 -36.24
N ASP J 172 9.43 9.90 -36.87
CA ASP J 172 9.81 10.78 -37.97
C ASP J 172 9.88 12.21 -37.43
N LEU J 173 10.62 13.05 -38.12
CA LEU J 173 10.78 14.46 -37.75
C LEU J 173 10.38 15.33 -38.92
N LYS J 174 9.90 16.54 -38.62
CA LYS J 174 9.80 17.58 -39.61
C LYS J 174 10.04 18.95 -38.98
N THR J 175 10.28 19.94 -39.84
CA THR J 175 10.37 21.32 -39.42
C THR J 175 9.22 22.07 -40.09
N ASP J 176 8.78 23.17 -39.48
CA ASP J 176 7.82 24.08 -40.14
C ASP J 176 8.53 25.03 -41.08
N THR J 177 9.81 25.28 -40.84
CA THR J 177 10.60 26.14 -41.69
C THR J 177 12.03 25.62 -41.64
N ASP J 178 12.79 25.89 -42.68
CA ASP J 178 14.21 25.57 -42.68
C ASP J 178 15.06 26.69 -42.10
N GLN J 179 14.42 27.81 -41.75
CA GLN J 179 15.07 28.96 -41.15
C GLN J 179 15.00 28.91 -39.61
N VAL J 180 16.17 28.82 -38.98
CA VAL J 180 16.31 28.95 -37.52
C VAL J 180 15.83 30.35 -37.13
N ASP J 181 15.12 30.44 -36.02
CA ASP J 181 14.61 31.71 -35.53
C ASP J 181 15.75 32.46 -34.81
N LEU J 182 16.14 33.58 -35.41
CA LEU J 182 17.21 34.44 -34.92
C LEU J 182 16.70 35.73 -34.28
N SER J 183 15.40 35.81 -34.00
CA SER J 183 14.82 37.05 -33.51
C SER J 183 15.05 37.31 -32.02
N SER J 184 15.56 36.32 -31.27
CA SER J 184 16.01 36.52 -29.89
C SER J 184 17.53 36.40 -29.77
N TYR J 185 18.26 36.48 -30.89
CA TYR J 185 19.70 36.32 -30.82
C TYR J 185 20.32 37.51 -30.08
N TYR J 186 21.15 37.22 -29.08
CA TYR J 186 21.83 38.25 -28.30
C TYR J 186 22.66 39.21 -29.18
N ALA J 187 22.22 40.46 -29.23
CA ALA J 187 22.79 41.48 -30.09
C ALA J 187 24.25 41.82 -29.75
N SER J 188 24.66 41.65 -28.49
CA SER J 188 26.06 41.91 -28.08
C SER J 188 26.89 40.64 -27.87
N SER J 189 26.48 39.53 -28.49
CA SER J 189 27.32 38.34 -28.51
C SER J 189 28.68 38.65 -29.14
N LYS J 190 29.67 37.84 -28.81
CA LYS J 190 30.98 37.93 -29.46
C LYS J 190 30.88 37.49 -30.90
N TYR J 191 29.87 36.69 -31.23
CA TYR J 191 29.72 36.14 -32.57
C TYR J 191 28.42 36.60 -33.20
N GLU J 192 28.51 37.09 -34.44
CA GLU J 192 27.32 37.39 -35.22
C GLU J 192 27.03 36.22 -36.16
N ILE J 193 25.74 36.01 -36.41
CA ILE J 193 25.28 34.90 -37.20
C ILE J 193 25.14 35.36 -38.64
N LEU J 194 25.74 34.61 -39.56
CA LEU J 194 25.57 34.86 -41.00
C LEU J 194 24.40 34.07 -41.57
N SER J 195 24.28 32.82 -41.18
CA SER J 195 23.08 32.04 -41.50
C SER J 195 22.91 30.90 -40.51
N ALA J 196 21.68 30.42 -40.44
CA ALA J 196 21.34 29.35 -39.50
C ALA J 196 20.15 28.60 -40.05
N THR J 197 20.38 27.34 -40.43
CA THR J 197 19.34 26.50 -41.00
C THR J 197 19.09 25.22 -40.20
N GLN J 198 17.92 24.65 -40.41
CA GLN J 198 17.50 23.43 -39.75
C GLN J 198 16.82 22.54 -40.77
N THR J 199 17.43 21.41 -41.10
CA THR J 199 17.02 20.64 -42.26
C THR J 199 16.91 19.15 -41.92
N ARG J 200 15.77 18.54 -42.27
CA ARG J 200 15.57 17.12 -42.10
C ARG J 200 16.55 16.29 -42.95
N GLN J 201 17.12 15.23 -42.37
CA GLN J 201 17.97 14.26 -43.08
C GLN J 201 17.66 12.82 -42.64
N VAL J 202 18.17 11.87 -43.42
CA VAL J 202 18.04 10.43 -43.14
C VAL J 202 19.43 9.84 -43.02
N GLN J 203 19.72 9.15 -41.92
CA GLN J 203 21.03 8.53 -41.66
C GLN J 203 20.90 7.04 -41.63
N HIS J 204 22.01 6.36 -41.93
CA HIS J 204 22.06 4.88 -41.92
C HIS J 204 23.36 4.53 -41.17
N TYR J 205 23.31 3.53 -40.28
CA TYR J 205 24.44 3.21 -39.43
C TYR J 205 24.81 1.73 -39.56
N SER J 206 26.10 1.41 -39.45
CA SER J 206 26.61 0.02 -39.48
C SER J 206 25.89 -0.91 -38.51
N CYS J 207 25.61 -0.44 -37.30
CA CYS J 207 24.99 -1.26 -36.26
C CYS J 207 23.58 -1.76 -36.59
N CYS J 208 22.85 -1.07 -37.46
CA CYS J 208 21.37 -1.05 -37.37
C CYS J 208 20.76 -1.02 -38.77
N PRO J 209 19.74 -1.87 -39.04
CA PRO J 209 19.28 -1.98 -40.44
C PRO J 209 18.40 -0.82 -40.95
N GLU J 210 17.66 -0.13 -40.02
CA GLU J 210 16.70 0.88 -40.39
C GLU J 210 17.28 2.30 -40.47
N PRO J 211 16.59 3.21 -41.19
CA PRO J 211 17.00 4.62 -41.20
C PRO J 211 16.62 5.37 -39.93
N TYR J 212 17.45 6.32 -39.51
CA TYR J 212 17.17 7.21 -38.38
C TYR J 212 17.06 8.63 -38.89
N ILE J 213 16.10 9.38 -38.36
CA ILE J 213 15.83 10.72 -38.87
C ILE J 213 16.50 11.74 -37.95
N ASP J 214 17.06 12.80 -38.54
CA ASP J 214 17.56 13.93 -37.77
C ASP J 214 17.21 15.26 -38.39
N VAL J 215 17.31 16.31 -37.57
CA VAL J 215 17.32 17.68 -38.08
C VAL J 215 18.73 18.23 -37.86
N ASN J 216 19.32 18.69 -38.93
CA ASN J 216 20.71 19.15 -38.93
C ASN J 216 20.70 20.66 -38.82
N LEU J 217 21.22 21.13 -37.68
CA LEU J 217 21.37 22.55 -37.37
C LEU J 217 22.72 23.00 -37.93
N VAL J 218 22.67 23.84 -38.97
CA VAL J 218 23.89 24.38 -39.61
C VAL J 218 23.99 25.86 -39.30
N VAL J 219 25.09 26.26 -38.66
CA VAL J 219 25.27 27.65 -38.24
C VAL J 219 26.58 28.18 -38.80
N LYS J 220 26.48 29.31 -39.47
CA LYS J 220 27.61 29.98 -40.03
C LYS J 220 27.77 31.30 -39.28
N PHE J 221 28.96 31.55 -38.75
CA PHE J 221 29.16 32.68 -37.86
C PHE J 221 30.59 33.23 -37.89
N ARG J 222 30.76 34.43 -37.32
CA ARG J 222 32.06 35.06 -37.20
C ARG J 222 32.09 36.03 -36.04
N GLU J 223 33.30 36.46 -35.67
CA GLU J 223 33.45 37.48 -34.62
C GLU J 223 32.81 38.81 -35.00
N ARG J 224 32.15 39.49 -34.06
CA ARG J 224 31.43 40.75 -34.31
C ARG J 224 32.32 41.97 -34.26
#